data_9F9U
# 
_entry.id   9F9U 
# 
_audit_conform.dict_name       mmcif_pdbx.dic 
_audit_conform.dict_version    5.400 
_audit_conform.dict_location   http://mmcif.pdb.org/dictionaries/ascii/mmcif_pdbx.dic 
# 
loop_
_database_2.database_id 
_database_2.database_code 
_database_2.pdbx_database_accession 
_database_2.pdbx_DOI 
PDB   9F9U         pdb_00009f9u 10.2210/pdb9f9u/pdb 
WWPDB D_1292138366 ?            ?                   
# 
loop_
_pdbx_audit_revision_history.ordinal 
_pdbx_audit_revision_history.data_content_type 
_pdbx_audit_revision_history.major_revision 
_pdbx_audit_revision_history.minor_revision 
_pdbx_audit_revision_history.revision_date 
1 'Structure model' 1 0 2024-10-02 
2 'Structure model' 1 1 2024-11-20 
3 'Structure model' 1 2 2025-01-15 
# 
_pdbx_audit_revision_details.ordinal             1 
_pdbx_audit_revision_details.revision_ordinal    1 
_pdbx_audit_revision_details.data_content_type   'Structure model' 
_pdbx_audit_revision_details.provider            repository 
_pdbx_audit_revision_details.type                'Initial release' 
_pdbx_audit_revision_details.description         ? 
_pdbx_audit_revision_details.details             ? 
# 
loop_
_pdbx_audit_revision_group.ordinal 
_pdbx_audit_revision_group.revision_ordinal 
_pdbx_audit_revision_group.data_content_type 
_pdbx_audit_revision_group.group 
1 2 'Structure model' 'Database references' 
2 2 'Structure model' 'Structure summary'   
3 3 'Structure model' 'Database references' 
# 
loop_
_pdbx_audit_revision_category.ordinal 
_pdbx_audit_revision_category.revision_ordinal 
_pdbx_audit_revision_category.data_content_type 
_pdbx_audit_revision_category.category 
1 2 'Structure model' citation           
2 2 'Structure model' citation_author    
3 2 'Structure model' pdbx_entry_details 
4 3 'Structure model' citation           
# 
loop_
_pdbx_audit_revision_item.ordinal 
_pdbx_audit_revision_item.revision_ordinal 
_pdbx_audit_revision_item.data_content_type 
_pdbx_audit_revision_item.item 
1 2 'Structure model' '_citation.pdbx_database_id_DOI'               
2 2 'Structure model' '_citation.pdbx_database_id_PubMed'            
3 2 'Structure model' '_citation.title'                              
4 2 'Structure model' '_citation_author.identifier_ORCID'            
5 2 'Structure model' '_citation_author.name'                        
6 2 'Structure model' '_pdbx_entry_details.has_protein_modification' 
7 3 'Structure model' '_citation.journal_volume'                     
8 3 'Structure model' '_citation.page_first'                         
9 3 'Structure model' '_citation.year'                               
# 
_pdbx_database_status.status_code                     REL 
_pdbx_database_status.status_code_sf                  REL 
_pdbx_database_status.status_code_mr                  ? 
_pdbx_database_status.entry_id                        9F9U 
_pdbx_database_status.recvd_initial_deposition_date   2024-05-08 
_pdbx_database_status.SG_entry                        N 
_pdbx_database_status.deposit_site                    PDBE 
_pdbx_database_status.process_site                    PDBE 
_pdbx_database_status.status_code_cs                  ? 
_pdbx_database_status.status_code_nmr_data            ? 
_pdbx_database_status.methods_development_category    ? 
_pdbx_database_status.pdb_format_compatible           Y 
# 
_pdbx_contact_author.id                 2 
_pdbx_contact_author.email              f.werner@ucl.ac.uk 
_pdbx_contact_author.name_first         Finn 
_pdbx_contact_author.name_last          Werner 
_pdbx_contact_author.name_mi            ? 
_pdbx_contact_author.role               'principal investigator/group leader' 
_pdbx_contact_author.identifier_ORCID   0000-0002-3930-3821 
# 
loop_
_audit_author.name 
_audit_author.pdbx_ordinal 
_audit_author.identifier_ORCID 
'Pilottto, S.' 1 0000-0002-3251-7376 
'Phung, D.K.'  2 0009-0000-2672-550X 
'Werner, F.'   3 0000-0002-3930-3821 
# 
_citation.abstract                  ? 
_citation.abstract_id_CAS           ? 
_citation.book_id_ISBN              ? 
_citation.book_publisher            ? 
_citation.book_publisher_city       ? 
_citation.book_title                ? 
_citation.coordinate_linkage        ? 
_citation.country                   UK 
_citation.database_id_Medline       ? 
_citation.details                   ? 
_citation.id                        primary 
_citation.journal_abbrev            Structure 
_citation.journal_id_ASTM           STRUE6 
_citation.journal_id_CSD            2005 
_citation.journal_id_ISSN           0969-2126 
_citation.journal_full              ? 
_citation.journal_issue             ? 
_citation.journal_volume            33 
_citation.language                  ? 
_citation.page_first                149 
_citation.page_last                 ? 
_citation.title                     'Archaeal NusA2 is the ancestor of ribosomal protein eS7 in eukaryotes.' 
_citation.year                      2025 
_citation.database_id_CSD           ? 
_citation.pdbx_database_id_DOI      10.1016/j.str.2024.10.019 
_citation.pdbx_database_id_PubMed   39504966 
_citation.pdbx_database_id_patent   ? 
_citation.unpublished_flag          ? 
# 
loop_
_citation_author.citation_id 
_citation_author.name 
_citation_author.ordinal 
_citation_author.identifier_ORCID 
primary 'Phung, D.K.'    1 ? 
primary 'Pilotto, S.'    2 ? 
primary 'Matelska, D.'   3 ? 
primary 'Blombach, F.'   4 ? 
primary 'Pinotsis, N.'   5 ? 
primary 'Hovan, L.'      6 ? 
primary 'Gervasio, F.L.' 7 ? 
primary 'Werner, F.'     8 ? 
# 
loop_
_entity.id 
_entity.type 
_entity.src_method 
_entity.pdbx_description 
_entity.formula_weight 
_entity.pdbx_number_of_molecules 
_entity.pdbx_ec 
_entity.pdbx_mutation 
_entity.pdbx_fragment 
_entity.details 
1 polymer     man 'Transcription elongation factor NusA' 19566.984 1   ? ? ? ? 
2 non-polymer syn 'ZINC ION'                             65.409    1   ? ? ? ? 
3 water       nat water                                  18.015    141 ? ? ? ? 
# 
_entity_poly.entity_id                      1 
_entity_poly.type                           'polypeptide(L)' 
_entity_poly.nstd_linkage                   no 
_entity_poly.nstd_monomer                   no 
_entity_poly.pdbx_seq_one_letter_code       
;MKMKIPLDYVCVRSGLLCNRCQSLIDSGEVFEYEVEIIKILLDLEETQFKELKDSTYHKAYKVDDLLILLVTSGQEMTQQ
KWIKIARILQEKLNIKVRVLEKTNSIKNSAVQLLSPARVLGVNTVWMPDGSVQYVIRVSRSERRLLPAEAQLLESALTKI
HSTPVRIRVE
;
_entity_poly.pdbx_seq_one_letter_code_can   
;MKMKIPLDYVCVRSGLLCNRCQSLIDSGEVFEYEVEIIKILLDLEETQFKELKDSTYHKAYKVDDLLILLVTSGQEMTQQ
KWIKIARILQEKLNIKVRVLEKTNSIKNSAVQLLSPARVLGVNTVWMPDGSVQYVIRVSRSERRLLPAEAQLLESALTKI
HSTPVRIRVE
;
_entity_poly.pdbx_strand_id                 A 
_entity_poly.pdbx_target_identifier         ? 
# 
loop_
_pdbx_entity_nonpoly.entity_id 
_pdbx_entity_nonpoly.name 
_pdbx_entity_nonpoly.comp_id 
2 'ZINC ION' ZN  
3 water      HOH 
# 
loop_
_entity_poly_seq.entity_id 
_entity_poly_seq.num 
_entity_poly_seq.mon_id 
_entity_poly_seq.hetero 
1 1   MET n 
1 2   LYS n 
1 3   MET n 
1 4   LYS n 
1 5   ILE n 
1 6   PRO n 
1 7   LEU n 
1 8   ASP n 
1 9   TYR n 
1 10  VAL n 
1 11  CYS n 
1 12  VAL n 
1 13  ARG n 
1 14  SER n 
1 15  GLY n 
1 16  LEU n 
1 17  LEU n 
1 18  CYS n 
1 19  ASN n 
1 20  ARG n 
1 21  CYS n 
1 22  GLN n 
1 23  SER n 
1 24  LEU n 
1 25  ILE n 
1 26  ASP n 
1 27  SER n 
1 28  GLY n 
1 29  GLU n 
1 30  VAL n 
1 31  PHE n 
1 32  GLU n 
1 33  TYR n 
1 34  GLU n 
1 35  VAL n 
1 36  GLU n 
1 37  ILE n 
1 38  ILE n 
1 39  LYS n 
1 40  ILE n 
1 41  LEU n 
1 42  LEU n 
1 43  ASP n 
1 44  LEU n 
1 45  GLU n 
1 46  GLU n 
1 47  THR n 
1 48  GLN n 
1 49  PHE n 
1 50  LYS n 
1 51  GLU n 
1 52  LEU n 
1 53  LYS n 
1 54  ASP n 
1 55  SER n 
1 56  THR n 
1 57  TYR n 
1 58  HIS n 
1 59  LYS n 
1 60  ALA n 
1 61  TYR n 
1 62  LYS n 
1 63  VAL n 
1 64  ASP n 
1 65  ASP n 
1 66  LEU n 
1 67  LEU n 
1 68  ILE n 
1 69  LEU n 
1 70  LEU n 
1 71  VAL n 
1 72  THR n 
1 73  SER n 
1 74  GLY n 
1 75  GLN n 
1 76  GLU n 
1 77  MET n 
1 78  THR n 
1 79  GLN n 
1 80  GLN n 
1 81  LYS n 
1 82  TRP n 
1 83  ILE n 
1 84  LYS n 
1 85  ILE n 
1 86  ALA n 
1 87  ARG n 
1 88  ILE n 
1 89  LEU n 
1 90  GLN n 
1 91  GLU n 
1 92  LYS n 
1 93  LEU n 
1 94  ASN n 
1 95  ILE n 
1 96  LYS n 
1 97  VAL n 
1 98  ARG n 
1 99  VAL n 
1 100 LEU n 
1 101 GLU n 
1 102 LYS n 
1 103 THR n 
1 104 ASN n 
1 105 SER n 
1 106 ILE n 
1 107 LYS n 
1 108 ASN n 
1 109 SER n 
1 110 ALA n 
1 111 VAL n 
1 112 GLN n 
1 113 LEU n 
1 114 LEU n 
1 115 SER n 
1 116 PRO n 
1 117 ALA n 
1 118 ARG n 
1 119 VAL n 
1 120 LEU n 
1 121 GLY n 
1 122 VAL n 
1 123 ASN n 
1 124 THR n 
1 125 VAL n 
1 126 TRP n 
1 127 MET n 
1 128 PRO n 
1 129 ASP n 
1 130 GLY n 
1 131 SER n 
1 132 VAL n 
1 133 GLN n 
1 134 TYR n 
1 135 VAL n 
1 136 ILE n 
1 137 ARG n 
1 138 VAL n 
1 139 SER n 
1 140 ARG n 
1 141 SER n 
1 142 GLU n 
1 143 ARG n 
1 144 ARG n 
1 145 LEU n 
1 146 LEU n 
1 147 PRO n 
1 148 ALA n 
1 149 GLU n 
1 150 ALA n 
1 151 GLN n 
1 152 LEU n 
1 153 LEU n 
1 154 GLU n 
1 155 SER n 
1 156 ALA n 
1 157 LEU n 
1 158 THR n 
1 159 LYS n 
1 160 ILE n 
1 161 HIS n 
1 162 SER n 
1 163 THR n 
1 164 PRO n 
1 165 VAL n 
1 166 ARG n 
1 167 ILE n 
1 168 ARG n 
1 169 VAL n 
1 170 GLU n 
# 
_entity_src_gen.entity_id                          1 
_entity_src_gen.pdbx_src_id                        1 
_entity_src_gen.pdbx_alt_source_flag               sample 
_entity_src_gen.pdbx_seq_type                      'Biological sequence' 
_entity_src_gen.pdbx_beg_seq_num                   1 
_entity_src_gen.pdbx_end_seq_num                   170 
_entity_src_gen.gene_src_common_name               ? 
_entity_src_gen.gene_src_genus                     ? 
_entity_src_gen.pdbx_gene_src_gene                 SSO0172 
_entity_src_gen.gene_src_species                   ? 
_entity_src_gen.gene_src_strain                    P2 
_entity_src_gen.gene_src_tissue                    ? 
_entity_src_gen.gene_src_tissue_fraction           ? 
_entity_src_gen.gene_src_details                   ? 
_entity_src_gen.pdbx_gene_src_fragment             ? 
_entity_src_gen.pdbx_gene_src_scientific_name      'Saccharolobus solfataricus P2' 
_entity_src_gen.pdbx_gene_src_ncbi_taxonomy_id     273057 
_entity_src_gen.pdbx_gene_src_variant              ? 
_entity_src_gen.pdbx_gene_src_cell_line            ? 
_entity_src_gen.pdbx_gene_src_atcc                 35092 
_entity_src_gen.pdbx_gene_src_organ                ? 
_entity_src_gen.pdbx_gene_src_organelle            ? 
_entity_src_gen.pdbx_gene_src_cell                 ? 
_entity_src_gen.pdbx_gene_src_cellular_location    ? 
_entity_src_gen.host_org_common_name               ? 
_entity_src_gen.pdbx_host_org_scientific_name      'Escherichia coli BL21(DE3)' 
_entity_src_gen.pdbx_host_org_ncbi_taxonomy_id     469008 
_entity_src_gen.host_org_genus                     ? 
_entity_src_gen.pdbx_host_org_gene                 ? 
_entity_src_gen.pdbx_host_org_organ                ? 
_entity_src_gen.host_org_species                   ? 
_entity_src_gen.pdbx_host_org_tissue               ? 
_entity_src_gen.pdbx_host_org_tissue_fraction      ? 
_entity_src_gen.pdbx_host_org_strain               ? 
_entity_src_gen.pdbx_host_org_variant              pLysS 
_entity_src_gen.pdbx_host_org_cell_line            ? 
_entity_src_gen.pdbx_host_org_atcc                 ? 
_entity_src_gen.pdbx_host_org_culture_collection   ? 
_entity_src_gen.pdbx_host_org_cell                 ? 
_entity_src_gen.pdbx_host_org_organelle            ? 
_entity_src_gen.pdbx_host_org_cellular_location    ? 
_entity_src_gen.pdbx_host_org_vector_type          plasmid 
_entity_src_gen.pdbx_host_org_vector               ? 
_entity_src_gen.host_org_details                   ? 
_entity_src_gen.expression_system_id               ? 
_entity_src_gen.plasmid_name                       pET21a 
_entity_src_gen.plasmid_details                    ? 
_entity_src_gen.pdbx_description                   ? 
# 
loop_
_chem_comp.id 
_chem_comp.type 
_chem_comp.mon_nstd_flag 
_chem_comp.name 
_chem_comp.pdbx_synonyms 
_chem_comp.formula 
_chem_comp.formula_weight 
ALA 'L-peptide linking' y ALANINE         ? 'C3 H7 N O2'     89.093  
ARG 'L-peptide linking' y ARGININE        ? 'C6 H15 N4 O2 1' 175.209 
ASN 'L-peptide linking' y ASPARAGINE      ? 'C4 H8 N2 O3'    132.118 
ASP 'L-peptide linking' y 'ASPARTIC ACID' ? 'C4 H7 N O4'     133.103 
CYS 'L-peptide linking' y CYSTEINE        ? 'C3 H7 N O2 S'   121.158 
GLN 'L-peptide linking' y GLUTAMINE       ? 'C5 H10 N2 O3'   146.144 
GLU 'L-peptide linking' y 'GLUTAMIC ACID' ? 'C5 H9 N O4'     147.129 
GLY 'peptide linking'   y GLYCINE         ? 'C2 H5 N O2'     75.067  
HIS 'L-peptide linking' y HISTIDINE       ? 'C6 H10 N3 O2 1' 156.162 
HOH non-polymer         . WATER           ? 'H2 O'           18.015  
ILE 'L-peptide linking' y ISOLEUCINE      ? 'C6 H13 N O2'    131.173 
LEU 'L-peptide linking' y LEUCINE         ? 'C6 H13 N O2'    131.173 
LYS 'L-peptide linking' y LYSINE          ? 'C6 H15 N2 O2 1' 147.195 
MET 'L-peptide linking' y METHIONINE      ? 'C5 H11 N O2 S'  149.211 
PHE 'L-peptide linking' y PHENYLALANINE   ? 'C9 H11 N O2'    165.189 
PRO 'L-peptide linking' y PROLINE         ? 'C5 H9 N O2'     115.130 
SER 'L-peptide linking' y SERINE          ? 'C3 H7 N O3'     105.093 
THR 'L-peptide linking' y THREONINE       ? 'C4 H9 N O3'     119.119 
TRP 'L-peptide linking' y TRYPTOPHAN      ? 'C11 H12 N2 O2'  204.225 
TYR 'L-peptide linking' y TYROSINE        ? 'C9 H11 N O3'    181.189 
VAL 'L-peptide linking' y VALINE          ? 'C5 H11 N O2'    117.146 
ZN  non-polymer         . 'ZINC ION'      ? 'Zn 2'           65.409  
# 
loop_
_pdbx_poly_seq_scheme.asym_id 
_pdbx_poly_seq_scheme.entity_id 
_pdbx_poly_seq_scheme.seq_id 
_pdbx_poly_seq_scheme.mon_id 
_pdbx_poly_seq_scheme.ndb_seq_num 
_pdbx_poly_seq_scheme.pdb_seq_num 
_pdbx_poly_seq_scheme.auth_seq_num 
_pdbx_poly_seq_scheme.pdb_mon_id 
_pdbx_poly_seq_scheme.auth_mon_id 
_pdbx_poly_seq_scheme.pdb_strand_id 
_pdbx_poly_seq_scheme.pdb_ins_code 
_pdbx_poly_seq_scheme.hetero 
A 1 1   MET 1   1   1   MET MET A . n 
A 1 2   LYS 2   2   2   LYS LYS A . n 
A 1 3   MET 3   3   3   MET MET A . n 
A 1 4   LYS 4   4   4   LYS LYS A . n 
A 1 5   ILE 5   5   5   ILE ILE A . n 
A 1 6   PRO 6   6   6   PRO PRO A . n 
A 1 7   LEU 7   7   7   LEU LEU A . n 
A 1 8   ASP 8   8   8   ASP ASP A . n 
A 1 9   TYR 9   9   9   TYR TYR A . n 
A 1 10  VAL 10  10  10  VAL VAL A . n 
A 1 11  CYS 11  11  11  CYS CYS A . n 
A 1 12  VAL 12  12  12  VAL VAL A . n 
A 1 13  ARG 13  13  13  ARG ARG A . n 
A 1 14  SER 14  14  14  SER SER A . n 
A 1 15  GLY 15  15  15  GLY GLY A . n 
A 1 16  LEU 16  16  16  LEU LEU A . n 
A 1 17  LEU 17  17  17  LEU LEU A . n 
A 1 18  CYS 18  18  18  CYS CYS A . n 
A 1 19  ASN 19  19  19  ASN ASN A . n 
A 1 20  ARG 20  20  20  ARG ARG A . n 
A 1 21  CYS 21  21  21  CYS CYS A . n 
A 1 22  GLN 22  22  22  GLN GLN A . n 
A 1 23  SER 23  23  23  SER SER A . n 
A 1 24  LEU 24  24  24  LEU LEU A . n 
A 1 25  ILE 25  25  25  ILE ILE A . n 
A 1 26  ASP 26  26  26  ASP ASP A . n 
A 1 27  SER 27  27  27  SER SER A . n 
A 1 28  GLY 28  28  28  GLY GLY A . n 
A 1 29  GLU 29  29  29  GLU GLU A . n 
A 1 30  VAL 30  30  30  VAL VAL A . n 
A 1 31  PHE 31  31  31  PHE PHE A . n 
A 1 32  GLU 32  32  32  GLU GLU A . n 
A 1 33  TYR 33  33  33  TYR TYR A . n 
A 1 34  GLU 34  34  34  GLU GLU A . n 
A 1 35  VAL 35  35  35  VAL VAL A . n 
A 1 36  GLU 36  36  36  GLU GLU A . n 
A 1 37  ILE 37  37  37  ILE ILE A . n 
A 1 38  ILE 38  38  38  ILE ILE A . n 
A 1 39  LYS 39  39  39  LYS LYS A . n 
A 1 40  ILE 40  40  40  ILE ILE A . n 
A 1 41  LEU 41  41  41  LEU LEU A . n 
A 1 42  LEU 42  42  42  LEU LEU A . n 
A 1 43  ASP 43  43  43  ASP ASP A . n 
A 1 44  LEU 44  44  44  LEU LEU A . n 
A 1 45  GLU 45  45  45  GLU GLU A . n 
A 1 46  GLU 46  46  46  GLU GLU A . n 
A 1 47  THR 47  47  47  THR THR A . n 
A 1 48  GLN 48  48  48  GLN GLN A . n 
A 1 49  PHE 49  49  49  PHE PHE A . n 
A 1 50  LYS 50  50  50  LYS LYS A . n 
A 1 51  GLU 51  51  51  GLU GLU A . n 
A 1 52  LEU 52  52  52  LEU LEU A . n 
A 1 53  LYS 53  53  53  LYS LYS A . n 
A 1 54  ASP 54  54  54  ASP ASP A . n 
A 1 55  SER 55  55  55  SER SER A . n 
A 1 56  THR 56  56  56  THR THR A . n 
A 1 57  TYR 57  57  57  TYR TYR A . n 
A 1 58  HIS 58  58  58  HIS HIS A . n 
A 1 59  LYS 59  59  59  LYS LYS A . n 
A 1 60  ALA 60  60  60  ALA ALA A . n 
A 1 61  TYR 61  61  61  TYR TYR A . n 
A 1 62  LYS 62  62  62  LYS LYS A . n 
A 1 63  VAL 63  63  63  VAL VAL A . n 
A 1 64  ASP 64  64  64  ASP ASP A . n 
A 1 65  ASP 65  65  65  ASP ASP A . n 
A 1 66  LEU 66  66  66  LEU LEU A . n 
A 1 67  LEU 67  67  67  LEU LEU A . n 
A 1 68  ILE 68  68  68  ILE ILE A . n 
A 1 69  LEU 69  69  69  LEU LEU A . n 
A 1 70  LEU 70  70  70  LEU LEU A . n 
A 1 71  VAL 71  71  71  VAL VAL A . n 
A 1 72  THR 72  72  72  THR THR A . n 
A 1 73  SER 73  73  73  SER SER A . n 
A 1 74  GLY 74  74  74  GLY GLY A . n 
A 1 75  GLN 75  75  75  GLN GLN A . n 
A 1 76  GLU 76  76  76  GLU GLU A . n 
A 1 77  MET 77  77  77  MET MET A . n 
A 1 78  THR 78  78  78  THR THR A . n 
A 1 79  GLN 79  79  79  GLN GLN A . n 
A 1 80  GLN 80  80  80  GLN GLN A . n 
A 1 81  LYS 81  81  81  LYS LYS A . n 
A 1 82  TRP 82  82  82  TRP TRP A . n 
A 1 83  ILE 83  83  83  ILE ILE A . n 
A 1 84  LYS 84  84  84  LYS LYS A . n 
A 1 85  ILE 85  85  85  ILE ILE A . n 
A 1 86  ALA 86  86  86  ALA ALA A . n 
A 1 87  ARG 87  87  87  ARG ARG A . n 
A 1 88  ILE 88  88  88  ILE ILE A . n 
A 1 89  LEU 89  89  89  LEU LEU A . n 
A 1 90  GLN 90  90  90  GLN GLN A . n 
A 1 91  GLU 91  91  91  GLU GLU A . n 
A 1 92  LYS 92  92  92  LYS LYS A . n 
A 1 93  LEU 93  93  93  LEU LEU A . n 
A 1 94  ASN 94  94  94  ASN ASN A . n 
A 1 95  ILE 95  95  95  ILE ILE A . n 
A 1 96  LYS 96  96  96  LYS LYS A . n 
A 1 97  VAL 97  97  97  VAL VAL A . n 
A 1 98  ARG 98  98  98  ARG ARG A . n 
A 1 99  VAL 99  99  99  VAL VAL A . n 
A 1 100 LEU 100 100 100 LEU LEU A . n 
A 1 101 GLU 101 101 101 GLU GLU A . n 
A 1 102 LYS 102 102 102 LYS LYS A . n 
A 1 103 THR 103 103 103 THR THR A . n 
A 1 104 ASN 104 104 104 ASN ASN A . n 
A 1 105 SER 105 105 105 SER SER A . n 
A 1 106 ILE 106 106 106 ILE ILE A . n 
A 1 107 LYS 107 107 107 LYS LYS A . n 
A 1 108 ASN 108 108 108 ASN ASN A . n 
A 1 109 SER 109 109 109 SER SER A . n 
A 1 110 ALA 110 110 110 ALA ALA A . n 
A 1 111 VAL 111 111 111 VAL VAL A . n 
A 1 112 GLN 112 112 112 GLN GLN A . n 
A 1 113 LEU 113 113 113 LEU LEU A . n 
A 1 114 LEU 114 114 114 LEU LEU A . n 
A 1 115 SER 115 115 115 SER SER A . n 
A 1 116 PRO 116 116 116 PRO PRO A . n 
A 1 117 ALA 117 117 117 ALA ALA A . n 
A 1 118 ARG 118 118 118 ARG ARG A . n 
A 1 119 VAL 119 119 119 VAL VAL A . n 
A 1 120 LEU 120 120 120 LEU LEU A . n 
A 1 121 GLY 121 121 121 GLY GLY A . n 
A 1 122 VAL 122 122 122 VAL VAL A . n 
A 1 123 ASN 123 123 123 ASN ASN A . n 
A 1 124 THR 124 124 124 THR THR A . n 
A 1 125 VAL 125 125 125 VAL VAL A . n 
A 1 126 TRP 126 126 126 TRP TRP A . n 
A 1 127 MET 127 127 127 MET MET A . n 
A 1 128 PRO 128 128 128 PRO PRO A . n 
A 1 129 ASP 129 129 129 ASP ASP A . n 
A 1 130 GLY 130 130 130 GLY GLY A . n 
A 1 131 SER 131 131 131 SER SER A . n 
A 1 132 VAL 132 132 132 VAL VAL A . n 
A 1 133 GLN 133 133 133 GLN GLN A . n 
A 1 134 TYR 134 134 134 TYR TYR A . n 
A 1 135 VAL 135 135 135 VAL VAL A . n 
A 1 136 ILE 136 136 136 ILE ILE A . n 
A 1 137 ARG 137 137 137 ARG ARG A . n 
A 1 138 VAL 138 138 138 VAL VAL A . n 
A 1 139 SER 139 139 139 SER SER A . n 
A 1 140 ARG 140 140 140 ARG ARG A . n 
A 1 141 SER 141 141 141 SER SER A . n 
A 1 142 GLU 142 142 142 GLU GLU A . n 
A 1 143 ARG 143 143 143 ARG ARG A . n 
A 1 144 ARG 144 144 144 ARG ARG A . n 
A 1 145 LEU 145 145 145 LEU LEU A . n 
A 1 146 LEU 146 146 146 LEU LEU A . n 
A 1 147 PRO 147 147 147 PRO PRO A . n 
A 1 148 ALA 148 148 148 ALA ALA A . n 
A 1 149 GLU 149 149 149 GLU GLU A . n 
A 1 150 ALA 150 150 150 ALA ALA A . n 
A 1 151 GLN 151 151 151 GLN GLN A . n 
A 1 152 LEU 152 152 152 LEU LEU A . n 
A 1 153 LEU 153 153 153 LEU LEU A . n 
A 1 154 GLU 154 154 154 GLU GLU A . n 
A 1 155 SER 155 155 155 SER SER A . n 
A 1 156 ALA 156 156 156 ALA ALA A . n 
A 1 157 LEU 157 157 157 LEU LEU A . n 
A 1 158 THR 158 158 158 THR THR A . n 
A 1 159 LYS 159 159 159 LYS LYS A . n 
A 1 160 ILE 160 160 160 ILE ILE A . n 
A 1 161 HIS 161 161 161 HIS HIS A . n 
A 1 162 SER 162 162 162 SER SER A . n 
A 1 163 THR 163 163 163 THR THR A . n 
A 1 164 PRO 164 164 164 PRO PRO A . n 
A 1 165 VAL 165 165 165 VAL VAL A . n 
A 1 166 ARG 166 166 166 ARG ARG A . n 
A 1 167 ILE 167 167 167 ILE ILE A . n 
A 1 168 ARG 168 168 168 ARG ARG A . n 
A 1 169 VAL 169 169 169 VAL VAL A . n 
A 1 170 GLU 170 170 170 GLU GLU A . n 
# 
loop_
_pdbx_nonpoly_scheme.asym_id 
_pdbx_nonpoly_scheme.entity_id 
_pdbx_nonpoly_scheme.mon_id 
_pdbx_nonpoly_scheme.ndb_seq_num 
_pdbx_nonpoly_scheme.pdb_seq_num 
_pdbx_nonpoly_scheme.auth_seq_num 
_pdbx_nonpoly_scheme.pdb_mon_id 
_pdbx_nonpoly_scheme.auth_mon_id 
_pdbx_nonpoly_scheme.pdb_strand_id 
_pdbx_nonpoly_scheme.pdb_ins_code 
B 2 ZN  1   201 201 ZN  ZN  A . 
C 3 HOH 1   301 116 HOH HOH A . 
C 3 HOH 2   302 68  HOH HOH A . 
C 3 HOH 3   303 74  HOH HOH A . 
C 3 HOH 4   304 76  HOH HOH A . 
C 3 HOH 5   305 27  HOH HOH A . 
C 3 HOH 6   306 65  HOH HOH A . 
C 3 HOH 7   307 71  HOH HOH A . 
C 3 HOH 8   308 69  HOH HOH A . 
C 3 HOH 9   309 75  HOH HOH A . 
C 3 HOH 10  310 47  HOH HOH A . 
C 3 HOH 11  311 129 HOH HOH A . 
C 3 HOH 12  312 18  HOH HOH A . 
C 3 HOH 13  313 29  HOH HOH A . 
C 3 HOH 14  314 110 HOH HOH A . 
C 3 HOH 15  315 109 HOH HOH A . 
C 3 HOH 16  316 88  HOH HOH A . 
C 3 HOH 17  317 79  HOH HOH A . 
C 3 HOH 18  318 64  HOH HOH A . 
C 3 HOH 19  319 36  HOH HOH A . 
C 3 HOH 20  320 40  HOH HOH A . 
C 3 HOH 21  321 19  HOH HOH A . 
C 3 HOH 22  322 45  HOH HOH A . 
C 3 HOH 23  323 5   HOH HOH A . 
C 3 HOH 24  324 21  HOH HOH A . 
C 3 HOH 25  325 63  HOH HOH A . 
C 3 HOH 26  326 81  HOH HOH A . 
C 3 HOH 27  327 16  HOH HOH A . 
C 3 HOH 28  328 23  HOH HOH A . 
C 3 HOH 29  329 130 HOH HOH A . 
C 3 HOH 30  330 120 HOH HOH A . 
C 3 HOH 31  331 22  HOH HOH A . 
C 3 HOH 32  332 9   HOH HOH A . 
C 3 HOH 33  333 17  HOH HOH A . 
C 3 HOH 34  334 32  HOH HOH A . 
C 3 HOH 35  335 54  HOH HOH A . 
C 3 HOH 36  336 13  HOH HOH A . 
C 3 HOH 37  337 107 HOH HOH A . 
C 3 HOH 38  338 73  HOH HOH A . 
C 3 HOH 39  339 95  HOH HOH A . 
C 3 HOH 40  340 59  HOH HOH A . 
C 3 HOH 41  341 124 HOH HOH A . 
C 3 HOH 42  342 56  HOH HOH A . 
C 3 HOH 43  343 2   HOH HOH A . 
C 3 HOH 44  344 62  HOH HOH A . 
C 3 HOH 45  345 78  HOH HOH A . 
C 3 HOH 46  346 128 HOH HOH A . 
C 3 HOH 47  347 86  HOH HOH A . 
C 3 HOH 48  348 31  HOH HOH A . 
C 3 HOH 49  349 99  HOH HOH A . 
C 3 HOH 50  350 77  HOH HOH A . 
C 3 HOH 51  351 134 HOH HOH A . 
C 3 HOH 52  352 58  HOH HOH A . 
C 3 HOH 53  353 12  HOH HOH A . 
C 3 HOH 54  354 39  HOH HOH A . 
C 3 HOH 55  355 11  HOH HOH A . 
C 3 HOH 56  356 3   HOH HOH A . 
C 3 HOH 57  357 140 HOH HOH A . 
C 3 HOH 58  358 42  HOH HOH A . 
C 3 HOH 59  359 14  HOH HOH A . 
C 3 HOH 60  360 93  HOH HOH A . 
C 3 HOH 61  361 104 HOH HOH A . 
C 3 HOH 62  362 7   HOH HOH A . 
C 3 HOH 63  363 1   HOH HOH A . 
C 3 HOH 64  364 43  HOH HOH A . 
C 3 HOH 65  365 72  HOH HOH A . 
C 3 HOH 66  366 15  HOH HOH A . 
C 3 HOH 67  367 35  HOH HOH A . 
C 3 HOH 68  368 33  HOH HOH A . 
C 3 HOH 69  369 83  HOH HOH A . 
C 3 HOH 70  370 26  HOH HOH A . 
C 3 HOH 71  371 85  HOH HOH A . 
C 3 HOH 72  372 25  HOH HOH A . 
C 3 HOH 73  373 89  HOH HOH A . 
C 3 HOH 74  374 48  HOH HOH A . 
C 3 HOH 75  375 50  HOH HOH A . 
C 3 HOH 76  376 87  HOH HOH A . 
C 3 HOH 77  377 46  HOH HOH A . 
C 3 HOH 78  378 91  HOH HOH A . 
C 3 HOH 79  379 96  HOH HOH A . 
C 3 HOH 80  380 133 HOH HOH A . 
C 3 HOH 81  381 53  HOH HOH A . 
C 3 HOH 82  382 4   HOH HOH A . 
C 3 HOH 83  383 94  HOH HOH A . 
C 3 HOH 84  384 126 HOH HOH A . 
C 3 HOH 85  385 125 HOH HOH A . 
C 3 HOH 86  386 118 HOH HOH A . 
C 3 HOH 87  387 51  HOH HOH A . 
C 3 HOH 88  388 6   HOH HOH A . 
C 3 HOH 89  389 123 HOH HOH A . 
C 3 HOH 90  390 84  HOH HOH A . 
C 3 HOH 91  391 8   HOH HOH A . 
C 3 HOH 92  392 34  HOH HOH A . 
C 3 HOH 93  393 82  HOH HOH A . 
C 3 HOH 94  394 141 HOH HOH A . 
C 3 HOH 95  395 106 HOH HOH A . 
C 3 HOH 96  396 115 HOH HOH A . 
C 3 HOH 97  397 20  HOH HOH A . 
C 3 HOH 98  398 108 HOH HOH A . 
C 3 HOH 99  399 44  HOH HOH A . 
C 3 HOH 100 400 117 HOH HOH A . 
C 3 HOH 101 401 114 HOH HOH A . 
C 3 HOH 102 402 10  HOH HOH A . 
C 3 HOH 103 403 37  HOH HOH A . 
C 3 HOH 104 404 132 HOH HOH A . 
C 3 HOH 105 405 30  HOH HOH A . 
C 3 HOH 106 406 61  HOH HOH A . 
C 3 HOH 107 407 66  HOH HOH A . 
C 3 HOH 108 408 28  HOH HOH A . 
C 3 HOH 109 409 101 HOH HOH A . 
C 3 HOH 110 410 103 HOH HOH A . 
C 3 HOH 111 411 24  HOH HOH A . 
C 3 HOH 112 412 111 HOH HOH A . 
C 3 HOH 113 413 80  HOH HOH A . 
C 3 HOH 114 414 139 HOH HOH A . 
C 3 HOH 115 415 105 HOH HOH A . 
C 3 HOH 116 416 131 HOH HOH A . 
C 3 HOH 117 417 98  HOH HOH A . 
C 3 HOH 118 418 119 HOH HOH A . 
C 3 HOH 119 419 60  HOH HOH A . 
C 3 HOH 120 420 121 HOH HOH A . 
C 3 HOH 121 421 112 HOH HOH A . 
C 3 HOH 122 422 38  HOH HOH A . 
C 3 HOH 123 423 57  HOH HOH A . 
C 3 HOH 124 424 70  HOH HOH A . 
C 3 HOH 125 425 92  HOH HOH A . 
C 3 HOH 126 426 41  HOH HOH A . 
C 3 HOH 127 427 49  HOH HOH A . 
C 3 HOH 128 428 127 HOH HOH A . 
C 3 HOH 129 429 136 HOH HOH A . 
C 3 HOH 130 430 55  HOH HOH A . 
C 3 HOH 131 431 90  HOH HOH A . 
C 3 HOH 132 432 97  HOH HOH A . 
C 3 HOH 133 433 113 HOH HOH A . 
C 3 HOH 134 434 52  HOH HOH A . 
C 3 HOH 135 435 100 HOH HOH A . 
C 3 HOH 136 436 135 HOH HOH A . 
C 3 HOH 137 437 102 HOH HOH A . 
C 3 HOH 138 438 67  HOH HOH A . 
C 3 HOH 139 439 122 HOH HOH A . 
C 3 HOH 140 440 137 HOH HOH A . 
C 3 HOH 141 441 138 HOH HOH A . 
# 
loop_
_software.citation_id 
_software.classification 
_software.compiler_name 
_software.compiler_version 
_software.contact_author 
_software.contact_author_email 
_software.date 
_software.description 
_software.dependencies 
_software.hardware 
_software.language 
_software.location 
_software.mods 
_software.name 
_software.os 
_software.os_version 
_software.type 
_software.version 
_software.pdbx_ordinal 
? 'data reduction' ? ? ? ? ? ? ? ? ? ? ? XDS      ? ? ? .           1 
? 'data scaling'   ? ? ? ? ? ? ? ? ? ? ? XDS      ? ? ? .           2 
? phasing          ? ? ? ? ? ? ? ? ? ? ? SHELXDE  ? ? ? .           3 
? 'model building' ? ? ? ? ? ? ? ? ? ? ? ARP/wARP ? ? ? .           4 
? refinement       ? ? ? ? ? ? ? ? ? ? ? PHENIX   ? ? ? 1.20.1_4487 5 
# 
_cell.angle_alpha                  90.000 
_cell.angle_alpha_esd              ? 
_cell.angle_beta                   111.950 
_cell.angle_beta_esd               ? 
_cell.angle_gamma                  90.000 
_cell.angle_gamma_esd              ? 
_cell.entry_id                     9F9U 
_cell.details                      ? 
_cell.formula_units_Z              ? 
_cell.length_a                     35.467 
_cell.length_a_esd                 ? 
_cell.length_b                     72.813 
_cell.length_b_esd                 ? 
_cell.length_c                     41.746 
_cell.length_c_esd                 ? 
_cell.volume                       99992.411 
_cell.volume_esd                   ? 
_cell.Z_PDB                        2 
_cell.reciprocal_angle_alpha       ? 
_cell.reciprocal_angle_beta        ? 
_cell.reciprocal_angle_gamma       ? 
_cell.reciprocal_angle_alpha_esd   ? 
_cell.reciprocal_angle_beta_esd    ? 
_cell.reciprocal_angle_gamma_esd   ? 
_cell.reciprocal_length_a          ? 
_cell.reciprocal_length_b          ? 
_cell.reciprocal_length_c          ? 
_cell.reciprocal_length_a_esd      ? 
_cell.reciprocal_length_b_esd      ? 
_cell.reciprocal_length_c_esd      ? 
_cell.pdbx_unique_axis             ? 
_cell.pdbx_esd_method              ? 
# 
_symmetry.entry_id                         9F9U 
_symmetry.cell_setting                     ? 
_symmetry.Int_Tables_number                4 
_symmetry.space_group_name_Hall            'P 2yb' 
_symmetry.space_group_name_H-M             'P 1 21 1' 
_symmetry.pdbx_full_space_group_name_H-M   ? 
# 
_exptl.absorpt_coefficient_mu     ? 
_exptl.absorpt_correction_T_max   ? 
_exptl.absorpt_correction_T_min   ? 
_exptl.absorpt_correction_type    ? 
_exptl.absorpt_process_details    ? 
_exptl.entry_id                   9F9U 
_exptl.crystals_number            1 
_exptl.details                    ? 
_exptl.method                     'X-RAY DIFFRACTION' 
_exptl.method_details             ? 
# 
_exptl_crystal.colour                       ? 
_exptl_crystal.density_diffrn               ? 
_exptl_crystal.density_Matthews             2.56 
_exptl_crystal.density_method               ? 
_exptl_crystal.density_percent_sol          51.86 
_exptl_crystal.description                  ? 
_exptl_crystal.F_000                        ? 
_exptl_crystal.id                           1 
_exptl_crystal.preparation                  ? 
_exptl_crystal.size_max                     ? 
_exptl_crystal.size_mid                     ? 
_exptl_crystal.size_min                     ? 
_exptl_crystal.size_rad                     ? 
_exptl_crystal.colour_lustre                ? 
_exptl_crystal.colour_modifier              ? 
_exptl_crystal.colour_primary               ? 
_exptl_crystal.density_meas                 ? 
_exptl_crystal.density_meas_esd             ? 
_exptl_crystal.density_meas_gt              ? 
_exptl_crystal.density_meas_lt              ? 
_exptl_crystal.density_meas_temp            ? 
_exptl_crystal.density_meas_temp_esd        ? 
_exptl_crystal.density_meas_temp_gt         ? 
_exptl_crystal.density_meas_temp_lt         ? 
_exptl_crystal.pdbx_crystal_image_url       ? 
_exptl_crystal.pdbx_crystal_image_format    ? 
_exptl_crystal.pdbx_mosaicity               ? 
_exptl_crystal.pdbx_mosaicity_esd           ? 
_exptl_crystal.pdbx_mosaic_method           ? 
_exptl_crystal.pdbx_mosaic_block_size       ? 
_exptl_crystal.pdbx_mosaic_block_size_esd   ? 
# 
_exptl_crystal_grow.apparatus       ? 
_exptl_crystal_grow.atmosphere      ? 
_exptl_crystal_grow.crystal_id      1 
_exptl_crystal_grow.details         ? 
_exptl_crystal_grow.method          'VAPOR DIFFUSION, SITTING DROP' 
_exptl_crystal_grow.method_ref      ? 
_exptl_crystal_grow.pH              9.0 
_exptl_crystal_grow.pressure        ? 
_exptl_crystal_grow.pressure_esd    ? 
_exptl_crystal_grow.seeding         ? 
_exptl_crystal_grow.seeding_ref     ? 
_exptl_crystal_grow.temp_details    ? 
_exptl_crystal_grow.temp_esd        ? 
_exptl_crystal_grow.time            ? 
_exptl_crystal_grow.pdbx_details    '10% w/v PEG 20,000, 2% v/v 1,4-dioxane, 100 mM Bicine pH 9.0' 
_exptl_crystal_grow.pdbx_pH_range   ? 
_exptl_crystal_grow.temp            293 
# 
_diffrn.ambient_environment              ? 
_diffrn.ambient_temp                     100 
_diffrn.ambient_temp_details             ? 
_diffrn.ambient_temp_esd                 ? 
_diffrn.crystal_id                       1 
_diffrn.crystal_support                  ? 
_diffrn.crystal_treatment                ? 
_diffrn.details                          ? 
_diffrn.id                               1 
_diffrn.ambient_pressure                 ? 
_diffrn.ambient_pressure_esd             ? 
_diffrn.ambient_pressure_gt              ? 
_diffrn.ambient_pressure_lt              ? 
_diffrn.ambient_temp_gt                  ? 
_diffrn.ambient_temp_lt                  ? 
_diffrn.pdbx_serial_crystal_experiment   N 
# 
_diffrn_detector.details                      ? 
_diffrn_detector.detector                     PIXEL 
_diffrn_detector.diffrn_id                    1 
_diffrn_detector.type                         'DECTRIS EIGER2 X CdTe 16M' 
_diffrn_detector.area_resol_mean              ? 
_diffrn_detector.dtime                        ? 
_diffrn_detector.pdbx_frames_total            ? 
_diffrn_detector.pdbx_collection_time_total   ? 
_diffrn_detector.pdbx_collection_date         2019-08-10 
_diffrn_detector.pdbx_frequency               ? 
_diffrn_detector.id                           ? 
_diffrn_detector.number_of_axes               ? 
# 
_diffrn_radiation.collimation                      ? 
_diffrn_radiation.diffrn_id                        1 
_diffrn_radiation.filter_edge                      ? 
_diffrn_radiation.inhomogeneity                    ? 
_diffrn_radiation.monochromator                    ? 
_diffrn_radiation.polarisn_norm                    ? 
_diffrn_radiation.polarisn_ratio                   ? 
_diffrn_radiation.probe                            ? 
_diffrn_radiation.type                             ? 
_diffrn_radiation.xray_symbol                      ? 
_diffrn_radiation.wavelength_id                    1 
_diffrn_radiation.pdbx_monochromatic_or_laue_m_l   M 
_diffrn_radiation.pdbx_wavelength_list             ? 
_diffrn_radiation.pdbx_wavelength                  ? 
_diffrn_radiation.pdbx_diffrn_protocol             'SINGLE WAVELENGTH' 
_diffrn_radiation.pdbx_analyzer                    ? 
_diffrn_radiation.pdbx_scattering_type             x-ray 
# 
_diffrn_radiation_wavelength.id           1 
_diffrn_radiation_wavelength.wavelength   1.2826 
_diffrn_radiation_wavelength.wt           1.0 
# 
_diffrn_source.current                     ? 
_diffrn_source.details                     ? 
_diffrn_source.diffrn_id                   1 
_diffrn_source.power                       ? 
_diffrn_source.size                        ? 
_diffrn_source.source                      SYNCHROTRON 
_diffrn_source.target                      ? 
_diffrn_source.type                        'PETRA III, EMBL c/o DESY BEAMLINE P14 (MX2)' 
_diffrn_source.voltage                     ? 
_diffrn_source.take-off_angle              ? 
_diffrn_source.pdbx_wavelength_list        1.2826 
_diffrn_source.pdbx_wavelength             ? 
_diffrn_source.pdbx_synchrotron_beamline   'P14 (MX2)' 
_diffrn_source.pdbx_synchrotron_site       'PETRA III, EMBL c/o DESY' 
# 
_reflns.B_iso_Wilson_estimate                          27.34 
_reflns.entry_id                                       9F9U 
_reflns.data_reduction_details                         ? 
_reflns.data_reduction_method                          ? 
_reflns.d_resolution_high                              1.68 
_reflns.d_resolution_low                               72.88 
_reflns.details                                        ? 
_reflns.limit_h_max                                    ? 
_reflns.limit_h_min                                    ? 
_reflns.limit_k_max                                    ? 
_reflns.limit_k_min                                    ? 
_reflns.limit_l_max                                    ? 
_reflns.limit_l_min                                    ? 
_reflns.number_all                                     ? 
_reflns.number_obs                                     21422 
_reflns.observed_criterion                             ? 
_reflns.observed_criterion_F_max                       ? 
_reflns.observed_criterion_F_min                       ? 
_reflns.observed_criterion_I_max                       ? 
_reflns.observed_criterion_I_min                       ? 
_reflns.observed_criterion_sigma_F                     ? 
_reflns.observed_criterion_sigma_I                     ? 
_reflns.percent_possible_obs                           95.3 
_reflns.R_free_details                                 ? 
_reflns.Rmerge_F_all                                   ? 
_reflns.Rmerge_F_obs                                   ? 
_reflns.Friedel_coverage                               ? 
_reflns.number_gt                                      ? 
_reflns.threshold_expression                           ? 
_reflns.pdbx_redundancy                                6.7 
_reflns.pdbx_netI_over_av_sigmaI                       ? 
_reflns.pdbx_netI_over_sigmaI                          16.6 
_reflns.pdbx_res_netI_over_av_sigmaI_2                 ? 
_reflns.pdbx_res_netI_over_sigmaI_2                    ? 
_reflns.pdbx_chi_squared                               ? 
_reflns.pdbx_scaling_rejects                           ? 
_reflns.pdbx_d_res_high_opt                            ? 
_reflns.pdbx_d_res_low_opt                             ? 
_reflns.pdbx_d_res_opt_method                          ? 
_reflns.phase_calculation_details                      ? 
_reflns.pdbx_Rrim_I_all                                0.065 
_reflns.pdbx_Rpim_I_all                                0.025 
_reflns.pdbx_d_opt                                     ? 
_reflns.pdbx_number_measured_all                       ? 
_reflns.pdbx_diffrn_id                                 1 
_reflns.pdbx_ordinal                                   1 
_reflns.pdbx_CC_half                                   0.999 
_reflns.pdbx_CC_star                                   ? 
_reflns.pdbx_R_split                                   ? 
_reflns.pdbx_Rmerge_I_obs                              0.060 
_reflns.pdbx_Rmerge_I_all                              ? 
_reflns.pdbx_Rsym_value                                ? 
_reflns.pdbx_CC_split_method                           ? 
_reflns.pdbx_aniso_diffraction_limit_axis_1_ortho[1]   ? 
_reflns.pdbx_aniso_diffraction_limit_axis_1_ortho[2]   ? 
_reflns.pdbx_aniso_diffraction_limit_axis_1_ortho[3]   ? 
_reflns.pdbx_aniso_diffraction_limit_axis_2_ortho[1]   ? 
_reflns.pdbx_aniso_diffraction_limit_axis_2_ortho[2]   ? 
_reflns.pdbx_aniso_diffraction_limit_axis_2_ortho[3]   ? 
_reflns.pdbx_aniso_diffraction_limit_axis_3_ortho[1]   ? 
_reflns.pdbx_aniso_diffraction_limit_axis_3_ortho[2]   ? 
_reflns.pdbx_aniso_diffraction_limit_axis_3_ortho[3]   ? 
_reflns.pdbx_aniso_diffraction_limit_1                 ? 
_reflns.pdbx_aniso_diffraction_limit_2                 ? 
_reflns.pdbx_aniso_diffraction_limit_3                 ? 
_reflns.pdbx_aniso_B_tensor_eigenvector_1_ortho[1]     ? 
_reflns.pdbx_aniso_B_tensor_eigenvector_1_ortho[2]     ? 
_reflns.pdbx_aniso_B_tensor_eigenvector_1_ortho[3]     ? 
_reflns.pdbx_aniso_B_tensor_eigenvector_2_ortho[1]     ? 
_reflns.pdbx_aniso_B_tensor_eigenvector_2_ortho[2]     ? 
_reflns.pdbx_aniso_B_tensor_eigenvector_2_ortho[3]     ? 
_reflns.pdbx_aniso_B_tensor_eigenvector_3_ortho[1]     ? 
_reflns.pdbx_aniso_B_tensor_eigenvector_3_ortho[2]     ? 
_reflns.pdbx_aniso_B_tensor_eigenvector_3_ortho[3]     ? 
_reflns.pdbx_aniso_B_tensor_eigenvalue_1               ? 
_reflns.pdbx_aniso_B_tensor_eigenvalue_2               ? 
_reflns.pdbx_aniso_B_tensor_eigenvalue_3               ? 
_reflns.pdbx_orthogonalization_convention              ? 
_reflns.pdbx_percent_possible_ellipsoidal              ? 
_reflns.pdbx_percent_possible_spherical                ? 
_reflns.pdbx_percent_possible_ellipsoidal_anomalous    ? 
_reflns.pdbx_percent_possible_spherical_anomalous      ? 
_reflns.pdbx_redundancy_anomalous                      ? 
_reflns.pdbx_CC_half_anomalous                         ? 
_reflns.pdbx_absDiff_over_sigma_anomalous              ? 
_reflns.pdbx_percent_possible_anomalous                ? 
_reflns.pdbx_observed_signal_threshold                 ? 
_reflns.pdbx_signal_type                               ? 
_reflns.pdbx_signal_details                            ? 
_reflns.pdbx_signal_software_id                        ? 
# 
_reflns_shell.d_res_high                                    1.68 
_reflns_shell.d_res_low                                     1.74 
_reflns_shell.meanI_over_sigI_all                           ? 
_reflns_shell.meanI_over_sigI_obs                           1.3 
_reflns_shell.number_measured_all                           ? 
_reflns_shell.number_measured_obs                           ? 
_reflns_shell.number_possible                               ? 
_reflns_shell.number_unique_all                             ? 
_reflns_shell.number_unique_obs                             1683 
_reflns_shell.percent_possible_obs                          ? 
_reflns_shell.Rmerge_F_all                                  ? 
_reflns_shell.Rmerge_F_obs                                  ? 
_reflns_shell.meanI_over_sigI_gt                            ? 
_reflns_shell.meanI_over_uI_all                             ? 
_reflns_shell.meanI_over_uI_gt                              ? 
_reflns_shell.number_measured_gt                            ? 
_reflns_shell.number_unique_gt                              ? 
_reflns_shell.percent_possible_gt                           ? 
_reflns_shell.Rmerge_F_gt                                   ? 
_reflns_shell.Rmerge_I_gt                                   ? 
_reflns_shell.pdbx_redundancy                               ? 
_reflns_shell.pdbx_chi_squared                              ? 
_reflns_shell.pdbx_netI_over_sigmaI_all                     ? 
_reflns_shell.pdbx_netI_over_sigmaI_obs                     ? 
_reflns_shell.pdbx_Rrim_I_all                               1.199 
_reflns_shell.pdbx_Rpim_I_all                               0.493 
_reflns_shell.pdbx_rejects                                  ? 
_reflns_shell.pdbx_ordinal                                  1 
_reflns_shell.pdbx_diffrn_id                                1 
_reflns_shell.pdbx_CC_half                                  0.462 
_reflns_shell.pdbx_CC_star                                  ? 
_reflns_shell.pdbx_R_split                                  ? 
_reflns_shell.percent_possible_all                          75.3 
_reflns_shell.Rmerge_I_all                                  ? 
_reflns_shell.Rmerge_I_obs                                  1.086 
_reflns_shell.pdbx_Rsym_value                               ? 
_reflns_shell.pdbx_percent_possible_ellipsoidal             ? 
_reflns_shell.pdbx_percent_possible_spherical               ? 
_reflns_shell.pdbx_percent_possible_ellipsoidal_anomalous   ? 
_reflns_shell.pdbx_percent_possible_spherical_anomalous     ? 
_reflns_shell.pdbx_redundancy_anomalous                     ? 
_reflns_shell.pdbx_CC_half_anomalous                        ? 
_reflns_shell.pdbx_absDiff_over_sigma_anomalous             ? 
_reflns_shell.pdbx_percent_possible_anomalous               ? 
# 
_refine.aniso_B[1][1]                            ? 
_refine.aniso_B[1][2]                            ? 
_refine.aniso_B[1][3]                            ? 
_refine.aniso_B[2][2]                            ? 
_refine.aniso_B[2][3]                            ? 
_refine.aniso_B[3][3]                            ? 
_refine.B_iso_max                                ? 
_refine.B_iso_mean                               34.53 
_refine.B_iso_min                                ? 
_refine.correlation_coeff_Fo_to_Fc               ? 
_refine.correlation_coeff_Fo_to_Fc_free          ? 
_refine.details                                  ? 
_refine.diff_density_max                         ? 
_refine.diff_density_max_esd                     ? 
_refine.diff_density_min                         ? 
_refine.diff_density_min_esd                     ? 
_refine.diff_density_rms                         ? 
_refine.diff_density_rms_esd                     ? 
_refine.entry_id                                 9F9U 
_refine.pdbx_refine_id                           'X-RAY DIFFRACTION' 
_refine.ls_abs_structure_details                 ? 
_refine.ls_abs_structure_Flack                   ? 
_refine.ls_abs_structure_Flack_esd               ? 
_refine.ls_abs_structure_Rogers                  ? 
_refine.ls_abs_structure_Rogers_esd              ? 
_refine.ls_d_res_high                            1.68 
_refine.ls_d_res_low                             38.72 
_refine.ls_extinction_coef                       ? 
_refine.ls_extinction_coef_esd                   ? 
_refine.ls_extinction_expression                 ? 
_refine.ls_extinction_method                     ? 
_refine.ls_goodness_of_fit_all                   ? 
_refine.ls_goodness_of_fit_all_esd               ? 
_refine.ls_goodness_of_fit_obs                   ? 
_refine.ls_goodness_of_fit_obs_esd               ? 
_refine.ls_hydrogen_treatment                    ? 
_refine.ls_matrix_type                           ? 
_refine.ls_number_constraints                    ? 
_refine.ls_number_parameters                     ? 
_refine.ls_number_reflns_all                     ? 
_refine.ls_number_reflns_obs                     20507 
_refine.ls_number_reflns_R_free                  950 
_refine.ls_number_reflns_R_work                  19557 
_refine.ls_number_restraints                     ? 
_refine.ls_percent_reflns_obs                    91.35 
_refine.ls_percent_reflns_R_free                 4.63 
_refine.ls_R_factor_all                          ? 
_refine.ls_R_factor_obs                          0.2173 
_refine.ls_R_factor_R_free                       0.2356 
_refine.ls_R_factor_R_free_error                 ? 
_refine.ls_R_factor_R_free_error_details         ? 
_refine.ls_R_factor_R_work                       0.2164 
_refine.ls_R_Fsqd_factor_obs                     ? 
_refine.ls_R_I_factor_obs                        ? 
_refine.ls_redundancy_reflns_all                 ? 
_refine.ls_redundancy_reflns_obs                 ? 
_refine.ls_restrained_S_all                      ? 
_refine.ls_restrained_S_obs                      ? 
_refine.ls_shift_over_esd_max                    ? 
_refine.ls_shift_over_esd_mean                   ? 
_refine.ls_structure_factor_coef                 ? 
_refine.ls_weighting_details                     ? 
_refine.ls_weighting_scheme                      ? 
_refine.ls_wR_factor_all                         ? 
_refine.ls_wR_factor_obs                         ? 
_refine.ls_wR_factor_R_free                      ? 
_refine.ls_wR_factor_R_work                      ? 
_refine.occupancy_max                            ? 
_refine.occupancy_min                            ? 
_refine.solvent_model_details                    'FLAT BULK SOLVENT MODEL' 
_refine.solvent_model_param_bsol                 ? 
_refine.solvent_model_param_ksol                 ? 
_refine.pdbx_R_complete                          ? 
_refine.ls_R_factor_gt                           ? 
_refine.ls_goodness_of_fit_gt                    ? 
_refine.ls_goodness_of_fit_ref                   ? 
_refine.ls_shift_over_su_max                     ? 
_refine.ls_shift_over_su_max_lt                  ? 
_refine.ls_shift_over_su_mean                    ? 
_refine.ls_shift_over_su_mean_lt                 ? 
_refine.pdbx_ls_sigma_I                          ? 
_refine.pdbx_ls_sigma_F                          0.05 
_refine.pdbx_ls_sigma_Fsqd                       ? 
_refine.pdbx_data_cutoff_high_absF               ? 
_refine.pdbx_data_cutoff_high_rms_absF           ? 
_refine.pdbx_data_cutoff_low_absF                ? 
_refine.pdbx_isotropic_thermal_model             ? 
_refine.pdbx_ls_cross_valid_method               'FREE R-VALUE' 
_refine.pdbx_method_to_determine_struct          SAD 
_refine.pdbx_starting_model                      ? 
_refine.pdbx_stereochemistry_target_values       'GeoStd + Monomer Library + CDL v1.2' 
_refine.pdbx_R_Free_selection_details            ? 
_refine.pdbx_stereochem_target_val_spec_case     ? 
_refine.pdbx_overall_ESU_R                       ? 
_refine.pdbx_overall_ESU_R_Free                  ? 
_refine.pdbx_solvent_vdw_probe_radii             1.1000 
_refine.pdbx_solvent_ion_probe_radii             ? 
_refine.pdbx_solvent_shrinkage_radii             0.9000 
_refine.pdbx_real_space_R                        ? 
_refine.pdbx_density_correlation                 ? 
_refine.pdbx_pd_number_of_powder_patterns        ? 
_refine.pdbx_pd_number_of_points                 ? 
_refine.pdbx_pd_meas_number_of_points            ? 
_refine.pdbx_pd_proc_ls_prof_R_factor            ? 
_refine.pdbx_pd_proc_ls_prof_wR_factor           ? 
_refine.pdbx_pd_Marquardt_correlation_coeff      ? 
_refine.pdbx_pd_Fsqrd_R_factor                   ? 
_refine.pdbx_pd_ls_matrix_band_width             ? 
_refine.pdbx_overall_phase_error                 31.3196 
_refine.pdbx_overall_SU_R_free_Cruickshank_DPI   ? 
_refine.pdbx_overall_SU_R_free_Blow_DPI          ? 
_refine.pdbx_overall_SU_R_Blow_DPI               ? 
_refine.pdbx_TLS_residual_ADP_flag               ? 
_refine.pdbx_diffrn_id                           1 
_refine.overall_SU_B                             ? 
_refine.overall_SU_ML                            0.2556 
_refine.overall_SU_R_Cruickshank_DPI             ? 
_refine.overall_SU_R_free                        ? 
_refine.overall_FOM_free_R_set                   ? 
_refine.overall_FOM_work_R_set                   ? 
_refine.pdbx_average_fsc_overall                 ? 
_refine.pdbx_average_fsc_work                    ? 
_refine.pdbx_average_fsc_free                    ? 
# 
_refine_hist.pdbx_refine_id                   'X-RAY DIFFRACTION' 
_refine_hist.cycle_id                         LAST 
_refine_hist.details                          ? 
_refine_hist.d_res_high                       1.68 
_refine_hist.d_res_low                        38.72 
_refine_hist.number_atoms_solvent             141 
_refine_hist.number_atoms_total               1512 
_refine_hist.number_reflns_all                ? 
_refine_hist.number_reflns_obs                ? 
_refine_hist.number_reflns_R_free             ? 
_refine_hist.number_reflns_R_work             ? 
_refine_hist.R_factor_all                     ? 
_refine_hist.R_factor_obs                     ? 
_refine_hist.R_factor_R_free                  ? 
_refine_hist.R_factor_R_work                  ? 
_refine_hist.pdbx_number_residues_total       ? 
_refine_hist.pdbx_B_iso_mean_ligand           ? 
_refine_hist.pdbx_B_iso_mean_solvent          ? 
_refine_hist.pdbx_number_atoms_protein        1370 
_refine_hist.pdbx_number_atoms_nucleic_acid   0 
_refine_hist.pdbx_number_atoms_ligand         1 
_refine_hist.pdbx_number_atoms_lipid          ? 
_refine_hist.pdbx_number_atoms_carb           ? 
_refine_hist.pdbx_pseudo_atom_details         ? 
# 
loop_
_refine_ls_restr.pdbx_refine_id 
_refine_ls_restr.criterion 
_refine_ls_restr.dev_ideal 
_refine_ls_restr.dev_ideal_target 
_refine_ls_restr.number 
_refine_ls_restr.rejects 
_refine_ls_restr.type 
_refine_ls_restr.weight 
_refine_ls_restr.pdbx_restraint_function 
'X-RAY DIFFRACTION' ? 0.0084 ? 1412 ? f_bond_d           ? ? 
'X-RAY DIFFRACTION' ? 1.0121 ? 1912 ? f_angle_d          ? ? 
'X-RAY DIFFRACTION' ? 0.0622 ? 232  ? f_chiral_restr     ? ? 
'X-RAY DIFFRACTION' ? 0.0093 ? 238  ? f_plane_restr      ? ? 
'X-RAY DIFFRACTION' ? 5.2477 ? 195  ? f_dihedral_angle_d ? ? 
# 
loop_
_refine_ls_shell.pdbx_refine_id 
_refine_ls_shell.d_res_high 
_refine_ls_shell.d_res_low 
_refine_ls_shell.number_reflns_all 
_refine_ls_shell.number_reflns_obs 
_refine_ls_shell.number_reflns_R_free 
_refine_ls_shell.number_reflns_R_work 
_refine_ls_shell.percent_reflns_obs 
_refine_ls_shell.percent_reflns_R_free 
_refine_ls_shell.R_factor_all 
_refine_ls_shell.R_factor_obs 
_refine_ls_shell.R_factor_R_free_error 
_refine_ls_shell.R_factor_R_work 
_refine_ls_shell.redundancy_reflns_all 
_refine_ls_shell.redundancy_reflns_obs 
_refine_ls_shell.wR_factor_all 
_refine_ls_shell.wR_factor_obs 
_refine_ls_shell.wR_factor_R_free 
_refine_ls_shell.wR_factor_R_work 
_refine_ls_shell.pdbx_R_complete 
_refine_ls_shell.pdbx_total_number_of_bins_used 
_refine_ls_shell.pdbx_phase_error 
_refine_ls_shell.pdbx_fsc_work 
_refine_ls_shell.pdbx_fsc_free 
_refine_ls_shell.R_factor_R_free 
'X-RAY DIFFRACTION' 1.68 1.77  . . 107 2041 67.48 . . . . 0.3246 . . . . . . . . . . . 0.3924 
'X-RAY DIFFRACTION' 1.77 1.88  . . 123 2627 86.13 . . . . 0.2977 . . . . . . . . . . . 0.3393 
'X-RAY DIFFRACTION' 1.88 2.02  . . 123 2780 91.12 . . . . 0.2717 . . . . . . . . . . . 0.3408 
'X-RAY DIFFRACTION' 2.02 2.23  . . 148 2951 96.63 . . . . 0.2158 . . . . . . . . . . . 0.2723 
'X-RAY DIFFRACTION' 2.23 2.55  . . 148 3010 98.26 . . . . 0.2289 . . . . . . . . . . . 0.2751 
'X-RAY DIFFRACTION' 2.55 3.21  . . 135 3069 99.53 . . . . 0.2241 . . . . . . . . . . . 0.2396 
'X-RAY DIFFRACTION' 3.21 38.72 . . 166 3079 99.94 . . . . 0.1895 . . . . . . . . . . . 0.1935 
# 
_struct.entry_id                     9F9U 
_struct.title                        'Crystal structure of Saccharolobus solfataricus NusA2' 
_struct.pdbx_model_details           ? 
_struct.pdbx_formula_weight          ? 
_struct.pdbx_formula_weight_method   ? 
_struct.pdbx_model_type_details      ? 
_struct.pdbx_CASP_flag               N 
# 
_struct_keywords.entry_id        9F9U 
_struct_keywords.text            'crenarchaea, zinc-finger protein, alpha-beta fold, RNA-binding protein, RNA BINDING PROTEIN' 
_struct_keywords.pdbx_keywords   'RNA BINDING PROTEIN' 
# 
loop_
_struct_asym.id 
_struct_asym.pdbx_blank_PDB_chainid_flag 
_struct_asym.pdbx_modified 
_struct_asym.entity_id 
_struct_asym.details 
A N N 1 ? 
B N N 2 ? 
C N N 3 ? 
# 
_struct_ref.id                         1 
_struct_ref.db_name                    UNP 
_struct_ref.db_code                    Q980V4_SACS2 
_struct_ref.pdbx_db_accession          Q980V4 
_struct_ref.pdbx_db_isoform            ? 
_struct_ref.entity_id                  1 
_struct_ref.pdbx_seq_one_letter_code   
;MKMKIPLDYVCVRSGLLCNRCQSLIDSGEVFEYEVEIIKILLDLEETQFKELKDSTYHKAYKVDDLLILLVTSGQEMTQQ
KWIKIARILQEKLNIKVRVLEKTNSIKNSAVQLLSPARVLGVNTVWMPDGSVQYVIRVSRSERRLLPAEAQLLESALTKI
HSTPVRIRVE
;
_struct_ref.pdbx_align_begin           1 
# 
_struct_ref_seq.align_id                      1 
_struct_ref_seq.ref_id                        1 
_struct_ref_seq.pdbx_PDB_id_code              9F9U 
_struct_ref_seq.pdbx_strand_id                A 
_struct_ref_seq.seq_align_beg                 1 
_struct_ref_seq.pdbx_seq_align_beg_ins_code   ? 
_struct_ref_seq.seq_align_end                 170 
_struct_ref_seq.pdbx_seq_align_end_ins_code   ? 
_struct_ref_seq.pdbx_db_accession             Q980V4 
_struct_ref_seq.db_align_beg                  1 
_struct_ref_seq.pdbx_db_align_beg_ins_code    ? 
_struct_ref_seq.db_align_end                  170 
_struct_ref_seq.pdbx_db_align_end_ins_code    ? 
_struct_ref_seq.pdbx_auth_seq_align_beg       1 
_struct_ref_seq.pdbx_auth_seq_align_end       170 
# 
_pdbx_struct_assembly.id                   1 
_pdbx_struct_assembly.details              author_and_software_defined_assembly 
_pdbx_struct_assembly.method_details       PISA 
_pdbx_struct_assembly.oligomeric_details   monomeric 
_pdbx_struct_assembly.oligomeric_count     1 
# 
loop_
_pdbx_struct_assembly_prop.biol_id 
_pdbx_struct_assembly_prop.type 
_pdbx_struct_assembly_prop.value 
_pdbx_struct_assembly_prop.details 
1 'ABSA (A^2)' 0    ? 
1 MORE         0    ? 
1 'SSA (A^2)'  9400 ? 
# 
_pdbx_struct_assembly_gen.assembly_id       1 
_pdbx_struct_assembly_gen.oper_expression   1 
_pdbx_struct_assembly_gen.asym_id_list      A,B,C 
# 
_pdbx_struct_assembly_auth_evidence.id                     1 
_pdbx_struct_assembly_auth_evidence.assembly_id            1 
_pdbx_struct_assembly_auth_evidence.experimental_support   'gel filtration' 
_pdbx_struct_assembly_auth_evidence.details                ? 
# 
_pdbx_struct_oper_list.id                   1 
_pdbx_struct_oper_list.type                 'identity operation' 
_pdbx_struct_oper_list.name                 1_555 
_pdbx_struct_oper_list.symmetry_operation   x,y,z 
_pdbx_struct_oper_list.matrix[1][1]         1.0000000000 
_pdbx_struct_oper_list.matrix[1][2]         0.0000000000 
_pdbx_struct_oper_list.matrix[1][3]         0.0000000000 
_pdbx_struct_oper_list.vector[1]            0.0000000000 
_pdbx_struct_oper_list.matrix[2][1]         0.0000000000 
_pdbx_struct_oper_list.matrix[2][2]         1.0000000000 
_pdbx_struct_oper_list.matrix[2][3]         0.0000000000 
_pdbx_struct_oper_list.vector[2]            0.0000000000 
_pdbx_struct_oper_list.matrix[3][1]         0.0000000000 
_pdbx_struct_oper_list.matrix[3][2]         0.0000000000 
_pdbx_struct_oper_list.matrix[3][3]         1.0000000000 
_pdbx_struct_oper_list.vector[3]            0.0000000000 
# 
loop_
_struct_conf.conf_type_id 
_struct_conf.id 
_struct_conf.pdbx_PDB_helix_id 
_struct_conf.beg_label_comp_id 
_struct_conf.beg_label_asym_id 
_struct_conf.beg_label_seq_id 
_struct_conf.pdbx_beg_PDB_ins_code 
_struct_conf.end_label_comp_id 
_struct_conf.end_label_asym_id 
_struct_conf.end_label_seq_id 
_struct_conf.pdbx_end_PDB_ins_code 
_struct_conf.beg_auth_comp_id 
_struct_conf.beg_auth_asym_id 
_struct_conf.beg_auth_seq_id 
_struct_conf.end_auth_comp_id 
_struct_conf.end_auth_asym_id 
_struct_conf.end_auth_seq_id 
_struct_conf.pdbx_PDB_helix_class 
_struct_conf.details 
_struct_conf.pdbx_PDB_helix_length 
HELX_P HELX_P1 AA1 ASP A 8   ? GLY A 15  ? ASP A 8   GLY A 15  1 ? 8  
HELX_P HELX_P2 AA2 CYS A 18  ? SER A 27  ? CYS A 18  SER A 27  1 ? 10 
HELX_P HELX_P3 AA3 PHE A 31  ? GLN A 48  ? PHE A 31  GLN A 48  1 ? 18 
HELX_P HELX_P4 AA4 PHE A 49  ? ASP A 54  ? PHE A 49  ASP A 54  5 ? 6  
HELX_P HELX_P5 AA5 THR A 78  ? ASN A 94  ? THR A 78  ASN A 94  1 ? 17 
HELX_P HELX_P6 AA6 SER A 105 ? SER A 115 ? SER A 105 SER A 115 1 ? 11 
HELX_P HELX_P7 AA7 ARG A 140 ? LEU A 146 ? ARG A 140 LEU A 146 5 ? 7  
HELX_P HELX_P8 AA8 GLU A 149 ? SER A 162 ? GLU A 149 SER A 162 1 ? 14 
# 
_struct_conf_type.id          HELX_P 
_struct_conf_type.criteria    ? 
_struct_conf_type.reference   ? 
# 
loop_
_struct_conn.id 
_struct_conn.conn_type_id 
_struct_conn.pdbx_leaving_atom_flag 
_struct_conn.pdbx_PDB_id 
_struct_conn.ptnr1_label_asym_id 
_struct_conn.ptnr1_label_comp_id 
_struct_conn.ptnr1_label_seq_id 
_struct_conn.ptnr1_label_atom_id 
_struct_conn.pdbx_ptnr1_label_alt_id 
_struct_conn.pdbx_ptnr1_PDB_ins_code 
_struct_conn.pdbx_ptnr1_standard_comp_id 
_struct_conn.ptnr1_symmetry 
_struct_conn.ptnr2_label_asym_id 
_struct_conn.ptnr2_label_comp_id 
_struct_conn.ptnr2_label_seq_id 
_struct_conn.ptnr2_label_atom_id 
_struct_conn.pdbx_ptnr2_label_alt_id 
_struct_conn.pdbx_ptnr2_PDB_ins_code 
_struct_conn.ptnr1_auth_asym_id 
_struct_conn.ptnr1_auth_comp_id 
_struct_conn.ptnr1_auth_seq_id 
_struct_conn.ptnr2_auth_asym_id 
_struct_conn.ptnr2_auth_comp_id 
_struct_conn.ptnr2_auth_seq_id 
_struct_conn.ptnr2_symmetry 
_struct_conn.pdbx_ptnr3_label_atom_id 
_struct_conn.pdbx_ptnr3_label_seq_id 
_struct_conn.pdbx_ptnr3_label_comp_id 
_struct_conn.pdbx_ptnr3_label_asym_id 
_struct_conn.pdbx_ptnr3_label_alt_id 
_struct_conn.pdbx_ptnr3_PDB_ins_code 
_struct_conn.details 
_struct_conn.pdbx_dist_value 
_struct_conn.pdbx_value_order 
_struct_conn.pdbx_role 
metalc1 metalc ? ? A ASP 8  OD2 ? ? ? 1_555 B ZN . ZN ? ? A ASP 8  A ZN 201 1_555 ? ? ? ? ? ? ? 2.327 ? ? 
metalc2 metalc ? ? A CYS 11 SG  ? ? ? 1_555 B ZN . ZN ? ? A CYS 11 A ZN 201 1_555 ? ? ? ? ? ? ? 2.301 ? ? 
metalc3 metalc ? ? A CYS 18 SG  ? ? ? 1_555 B ZN . ZN ? ? A CYS 18 A ZN 201 1_555 ? ? ? ? ? ? ? 2.306 ? ? 
metalc4 metalc ? ? A CYS 21 SG  ? ? ? 1_555 B ZN . ZN ? ? A CYS 21 A ZN 201 1_555 ? ? ? ? ? ? ? 2.308 ? ? 
# 
_struct_conn_type.id          metalc 
_struct_conn_type.criteria    ? 
_struct_conn_type.reference   ? 
# 
loop_
_pdbx_struct_conn_angle.id 
_pdbx_struct_conn_angle.ptnr1_label_atom_id 
_pdbx_struct_conn_angle.ptnr1_label_alt_id 
_pdbx_struct_conn_angle.ptnr1_label_asym_id 
_pdbx_struct_conn_angle.ptnr1_label_comp_id 
_pdbx_struct_conn_angle.ptnr1_label_seq_id 
_pdbx_struct_conn_angle.ptnr1_auth_atom_id 
_pdbx_struct_conn_angle.ptnr1_auth_asym_id 
_pdbx_struct_conn_angle.ptnr1_auth_comp_id 
_pdbx_struct_conn_angle.ptnr1_auth_seq_id 
_pdbx_struct_conn_angle.ptnr1_PDB_ins_code 
_pdbx_struct_conn_angle.ptnr1_symmetry 
_pdbx_struct_conn_angle.ptnr2_label_atom_id 
_pdbx_struct_conn_angle.ptnr2_label_alt_id 
_pdbx_struct_conn_angle.ptnr2_label_asym_id 
_pdbx_struct_conn_angle.ptnr2_label_comp_id 
_pdbx_struct_conn_angle.ptnr2_label_seq_id 
_pdbx_struct_conn_angle.ptnr2_auth_atom_id 
_pdbx_struct_conn_angle.ptnr2_auth_asym_id 
_pdbx_struct_conn_angle.ptnr2_auth_comp_id 
_pdbx_struct_conn_angle.ptnr2_auth_seq_id 
_pdbx_struct_conn_angle.ptnr2_PDB_ins_code 
_pdbx_struct_conn_angle.ptnr2_symmetry 
_pdbx_struct_conn_angle.ptnr3_label_atom_id 
_pdbx_struct_conn_angle.ptnr3_label_alt_id 
_pdbx_struct_conn_angle.ptnr3_label_asym_id 
_pdbx_struct_conn_angle.ptnr3_label_comp_id 
_pdbx_struct_conn_angle.ptnr3_label_seq_id 
_pdbx_struct_conn_angle.ptnr3_auth_atom_id 
_pdbx_struct_conn_angle.ptnr3_auth_asym_id 
_pdbx_struct_conn_angle.ptnr3_auth_comp_id 
_pdbx_struct_conn_angle.ptnr3_auth_seq_id 
_pdbx_struct_conn_angle.ptnr3_PDB_ins_code 
_pdbx_struct_conn_angle.ptnr3_symmetry 
_pdbx_struct_conn_angle.value 
_pdbx_struct_conn_angle.value_esd 
1 OD2 ? A ASP 8  ? A ASP 8  ? 1_555 ZN ? B ZN . ? A ZN 201 ? 1_555 SG ? A CYS 11 ? A CYS 11 ? 1_555 110.9 ? 
2 OD2 ? A ASP 8  ? A ASP 8  ? 1_555 ZN ? B ZN . ? A ZN 201 ? 1_555 SG ? A CYS 18 ? A CYS 18 ? 1_555 95.4  ? 
3 SG  ? A CYS 11 ? A CYS 11 ? 1_555 ZN ? B ZN . ? A ZN 201 ? 1_555 SG ? A CYS 18 ? A CYS 18 ? 1_555 112.0 ? 
4 OD2 ? A ASP 8  ? A ASP 8  ? 1_555 ZN ? B ZN . ? A ZN 201 ? 1_555 SG ? A CYS 21 ? A CYS 21 ? 1_555 96.7  ? 
5 SG  ? A CYS 11 ? A CYS 11 ? 1_555 ZN ? B ZN . ? A ZN 201 ? 1_555 SG ? A CYS 21 ? A CYS 21 ? 1_555 122.3 ? 
6 SG  ? A CYS 18 ? A CYS 18 ? 1_555 ZN ? B ZN . ? A ZN 201 ? 1_555 SG ? A CYS 21 ? A CYS 21 ? 1_555 114.6 ? 
# 
_struct_mon_prot_cis.pdbx_id                1 
_struct_mon_prot_cis.label_comp_id          SER 
_struct_mon_prot_cis.label_seq_id           115 
_struct_mon_prot_cis.label_asym_id          A 
_struct_mon_prot_cis.label_alt_id           . 
_struct_mon_prot_cis.pdbx_PDB_ins_code      ? 
_struct_mon_prot_cis.auth_comp_id           SER 
_struct_mon_prot_cis.auth_seq_id            115 
_struct_mon_prot_cis.auth_asym_id           A 
_struct_mon_prot_cis.pdbx_label_comp_id_2   PRO 
_struct_mon_prot_cis.pdbx_label_seq_id_2    116 
_struct_mon_prot_cis.pdbx_label_asym_id_2   A 
_struct_mon_prot_cis.pdbx_PDB_ins_code_2    ? 
_struct_mon_prot_cis.pdbx_auth_comp_id_2    PRO 
_struct_mon_prot_cis.pdbx_auth_seq_id_2     116 
_struct_mon_prot_cis.pdbx_auth_asym_id_2    A 
_struct_mon_prot_cis.pdbx_PDB_model_num     1 
_struct_mon_prot_cis.pdbx_omega_angle       7.08 
# 
loop_
_struct_sheet.id 
_struct_sheet.type 
_struct_sheet.number_strands 
_struct_sheet.details 
AA1 ? 4 ? 
AA2 ? 3 ? 
# 
loop_
_struct_sheet_order.sheet_id 
_struct_sheet_order.range_id_1 
_struct_sheet_order.range_id_2 
_struct_sheet_order.offset 
_struct_sheet_order.sense 
AA1 1 2 ? parallel      
AA1 2 3 ? anti-parallel 
AA1 3 4 ? parallel      
AA2 1 2 ? anti-parallel 
AA2 2 3 ? parallel      
# 
loop_
_struct_sheet_range.sheet_id 
_struct_sheet_range.id 
_struct_sheet_range.beg_label_comp_id 
_struct_sheet_range.beg_label_asym_id 
_struct_sheet_range.beg_label_seq_id 
_struct_sheet_range.pdbx_beg_PDB_ins_code 
_struct_sheet_range.end_label_comp_id 
_struct_sheet_range.end_label_asym_id 
_struct_sheet_range.end_label_seq_id 
_struct_sheet_range.pdbx_end_PDB_ins_code 
_struct_sheet_range.beg_auth_comp_id 
_struct_sheet_range.beg_auth_asym_id 
_struct_sheet_range.beg_auth_seq_id 
_struct_sheet_range.end_auth_comp_id 
_struct_sheet_range.end_auth_asym_id 
_struct_sheet_range.end_auth_seq_id 
AA1 1 LYS A 2   ? MET A 3   ? LYS A 2   MET A 3   
AA1 2 THR A 56  ? VAL A 63  ? THR A 56  VAL A 63  
AA1 3 LEU A 66  ? THR A 72  ? LEU A 66  THR A 72  
AA1 4 LYS A 96  ? GLU A 101 ? LYS A 96  GLU A 101 
AA2 1 VAL A 119 ? TRP A 126 ? VAL A 119 TRP A 126 
AA2 2 VAL A 132 ? VAL A 138 ? VAL A 132 VAL A 138 
AA2 3 VAL A 165 ? VAL A 169 ? VAL A 165 VAL A 169 
# 
loop_
_pdbx_struct_sheet_hbond.sheet_id 
_pdbx_struct_sheet_hbond.range_id_1 
_pdbx_struct_sheet_hbond.range_id_2 
_pdbx_struct_sheet_hbond.range_1_label_atom_id 
_pdbx_struct_sheet_hbond.range_1_label_comp_id 
_pdbx_struct_sheet_hbond.range_1_label_asym_id 
_pdbx_struct_sheet_hbond.range_1_label_seq_id 
_pdbx_struct_sheet_hbond.range_1_PDB_ins_code 
_pdbx_struct_sheet_hbond.range_1_auth_atom_id 
_pdbx_struct_sheet_hbond.range_1_auth_comp_id 
_pdbx_struct_sheet_hbond.range_1_auth_asym_id 
_pdbx_struct_sheet_hbond.range_1_auth_seq_id 
_pdbx_struct_sheet_hbond.range_2_label_atom_id 
_pdbx_struct_sheet_hbond.range_2_label_comp_id 
_pdbx_struct_sheet_hbond.range_2_label_asym_id 
_pdbx_struct_sheet_hbond.range_2_label_seq_id 
_pdbx_struct_sheet_hbond.range_2_PDB_ins_code 
_pdbx_struct_sheet_hbond.range_2_auth_atom_id 
_pdbx_struct_sheet_hbond.range_2_auth_comp_id 
_pdbx_struct_sheet_hbond.range_2_auth_asym_id 
_pdbx_struct_sheet_hbond.range_2_auth_seq_id 
AA1 1 2 N LYS A 2   ? N LYS A 2   O TYR A 57  ? O TYR A 57  
AA1 2 3 N TYR A 61  ? N TYR A 61  O ILE A 68  ? O ILE A 68  
AA1 3 4 N LEU A 69  ? N LEU A 69  O LEU A 100 ? O LEU A 100 
AA2 1 2 N VAL A 125 ? N VAL A 125 O GLN A 133 ? O GLN A 133 
AA2 2 3 N ILE A 136 ? N ILE A 136 O ARG A 166 ? O ARG A 166 
# 
_pdbx_entry_details.entry_id                   9F9U 
_pdbx_entry_details.has_ligand_of_interest     N 
_pdbx_entry_details.compound_details           ? 
_pdbx_entry_details.source_details             ? 
_pdbx_entry_details.nonpolymer_details         ? 
_pdbx_entry_details.sequence_details           ? 
_pdbx_entry_details.has_protein_modification   N 
# 
loop_
_pdbx_validate_close_contact.id 
_pdbx_validate_close_contact.PDB_model_num 
_pdbx_validate_close_contact.auth_atom_id_1 
_pdbx_validate_close_contact.auth_asym_id_1 
_pdbx_validate_close_contact.auth_comp_id_1 
_pdbx_validate_close_contact.auth_seq_id_1 
_pdbx_validate_close_contact.PDB_ins_code_1 
_pdbx_validate_close_contact.label_alt_id_1 
_pdbx_validate_close_contact.auth_atom_id_2 
_pdbx_validate_close_contact.auth_asym_id_2 
_pdbx_validate_close_contact.auth_comp_id_2 
_pdbx_validate_close_contact.auth_seq_id_2 
_pdbx_validate_close_contact.PDB_ins_code_2 
_pdbx_validate_close_contact.label_alt_id_2 
_pdbx_validate_close_contact.dist 
1 1 NZ  A LYS 107 ? ? O A HOH 301 ? ? 1.92 
2 1 OG1 A THR 47  ? ? O A HOH 302 ? ? 2.03 
3 1 OE1 A GLN 112 ? ? O A HOH 303 ? ? 2.10 
4 1 NH1 A ARG 143 ? ? O A HOH 304 ? ? 2.19 
# 
_pdbx_validate_rmsd_angle.id                         1 
_pdbx_validate_rmsd_angle.PDB_model_num              1 
_pdbx_validate_rmsd_angle.auth_atom_id_1             CD 
_pdbx_validate_rmsd_angle.auth_asym_id_1             A 
_pdbx_validate_rmsd_angle.auth_comp_id_1             LYS 
_pdbx_validate_rmsd_angle.auth_seq_id_1              50 
_pdbx_validate_rmsd_angle.PDB_ins_code_1             ? 
_pdbx_validate_rmsd_angle.label_alt_id_1             ? 
_pdbx_validate_rmsd_angle.auth_atom_id_2             CE 
_pdbx_validate_rmsd_angle.auth_asym_id_2             A 
_pdbx_validate_rmsd_angle.auth_comp_id_2             LYS 
_pdbx_validate_rmsd_angle.auth_seq_id_2              50 
_pdbx_validate_rmsd_angle.PDB_ins_code_2             ? 
_pdbx_validate_rmsd_angle.label_alt_id_2             ? 
_pdbx_validate_rmsd_angle.auth_atom_id_3             NZ 
_pdbx_validate_rmsd_angle.auth_asym_id_3             A 
_pdbx_validate_rmsd_angle.auth_comp_id_3             LYS 
_pdbx_validate_rmsd_angle.auth_seq_id_3              50 
_pdbx_validate_rmsd_angle.PDB_ins_code_3             ? 
_pdbx_validate_rmsd_angle.label_alt_id_3             ? 
_pdbx_validate_rmsd_angle.angle_value                96.64 
_pdbx_validate_rmsd_angle.angle_target_value         111.70 
_pdbx_validate_rmsd_angle.angle_deviation            -15.06 
_pdbx_validate_rmsd_angle.angle_standard_deviation   2.30 
_pdbx_validate_rmsd_angle.linker_flag                N 
# 
loop_
_pdbx_validate_torsion.id 
_pdbx_validate_torsion.PDB_model_num 
_pdbx_validate_torsion.auth_comp_id 
_pdbx_validate_torsion.auth_asym_id 
_pdbx_validate_torsion.auth_seq_id 
_pdbx_validate_torsion.PDB_ins_code 
_pdbx_validate_torsion.label_alt_id 
_pdbx_validate_torsion.phi 
_pdbx_validate_torsion.psi 
1 1 THR A 47 ? ? -132.75 -31.91  
2 1 HIS A 58 ? ? -91.31  -68.34  
3 1 ASP A 64 ? ? 54.85   -122.64 
# 
loop_
_space_group_symop.id 
_space_group_symop.operation_xyz 
1 x,y,z       
2 -x,y+1/2,-z 
# 
loop_
_chem_comp_atom.comp_id 
_chem_comp_atom.atom_id 
_chem_comp_atom.type_symbol 
_chem_comp_atom.pdbx_aromatic_flag 
_chem_comp_atom.pdbx_stereo_config 
_chem_comp_atom.pdbx_ordinal 
ALA N    N  N N 1   
ALA CA   C  N S 2   
ALA C    C  N N 3   
ALA O    O  N N 4   
ALA CB   C  N N 5   
ALA OXT  O  N N 6   
ALA H    H  N N 7   
ALA H2   H  N N 8   
ALA HA   H  N N 9   
ALA HB1  H  N N 10  
ALA HB2  H  N N 11  
ALA HB3  H  N N 12  
ALA HXT  H  N N 13  
ARG N    N  N N 14  
ARG CA   C  N S 15  
ARG C    C  N N 16  
ARG O    O  N N 17  
ARG CB   C  N N 18  
ARG CG   C  N N 19  
ARG CD   C  N N 20  
ARG NE   N  N N 21  
ARG CZ   C  N N 22  
ARG NH1  N  N N 23  
ARG NH2  N  N N 24  
ARG OXT  O  N N 25  
ARG H    H  N N 26  
ARG H2   H  N N 27  
ARG HA   H  N N 28  
ARG HB2  H  N N 29  
ARG HB3  H  N N 30  
ARG HG2  H  N N 31  
ARG HG3  H  N N 32  
ARG HD2  H  N N 33  
ARG HD3  H  N N 34  
ARG HE   H  N N 35  
ARG HH11 H  N N 36  
ARG HH12 H  N N 37  
ARG HH21 H  N N 38  
ARG HH22 H  N N 39  
ARG HXT  H  N N 40  
ASN N    N  N N 41  
ASN CA   C  N S 42  
ASN C    C  N N 43  
ASN O    O  N N 44  
ASN CB   C  N N 45  
ASN CG   C  N N 46  
ASN OD1  O  N N 47  
ASN ND2  N  N N 48  
ASN OXT  O  N N 49  
ASN H    H  N N 50  
ASN H2   H  N N 51  
ASN HA   H  N N 52  
ASN HB2  H  N N 53  
ASN HB3  H  N N 54  
ASN HD21 H  N N 55  
ASN HD22 H  N N 56  
ASN HXT  H  N N 57  
ASP N    N  N N 58  
ASP CA   C  N S 59  
ASP C    C  N N 60  
ASP O    O  N N 61  
ASP CB   C  N N 62  
ASP CG   C  N N 63  
ASP OD1  O  N N 64  
ASP OD2  O  N N 65  
ASP OXT  O  N N 66  
ASP H    H  N N 67  
ASP H2   H  N N 68  
ASP HA   H  N N 69  
ASP HB2  H  N N 70  
ASP HB3  H  N N 71  
ASP HD2  H  N N 72  
ASP HXT  H  N N 73  
CYS N    N  N N 74  
CYS CA   C  N R 75  
CYS C    C  N N 76  
CYS O    O  N N 77  
CYS CB   C  N N 78  
CYS SG   S  N N 79  
CYS OXT  O  N N 80  
CYS H    H  N N 81  
CYS H2   H  N N 82  
CYS HA   H  N N 83  
CYS HB2  H  N N 84  
CYS HB3  H  N N 85  
CYS HG   H  N N 86  
CYS HXT  H  N N 87  
GLN N    N  N N 88  
GLN CA   C  N S 89  
GLN C    C  N N 90  
GLN O    O  N N 91  
GLN CB   C  N N 92  
GLN CG   C  N N 93  
GLN CD   C  N N 94  
GLN OE1  O  N N 95  
GLN NE2  N  N N 96  
GLN OXT  O  N N 97  
GLN H    H  N N 98  
GLN H2   H  N N 99  
GLN HA   H  N N 100 
GLN HB2  H  N N 101 
GLN HB3  H  N N 102 
GLN HG2  H  N N 103 
GLN HG3  H  N N 104 
GLN HE21 H  N N 105 
GLN HE22 H  N N 106 
GLN HXT  H  N N 107 
GLU N    N  N N 108 
GLU CA   C  N S 109 
GLU C    C  N N 110 
GLU O    O  N N 111 
GLU CB   C  N N 112 
GLU CG   C  N N 113 
GLU CD   C  N N 114 
GLU OE1  O  N N 115 
GLU OE2  O  N N 116 
GLU OXT  O  N N 117 
GLU H    H  N N 118 
GLU H2   H  N N 119 
GLU HA   H  N N 120 
GLU HB2  H  N N 121 
GLU HB3  H  N N 122 
GLU HG2  H  N N 123 
GLU HG3  H  N N 124 
GLU HE2  H  N N 125 
GLU HXT  H  N N 126 
GLY N    N  N N 127 
GLY CA   C  N N 128 
GLY C    C  N N 129 
GLY O    O  N N 130 
GLY OXT  O  N N 131 
GLY H    H  N N 132 
GLY H2   H  N N 133 
GLY HA2  H  N N 134 
GLY HA3  H  N N 135 
GLY HXT  H  N N 136 
HIS N    N  N N 137 
HIS CA   C  N S 138 
HIS C    C  N N 139 
HIS O    O  N N 140 
HIS CB   C  N N 141 
HIS CG   C  Y N 142 
HIS ND1  N  Y N 143 
HIS CD2  C  Y N 144 
HIS CE1  C  Y N 145 
HIS NE2  N  Y N 146 
HIS OXT  O  N N 147 
HIS H    H  N N 148 
HIS H2   H  N N 149 
HIS HA   H  N N 150 
HIS HB2  H  N N 151 
HIS HB3  H  N N 152 
HIS HD1  H  N N 153 
HIS HD2  H  N N 154 
HIS HE1  H  N N 155 
HIS HE2  H  N N 156 
HIS HXT  H  N N 157 
HOH O    O  N N 158 
HOH H1   H  N N 159 
HOH H2   H  N N 160 
ILE N    N  N N 161 
ILE CA   C  N S 162 
ILE C    C  N N 163 
ILE O    O  N N 164 
ILE CB   C  N S 165 
ILE CG1  C  N N 166 
ILE CG2  C  N N 167 
ILE CD1  C  N N 168 
ILE OXT  O  N N 169 
ILE H    H  N N 170 
ILE H2   H  N N 171 
ILE HA   H  N N 172 
ILE HB   H  N N 173 
ILE HG12 H  N N 174 
ILE HG13 H  N N 175 
ILE HG21 H  N N 176 
ILE HG22 H  N N 177 
ILE HG23 H  N N 178 
ILE HD11 H  N N 179 
ILE HD12 H  N N 180 
ILE HD13 H  N N 181 
ILE HXT  H  N N 182 
LEU N    N  N N 183 
LEU CA   C  N S 184 
LEU C    C  N N 185 
LEU O    O  N N 186 
LEU CB   C  N N 187 
LEU CG   C  N N 188 
LEU CD1  C  N N 189 
LEU CD2  C  N N 190 
LEU OXT  O  N N 191 
LEU H    H  N N 192 
LEU H2   H  N N 193 
LEU HA   H  N N 194 
LEU HB2  H  N N 195 
LEU HB3  H  N N 196 
LEU HG   H  N N 197 
LEU HD11 H  N N 198 
LEU HD12 H  N N 199 
LEU HD13 H  N N 200 
LEU HD21 H  N N 201 
LEU HD22 H  N N 202 
LEU HD23 H  N N 203 
LEU HXT  H  N N 204 
LYS N    N  N N 205 
LYS CA   C  N S 206 
LYS C    C  N N 207 
LYS O    O  N N 208 
LYS CB   C  N N 209 
LYS CG   C  N N 210 
LYS CD   C  N N 211 
LYS CE   C  N N 212 
LYS NZ   N  N N 213 
LYS OXT  O  N N 214 
LYS H    H  N N 215 
LYS H2   H  N N 216 
LYS HA   H  N N 217 
LYS HB2  H  N N 218 
LYS HB3  H  N N 219 
LYS HG2  H  N N 220 
LYS HG3  H  N N 221 
LYS HD2  H  N N 222 
LYS HD3  H  N N 223 
LYS HE2  H  N N 224 
LYS HE3  H  N N 225 
LYS HZ1  H  N N 226 
LYS HZ2  H  N N 227 
LYS HZ3  H  N N 228 
LYS HXT  H  N N 229 
MET N    N  N N 230 
MET CA   C  N S 231 
MET C    C  N N 232 
MET O    O  N N 233 
MET CB   C  N N 234 
MET CG   C  N N 235 
MET SD   S  N N 236 
MET CE   C  N N 237 
MET OXT  O  N N 238 
MET H    H  N N 239 
MET H2   H  N N 240 
MET HA   H  N N 241 
MET HB2  H  N N 242 
MET HB3  H  N N 243 
MET HG2  H  N N 244 
MET HG3  H  N N 245 
MET HE1  H  N N 246 
MET HE2  H  N N 247 
MET HE3  H  N N 248 
MET HXT  H  N N 249 
PHE N    N  N N 250 
PHE CA   C  N S 251 
PHE C    C  N N 252 
PHE O    O  N N 253 
PHE CB   C  N N 254 
PHE CG   C  Y N 255 
PHE CD1  C  Y N 256 
PHE CD2  C  Y N 257 
PHE CE1  C  Y N 258 
PHE CE2  C  Y N 259 
PHE CZ   C  Y N 260 
PHE OXT  O  N N 261 
PHE H    H  N N 262 
PHE H2   H  N N 263 
PHE HA   H  N N 264 
PHE HB2  H  N N 265 
PHE HB3  H  N N 266 
PHE HD1  H  N N 267 
PHE HD2  H  N N 268 
PHE HE1  H  N N 269 
PHE HE2  H  N N 270 
PHE HZ   H  N N 271 
PHE HXT  H  N N 272 
PRO N    N  N N 273 
PRO CA   C  N S 274 
PRO C    C  N N 275 
PRO O    O  N N 276 
PRO CB   C  N N 277 
PRO CG   C  N N 278 
PRO CD   C  N N 279 
PRO OXT  O  N N 280 
PRO H    H  N N 281 
PRO HA   H  N N 282 
PRO HB2  H  N N 283 
PRO HB3  H  N N 284 
PRO HG2  H  N N 285 
PRO HG3  H  N N 286 
PRO HD2  H  N N 287 
PRO HD3  H  N N 288 
PRO HXT  H  N N 289 
SER N    N  N N 290 
SER CA   C  N S 291 
SER C    C  N N 292 
SER O    O  N N 293 
SER CB   C  N N 294 
SER OG   O  N N 295 
SER OXT  O  N N 296 
SER H    H  N N 297 
SER H2   H  N N 298 
SER HA   H  N N 299 
SER HB2  H  N N 300 
SER HB3  H  N N 301 
SER HG   H  N N 302 
SER HXT  H  N N 303 
THR N    N  N N 304 
THR CA   C  N S 305 
THR C    C  N N 306 
THR O    O  N N 307 
THR CB   C  N R 308 
THR OG1  O  N N 309 
THR CG2  C  N N 310 
THR OXT  O  N N 311 
THR H    H  N N 312 
THR H2   H  N N 313 
THR HA   H  N N 314 
THR HB   H  N N 315 
THR HG1  H  N N 316 
THR HG21 H  N N 317 
THR HG22 H  N N 318 
THR HG23 H  N N 319 
THR HXT  H  N N 320 
TRP N    N  N N 321 
TRP CA   C  N S 322 
TRP C    C  N N 323 
TRP O    O  N N 324 
TRP CB   C  N N 325 
TRP CG   C  Y N 326 
TRP CD1  C  Y N 327 
TRP CD2  C  Y N 328 
TRP NE1  N  Y N 329 
TRP CE2  C  Y N 330 
TRP CE3  C  Y N 331 
TRP CZ2  C  Y N 332 
TRP CZ3  C  Y N 333 
TRP CH2  C  Y N 334 
TRP OXT  O  N N 335 
TRP H    H  N N 336 
TRP H2   H  N N 337 
TRP HA   H  N N 338 
TRP HB2  H  N N 339 
TRP HB3  H  N N 340 
TRP HD1  H  N N 341 
TRP HE1  H  N N 342 
TRP HE3  H  N N 343 
TRP HZ2  H  N N 344 
TRP HZ3  H  N N 345 
TRP HH2  H  N N 346 
TRP HXT  H  N N 347 
TYR N    N  N N 348 
TYR CA   C  N S 349 
TYR C    C  N N 350 
TYR O    O  N N 351 
TYR CB   C  N N 352 
TYR CG   C  Y N 353 
TYR CD1  C  Y N 354 
TYR CD2  C  Y N 355 
TYR CE1  C  Y N 356 
TYR CE2  C  Y N 357 
TYR CZ   C  Y N 358 
TYR OH   O  N N 359 
TYR OXT  O  N N 360 
TYR H    H  N N 361 
TYR H2   H  N N 362 
TYR HA   H  N N 363 
TYR HB2  H  N N 364 
TYR HB3  H  N N 365 
TYR HD1  H  N N 366 
TYR HD2  H  N N 367 
TYR HE1  H  N N 368 
TYR HE2  H  N N 369 
TYR HH   H  N N 370 
TYR HXT  H  N N 371 
VAL N    N  N N 372 
VAL CA   C  N S 373 
VAL C    C  N N 374 
VAL O    O  N N 375 
VAL CB   C  N N 376 
VAL CG1  C  N N 377 
VAL CG2  C  N N 378 
VAL OXT  O  N N 379 
VAL H    H  N N 380 
VAL H2   H  N N 381 
VAL HA   H  N N 382 
VAL HB   H  N N 383 
VAL HG11 H  N N 384 
VAL HG12 H  N N 385 
VAL HG13 H  N N 386 
VAL HG21 H  N N 387 
VAL HG22 H  N N 388 
VAL HG23 H  N N 389 
VAL HXT  H  N N 390 
ZN  ZN   ZN N N 391 
# 
loop_
_chem_comp_bond.comp_id 
_chem_comp_bond.atom_id_1 
_chem_comp_bond.atom_id_2 
_chem_comp_bond.value_order 
_chem_comp_bond.pdbx_aromatic_flag 
_chem_comp_bond.pdbx_stereo_config 
_chem_comp_bond.pdbx_ordinal 
ALA N   CA   sing N N 1   
ALA N   H    sing N N 2   
ALA N   H2   sing N N 3   
ALA CA  C    sing N N 4   
ALA CA  CB   sing N N 5   
ALA CA  HA   sing N N 6   
ALA C   O    doub N N 7   
ALA C   OXT  sing N N 8   
ALA CB  HB1  sing N N 9   
ALA CB  HB2  sing N N 10  
ALA CB  HB3  sing N N 11  
ALA OXT HXT  sing N N 12  
ARG N   CA   sing N N 13  
ARG N   H    sing N N 14  
ARG N   H2   sing N N 15  
ARG CA  C    sing N N 16  
ARG CA  CB   sing N N 17  
ARG CA  HA   sing N N 18  
ARG C   O    doub N N 19  
ARG C   OXT  sing N N 20  
ARG CB  CG   sing N N 21  
ARG CB  HB2  sing N N 22  
ARG CB  HB3  sing N N 23  
ARG CG  CD   sing N N 24  
ARG CG  HG2  sing N N 25  
ARG CG  HG3  sing N N 26  
ARG CD  NE   sing N N 27  
ARG CD  HD2  sing N N 28  
ARG CD  HD3  sing N N 29  
ARG NE  CZ   sing N N 30  
ARG NE  HE   sing N N 31  
ARG CZ  NH1  sing N N 32  
ARG CZ  NH2  doub N N 33  
ARG NH1 HH11 sing N N 34  
ARG NH1 HH12 sing N N 35  
ARG NH2 HH21 sing N N 36  
ARG NH2 HH22 sing N N 37  
ARG OXT HXT  sing N N 38  
ASN N   CA   sing N N 39  
ASN N   H    sing N N 40  
ASN N   H2   sing N N 41  
ASN CA  C    sing N N 42  
ASN CA  CB   sing N N 43  
ASN CA  HA   sing N N 44  
ASN C   O    doub N N 45  
ASN C   OXT  sing N N 46  
ASN CB  CG   sing N N 47  
ASN CB  HB2  sing N N 48  
ASN CB  HB3  sing N N 49  
ASN CG  OD1  doub N N 50  
ASN CG  ND2  sing N N 51  
ASN ND2 HD21 sing N N 52  
ASN ND2 HD22 sing N N 53  
ASN OXT HXT  sing N N 54  
ASP N   CA   sing N N 55  
ASP N   H    sing N N 56  
ASP N   H2   sing N N 57  
ASP CA  C    sing N N 58  
ASP CA  CB   sing N N 59  
ASP CA  HA   sing N N 60  
ASP C   O    doub N N 61  
ASP C   OXT  sing N N 62  
ASP CB  CG   sing N N 63  
ASP CB  HB2  sing N N 64  
ASP CB  HB3  sing N N 65  
ASP CG  OD1  doub N N 66  
ASP CG  OD2  sing N N 67  
ASP OD2 HD2  sing N N 68  
ASP OXT HXT  sing N N 69  
CYS N   CA   sing N N 70  
CYS N   H    sing N N 71  
CYS N   H2   sing N N 72  
CYS CA  C    sing N N 73  
CYS CA  CB   sing N N 74  
CYS CA  HA   sing N N 75  
CYS C   O    doub N N 76  
CYS C   OXT  sing N N 77  
CYS CB  SG   sing N N 78  
CYS CB  HB2  sing N N 79  
CYS CB  HB3  sing N N 80  
CYS SG  HG   sing N N 81  
CYS OXT HXT  sing N N 82  
GLN N   CA   sing N N 83  
GLN N   H    sing N N 84  
GLN N   H2   sing N N 85  
GLN CA  C    sing N N 86  
GLN CA  CB   sing N N 87  
GLN CA  HA   sing N N 88  
GLN C   O    doub N N 89  
GLN C   OXT  sing N N 90  
GLN CB  CG   sing N N 91  
GLN CB  HB2  sing N N 92  
GLN CB  HB3  sing N N 93  
GLN CG  CD   sing N N 94  
GLN CG  HG2  sing N N 95  
GLN CG  HG3  sing N N 96  
GLN CD  OE1  doub N N 97  
GLN CD  NE2  sing N N 98  
GLN NE2 HE21 sing N N 99  
GLN NE2 HE22 sing N N 100 
GLN OXT HXT  sing N N 101 
GLU N   CA   sing N N 102 
GLU N   H    sing N N 103 
GLU N   H2   sing N N 104 
GLU CA  C    sing N N 105 
GLU CA  CB   sing N N 106 
GLU CA  HA   sing N N 107 
GLU C   O    doub N N 108 
GLU C   OXT  sing N N 109 
GLU CB  CG   sing N N 110 
GLU CB  HB2  sing N N 111 
GLU CB  HB3  sing N N 112 
GLU CG  CD   sing N N 113 
GLU CG  HG2  sing N N 114 
GLU CG  HG3  sing N N 115 
GLU CD  OE1  doub N N 116 
GLU CD  OE2  sing N N 117 
GLU OE2 HE2  sing N N 118 
GLU OXT HXT  sing N N 119 
GLY N   CA   sing N N 120 
GLY N   H    sing N N 121 
GLY N   H2   sing N N 122 
GLY CA  C    sing N N 123 
GLY CA  HA2  sing N N 124 
GLY CA  HA3  sing N N 125 
GLY C   O    doub N N 126 
GLY C   OXT  sing N N 127 
GLY OXT HXT  sing N N 128 
HIS N   CA   sing N N 129 
HIS N   H    sing N N 130 
HIS N   H2   sing N N 131 
HIS CA  C    sing N N 132 
HIS CA  CB   sing N N 133 
HIS CA  HA   sing N N 134 
HIS C   O    doub N N 135 
HIS C   OXT  sing N N 136 
HIS CB  CG   sing N N 137 
HIS CB  HB2  sing N N 138 
HIS CB  HB3  sing N N 139 
HIS CG  ND1  sing Y N 140 
HIS CG  CD2  doub Y N 141 
HIS ND1 CE1  doub Y N 142 
HIS ND1 HD1  sing N N 143 
HIS CD2 NE2  sing Y N 144 
HIS CD2 HD2  sing N N 145 
HIS CE1 NE2  sing Y N 146 
HIS CE1 HE1  sing N N 147 
HIS NE2 HE2  sing N N 148 
HIS OXT HXT  sing N N 149 
HOH O   H1   sing N N 150 
HOH O   H2   sing N N 151 
ILE N   CA   sing N N 152 
ILE N   H    sing N N 153 
ILE N   H2   sing N N 154 
ILE CA  C    sing N N 155 
ILE CA  CB   sing N N 156 
ILE CA  HA   sing N N 157 
ILE C   O    doub N N 158 
ILE C   OXT  sing N N 159 
ILE CB  CG1  sing N N 160 
ILE CB  CG2  sing N N 161 
ILE CB  HB   sing N N 162 
ILE CG1 CD1  sing N N 163 
ILE CG1 HG12 sing N N 164 
ILE CG1 HG13 sing N N 165 
ILE CG2 HG21 sing N N 166 
ILE CG2 HG22 sing N N 167 
ILE CG2 HG23 sing N N 168 
ILE CD1 HD11 sing N N 169 
ILE CD1 HD12 sing N N 170 
ILE CD1 HD13 sing N N 171 
ILE OXT HXT  sing N N 172 
LEU N   CA   sing N N 173 
LEU N   H    sing N N 174 
LEU N   H2   sing N N 175 
LEU CA  C    sing N N 176 
LEU CA  CB   sing N N 177 
LEU CA  HA   sing N N 178 
LEU C   O    doub N N 179 
LEU C   OXT  sing N N 180 
LEU CB  CG   sing N N 181 
LEU CB  HB2  sing N N 182 
LEU CB  HB3  sing N N 183 
LEU CG  CD1  sing N N 184 
LEU CG  CD2  sing N N 185 
LEU CG  HG   sing N N 186 
LEU CD1 HD11 sing N N 187 
LEU CD1 HD12 sing N N 188 
LEU CD1 HD13 sing N N 189 
LEU CD2 HD21 sing N N 190 
LEU CD2 HD22 sing N N 191 
LEU CD2 HD23 sing N N 192 
LEU OXT HXT  sing N N 193 
LYS N   CA   sing N N 194 
LYS N   H    sing N N 195 
LYS N   H2   sing N N 196 
LYS CA  C    sing N N 197 
LYS CA  CB   sing N N 198 
LYS CA  HA   sing N N 199 
LYS C   O    doub N N 200 
LYS C   OXT  sing N N 201 
LYS CB  CG   sing N N 202 
LYS CB  HB2  sing N N 203 
LYS CB  HB3  sing N N 204 
LYS CG  CD   sing N N 205 
LYS CG  HG2  sing N N 206 
LYS CG  HG3  sing N N 207 
LYS CD  CE   sing N N 208 
LYS CD  HD2  sing N N 209 
LYS CD  HD3  sing N N 210 
LYS CE  NZ   sing N N 211 
LYS CE  HE2  sing N N 212 
LYS CE  HE3  sing N N 213 
LYS NZ  HZ1  sing N N 214 
LYS NZ  HZ2  sing N N 215 
LYS NZ  HZ3  sing N N 216 
LYS OXT HXT  sing N N 217 
MET N   CA   sing N N 218 
MET N   H    sing N N 219 
MET N   H2   sing N N 220 
MET CA  C    sing N N 221 
MET CA  CB   sing N N 222 
MET CA  HA   sing N N 223 
MET C   O    doub N N 224 
MET C   OXT  sing N N 225 
MET CB  CG   sing N N 226 
MET CB  HB2  sing N N 227 
MET CB  HB3  sing N N 228 
MET CG  SD   sing N N 229 
MET CG  HG2  sing N N 230 
MET CG  HG3  sing N N 231 
MET SD  CE   sing N N 232 
MET CE  HE1  sing N N 233 
MET CE  HE2  sing N N 234 
MET CE  HE3  sing N N 235 
MET OXT HXT  sing N N 236 
PHE N   CA   sing N N 237 
PHE N   H    sing N N 238 
PHE N   H2   sing N N 239 
PHE CA  C    sing N N 240 
PHE CA  CB   sing N N 241 
PHE CA  HA   sing N N 242 
PHE C   O    doub N N 243 
PHE C   OXT  sing N N 244 
PHE CB  CG   sing N N 245 
PHE CB  HB2  sing N N 246 
PHE CB  HB3  sing N N 247 
PHE CG  CD1  doub Y N 248 
PHE CG  CD2  sing Y N 249 
PHE CD1 CE1  sing Y N 250 
PHE CD1 HD1  sing N N 251 
PHE CD2 CE2  doub Y N 252 
PHE CD2 HD2  sing N N 253 
PHE CE1 CZ   doub Y N 254 
PHE CE1 HE1  sing N N 255 
PHE CE2 CZ   sing Y N 256 
PHE CE2 HE2  sing N N 257 
PHE CZ  HZ   sing N N 258 
PHE OXT HXT  sing N N 259 
PRO N   CA   sing N N 260 
PRO N   CD   sing N N 261 
PRO N   H    sing N N 262 
PRO CA  C    sing N N 263 
PRO CA  CB   sing N N 264 
PRO CA  HA   sing N N 265 
PRO C   O    doub N N 266 
PRO C   OXT  sing N N 267 
PRO CB  CG   sing N N 268 
PRO CB  HB2  sing N N 269 
PRO CB  HB3  sing N N 270 
PRO CG  CD   sing N N 271 
PRO CG  HG2  sing N N 272 
PRO CG  HG3  sing N N 273 
PRO CD  HD2  sing N N 274 
PRO CD  HD3  sing N N 275 
PRO OXT HXT  sing N N 276 
SER N   CA   sing N N 277 
SER N   H    sing N N 278 
SER N   H2   sing N N 279 
SER CA  C    sing N N 280 
SER CA  CB   sing N N 281 
SER CA  HA   sing N N 282 
SER C   O    doub N N 283 
SER C   OXT  sing N N 284 
SER CB  OG   sing N N 285 
SER CB  HB2  sing N N 286 
SER CB  HB3  sing N N 287 
SER OG  HG   sing N N 288 
SER OXT HXT  sing N N 289 
THR N   CA   sing N N 290 
THR N   H    sing N N 291 
THR N   H2   sing N N 292 
THR CA  C    sing N N 293 
THR CA  CB   sing N N 294 
THR CA  HA   sing N N 295 
THR C   O    doub N N 296 
THR C   OXT  sing N N 297 
THR CB  OG1  sing N N 298 
THR CB  CG2  sing N N 299 
THR CB  HB   sing N N 300 
THR OG1 HG1  sing N N 301 
THR CG2 HG21 sing N N 302 
THR CG2 HG22 sing N N 303 
THR CG2 HG23 sing N N 304 
THR OXT HXT  sing N N 305 
TRP N   CA   sing N N 306 
TRP N   H    sing N N 307 
TRP N   H2   sing N N 308 
TRP CA  C    sing N N 309 
TRP CA  CB   sing N N 310 
TRP CA  HA   sing N N 311 
TRP C   O    doub N N 312 
TRP C   OXT  sing N N 313 
TRP CB  CG   sing N N 314 
TRP CB  HB2  sing N N 315 
TRP CB  HB3  sing N N 316 
TRP CG  CD1  doub Y N 317 
TRP CG  CD2  sing Y N 318 
TRP CD1 NE1  sing Y N 319 
TRP CD1 HD1  sing N N 320 
TRP CD2 CE2  doub Y N 321 
TRP CD2 CE3  sing Y N 322 
TRP NE1 CE2  sing Y N 323 
TRP NE1 HE1  sing N N 324 
TRP CE2 CZ2  sing Y N 325 
TRP CE3 CZ3  doub Y N 326 
TRP CE3 HE3  sing N N 327 
TRP CZ2 CH2  doub Y N 328 
TRP CZ2 HZ2  sing N N 329 
TRP CZ3 CH2  sing Y N 330 
TRP CZ3 HZ3  sing N N 331 
TRP CH2 HH2  sing N N 332 
TRP OXT HXT  sing N N 333 
TYR N   CA   sing N N 334 
TYR N   H    sing N N 335 
TYR N   H2   sing N N 336 
TYR CA  C    sing N N 337 
TYR CA  CB   sing N N 338 
TYR CA  HA   sing N N 339 
TYR C   O    doub N N 340 
TYR C   OXT  sing N N 341 
TYR CB  CG   sing N N 342 
TYR CB  HB2  sing N N 343 
TYR CB  HB3  sing N N 344 
TYR CG  CD1  doub Y N 345 
TYR CG  CD2  sing Y N 346 
TYR CD1 CE1  sing Y N 347 
TYR CD1 HD1  sing N N 348 
TYR CD2 CE2  doub Y N 349 
TYR CD2 HD2  sing N N 350 
TYR CE1 CZ   doub Y N 351 
TYR CE1 HE1  sing N N 352 
TYR CE2 CZ   sing Y N 353 
TYR CE2 HE2  sing N N 354 
TYR CZ  OH   sing N N 355 
TYR OH  HH   sing N N 356 
TYR OXT HXT  sing N N 357 
VAL N   CA   sing N N 358 
VAL N   H    sing N N 359 
VAL N   H2   sing N N 360 
VAL CA  C    sing N N 361 
VAL CA  CB   sing N N 362 
VAL CA  HA   sing N N 363 
VAL C   O    doub N N 364 
VAL C   OXT  sing N N 365 
VAL CB  CG1  sing N N 366 
VAL CB  CG2  sing N N 367 
VAL CB  HB   sing N N 368 
VAL CG1 HG11 sing N N 369 
VAL CG1 HG12 sing N N 370 
VAL CG1 HG13 sing N N 371 
VAL CG2 HG21 sing N N 372 
VAL CG2 HG22 sing N N 373 
VAL CG2 HG23 sing N N 374 
VAL OXT HXT  sing N N 375 
# 
_pdbx_audit_support.funding_organization   'Wellcome Trust' 
_pdbx_audit_support.country                'United Kingdom' 
_pdbx_audit_support.grant_number           207446/Z/17/Z 
_pdbx_audit_support.ordinal                1 
# 
_space_group.name_H-M_alt     'P 1 21 1' 
_space_group.name_Hall        'P 2yb' 
_space_group.IT_number        4 
_space_group.crystal_system   monoclinic 
_space_group.id               1 
# 
_atom_sites.entry_id                    9F9U 
_atom_sites.Cartn_transf_matrix[1][1]   ? 
_atom_sites.Cartn_transf_matrix[1][2]   ? 
_atom_sites.Cartn_transf_matrix[1][3]   ? 
_atom_sites.Cartn_transf_matrix[2][1]   ? 
_atom_sites.Cartn_transf_matrix[2][2]   ? 
_atom_sites.Cartn_transf_matrix[2][3]   ? 
_atom_sites.Cartn_transf_matrix[3][1]   ? 
_atom_sites.Cartn_transf_matrix[3][2]   ? 
_atom_sites.Cartn_transf_matrix[3][3]   ? 
_atom_sites.Cartn_transf_vector[1]      ? 
_atom_sites.Cartn_transf_vector[2]      ? 
_atom_sites.Cartn_transf_vector[3]      ? 
_atom_sites.Cartn_transform_axes        ? 
_atom_sites.fract_transf_matrix[1][1]   0.02446434 
_atom_sites.fract_transf_matrix[1][2]   -0.00433125 
_atom_sites.fract_transf_matrix[1][3]   -0.01751606 
_atom_sites.fract_transf_matrix[2][1]   -0.00703416 
_atom_sites.fract_transf_matrix[2][2]   -0.00902790 
_atom_sites.fract_transf_matrix[2][3]   -0.00759213 
_atom_sites.fract_transf_matrix[3][1]   0.00058298 
_atom_sites.fract_transf_matrix[3][2]   0.01635107 
_atom_sites.fract_transf_matrix[3][3]   -0.01998341 
_atom_sites.fract_transf_vector[1]      0.277917 
_atom_sites.fract_transf_vector[2]      0.132428 
_atom_sites.fract_transf_vector[3]      1.108974 
_atom_sites.solution_primary            ? 
_atom_sites.solution_secondary          ? 
_atom_sites.solution_hydrogens          ? 
_atom_sites.special_details             ? 
# 
loop_
_atom_type.symbol 
_atom_type.scat_dispersion_real 
_atom_type.scat_dispersion_imag 
_atom_type.scat_Cromer_Mann_a1 
_atom_type.scat_Cromer_Mann_a2 
_atom_type.scat_Cromer_Mann_a3 
_atom_type.scat_Cromer_Mann_a4 
_atom_type.scat_Cromer_Mann_b1 
_atom_type.scat_Cromer_Mann_b2 
_atom_type.scat_Cromer_Mann_b3 
_atom_type.scat_Cromer_Mann_b4 
_atom_type.scat_Cromer_Mann_c 
_atom_type.scat_source 
_atom_type.scat_dispersion_source 
C  ? ? 3.54356  2.42580 ? ? 25.62398 1.50364  ? ? 0.0 
;2-Gaussian fit: Grosse-Kunstleve RW, Sauter NK, Adams PD: Newsletter of the IUCr Commission on Crystallographic Computing 2004, 3, 22-31.
;
? 
N  ? ? 4.01032  2.96436 ? ? 19.97189 1.75589  ? ? 0.0 
;2-Gaussian fit: Grosse-Kunstleve RW, Sauter NK, Adams PD: Newsletter of the IUCr Commission on Crystallographic Computing 2004, 3, 22-31.
;
? 
O  ? ? 4.49882  3.47563 ? ? 15.80542 1.70748  ? ? 0.0 
;2-Gaussian fit: Grosse-Kunstleve RW, Sauter NK, Adams PD: Newsletter of the IUCr Commission on Crystallographic Computing 2004, 3, 22-31.
;
? 
S  ? ? 9.55732  6.39887 ? ? 1.23737  29.19336 ? ? 0.0 
;2-Gaussian fit: Grosse-Kunstleve RW, Sauter NK, Adams PD: Newsletter of the IUCr Commission on Crystallographic Computing 2004, 3, 22-31.
;
? 
ZN ? ? 24.64596 5.25405 ? ? 2.14387  29.76375 ? ? 0.0 
;2-Gaussian fit: Grosse-Kunstleve RW, Sauter NK, Adams PD: Newsletter of the IUCr Commission on Crystallographic Computing 2004, 3, 22-31.
;
? 
# 
loop_
_atom_site.group_PDB 
_atom_site.id 
_atom_site.type_symbol 
_atom_site.label_atom_id 
_atom_site.label_alt_id 
_atom_site.label_comp_id 
_atom_site.label_asym_id 
_atom_site.label_entity_id 
_atom_site.label_seq_id 
_atom_site.pdbx_PDB_ins_code 
_atom_site.Cartn_x 
_atom_site.Cartn_y 
_atom_site.Cartn_z 
_atom_site.occupancy 
_atom_site.B_iso_or_equiv 
_atom_site.pdbx_formal_charge 
_atom_site.auth_seq_id 
_atom_site.auth_comp_id 
_atom_site.auth_asym_id 
_atom_site.auth_atom_id 
_atom_site.pdbx_PDB_model_num 
ATOM   1    N  N   . MET A 1 1   ? 0.09287   -4.79440  16.67658  1.000 29.74663 ? 1   MET A N   1 
ATOM   2    C  CA  . MET A 1 1   ? 0.45559   -4.87409  15.25579  1.000 29.08551 ? 1   MET A CA  1 
ATOM   3    C  C   . MET A 1 1   ? 1.96261   -4.84017  15.03896  1.000 20.69936 ? 1   MET A C   1 
ATOM   4    O  O   . MET A 1 1   ? 2.66412   -3.97850  15.57909  1.000 25.80565 ? 1   MET A O   1 
ATOM   5    C  CB  . MET A 1 1   ? -0.18363  -3.72451  14.47580  1.000 30.14082 ? 1   MET A CB  1 
ATOM   6    C  CG  . MET A 1 1   ? -0.01508  -3.81016  12.96896  1.000 23.55307 ? 1   MET A CG  1 
ATOM   7    S  SD  . MET A 1 1   ? -0.73183  -2.34041  12.17855  1.000 25.70389 ? 1   MET A SD  1 
ATOM   8    C  CE  . MET A 1 1   ? 0.37563   -1.08801  12.85311  1.000 28.55917 ? 1   MET A CE  1 
ATOM   9    N  N   . LYS A 1 2   ? 2.46434   -5.76353  14.22939  1.000 23.32691 ? 2   LYS A N   1 
ATOM   10   C  CA  . LYS A 1 2   ? 3.89024   -5.79604  13.94031  1.000 26.64237 ? 2   LYS A CA  1 
ATOM   11   C  C   . LYS A 1 2   ? 4.24865   -4.74691  12.88884  1.000 27.60294 ? 2   LYS A C   1 
ATOM   12   O  O   . LYS A 1 2   ? 3.39141   -4.22653  12.18400  1.000 25.18301 ? 2   LYS A O   1 
ATOM   13   C  CB  . LYS A 1 2   ? 4.29848   -7.20206  13.47844  1.000 30.39218 ? 2   LYS A CB  1 
ATOM   14   C  CG  . LYS A 1 2   ? 3.98532   -8.24349  14.54871  1.000 30.11672 ? 2   LYS A CG  1 
ATOM   15   C  CD  . LYS A 1 2   ? 4.30657   -9.67249  14.11476  1.000 39.62567 ? 2   LYS A CD  1 
ATOM   16   C  CE  . LYS A 1 2   ? 3.18575   -10.29561 13.31838  1.000 42.04083 ? 2   LYS A CE  1 
ATOM   17   N  NZ  . LYS A 1 2   ? 3.66691   -11.55253 12.65941  1.000 48.68691 ? 2   LYS A NZ  1 
ATOM   18   N  N   . MET A 1 3   ? 5.54567   -4.45404  12.78011  1.000 29.41396 ? 3   MET A N   1 
ATOM   19   C  CA  . MET A 1 3   ? 6.05032   -3.40581  11.89740  1.000 28.38092 ? 3   MET A CA  1 
ATOM   20   C  C   . MET A 1 3   ? 7.34520   -3.87502  11.25272  1.000 33.47256 ? 3   MET A C   1 
ATOM   21   O  O   . MET A 1 3   ? 8.24979   -4.35260  11.94843  1.000 28.12851 ? 3   MET A O   1 
ATOM   22   C  CB  . MET A 1 3   ? 6.28771   -2.11922  12.69380  1.000 28.12780 ? 3   MET A CB  1 
ATOM   23   C  CG  . MET A 1 3   ? 5.06760   -1.64730  13.46163  1.000 31.06379 ? 3   MET A CG  1 
ATOM   24   S  SD  . MET A 1 3   ? 5.22295   0.01336   14.15273  1.000 28.52326 ? 3   MET A SD  1 
ATOM   25   C  CE  . MET A 1 3   ? 4.56049   -0.28618  15.77935  1.000 29.30995 ? 3   MET A CE  1 
ATOM   26   N  N   . LYS A 1 4   ? 7.42481   -3.75849  9.92870   1.000 35.02693 ? 4   LYS A N   1 
ATOM   27   C  CA  . LYS A 1 4   ? 8.67500   -4.06789  9.24301   1.000 32.78758 ? 4   LYS A CA  1 
ATOM   28   C  C   . LYS A 1 4   ? 9.81264   -3.23607  9.81543   1.000 35.43505 ? 4   LYS A C   1 
ATOM   29   O  O   . LYS A 1 4   ? 10.90297  -3.75618  10.09171  1.000 32.00758 ? 4   LYS A O   1 
ATOM   30   C  CB  . LYS A 1 4   ? 8.54743   -3.80690  7.74417   1.000 36.00284 ? 4   LYS A CB  1 
ATOM   31   C  CG  . LYS A 1 4   ? 9.84869   -4.08766  6.99724   1.000 40.11533 ? 4   LYS A CG  1 
ATOM   32   C  CD  . LYS A 1 4   ? 9.67816   -3.98503  5.50005   1.000 45.34037 ? 4   LYS A CD  1 
ATOM   33   C  CE  . LYS A 1 4   ? 9.56554   -2.51638  5.08536   1.000 46.29497 ? 4   LYS A CE  1 
ATOM   34   N  NZ  . LYS A 1 4   ? 10.86294  -2.01840  4.52834   1.000 54.45431 ? 4   LYS A NZ  1 
ATOM   35   N  N   . ILE A 1 5   ? 9.56865   -1.93754  9.99685   1.000 30.37929 ? 5   ILE A N   1 
ATOM   36   C  CA  . ILE A 1 5   ? 10.50943  -0.99413  10.60254  1.000 34.31636 ? 5   ILE A CA  1 
ATOM   37   C  C   . ILE A 1 5   ? 9.85332   -0.51080  11.89213  1.000 32.78532 ? 5   ILE A C   1 
ATOM   38   O  O   . ILE A 1 5   ? 9.06921   0.45003   11.86637  1.000 32.98148 ? 5   ILE A O   1 
ATOM   39   C  CB  . ILE A 1 5   ? 10.81944  0.18397   9.65953   1.000 38.62369 ? 5   ILE A CB  1 
ATOM   40   C  CG1 . ILE A 1 5   ? 11.37382  -0.29730  8.30723   1.000 39.20845 ? 5   ILE A CG1 1 
ATOM   41   C  CG2 . ILE A 1 5   ? 11.80633  1.14569   10.31339  1.000 35.93614 ? 5   ILE A CG2 1 
ATOM   42   C  CD1 . ILE A 1 5   ? 12.64763  -1.09079  8.39139   1.000 46.79172 ? 5   ILE A CD1 1 
ATOM   43   N  N   . PRO A 1 6   ? 10.10614  -1.15084  13.03004  1.000 29.77936 ? 6   PRO A N   1 
ATOM   44   C  CA  . PRO A 1 6   ? 9.26552   -0.89544  14.21140  1.000 26.31948 ? 6   PRO A CA  1 
ATOM   45   C  C   . PRO A 1 6   ? 9.47796   0.47621   14.85170  1.000 29.71917 ? 6   PRO A C   1 
ATOM   46   O  O   . PRO A 1 6   ? 10.60324  0.96623   14.99012  1.000 27.23581 ? 6   PRO A O   1 
ATOM   47   C  CB  . PRO A 1 6   ? 9.65117   -2.03065  15.17495  1.000 30.86014 ? 6   PRO A CB  1 
ATOM   48   C  CG  . PRO A 1 6   ? 10.40809  -3.04047  14.33337  1.000 28.86127 ? 6   PRO A CG  1 
ATOM   49   C  CD  . PRO A 1 6   ? 11.05639  -2.25973  13.24225  1.000 30.75851 ? 6   PRO A CD  1 
ATOM   50   N  N   . LEU A 1 7   ? 8.36502   1.08452   15.25859  1.000 27.47466 ? 7   LEU A N   1 
ATOM   51   C  CA  . LEU A 1 7   ? 8.37864   2.24464   16.14528  1.000 26.90967 ? 7   LEU A CA  1 
ATOM   52   C  C   . LEU A 1 7   ? 7.72259   1.84535   17.45735  1.000 24.83805 ? 7   LEU A C   1 
ATOM   53   O  O   . LEU A 1 7   ? 6.85861   0.96413   17.48014  1.000 28.56705 ? 7   LEU A O   1 
ATOM   54   C  CB  . LEU A 1 7   ? 7.62631   3.43878   15.52935  1.000 23.16576 ? 7   LEU A CB  1 
ATOM   55   C  CG  . LEU A 1 7   ? 8.26660   4.22791   14.38385  1.000 27.72929 ? 7   LEU A CG  1 
ATOM   56   C  CD1 . LEU A 1 7   ? 8.41320   3.41484   13.10794  1.000 31.58303 ? 7   LEU A CD1 1 
ATOM   57   C  CD2 . LEU A 1 7   ? 7.48332   5.49939   14.11664  1.000 37.20968 ? 7   LEU A CD2 1 
ATOM   58   N  N   . ASP A 1 8   ? 8.09339   2.51777   18.54933  1.000 22.49387 ? 8   ASP A N   1 
ATOM   59   C  CA  . ASP A 1 8   ? 7.46220   2.23254   19.83699  1.000 21.08030 ? 8   ASP A CA  1 
ATOM   60   C  C   . ASP A 1 8   ? 5.99482   2.65420   19.82855  1.000 23.90739 ? 8   ASP A C   1 
ATOM   61   O  O   . ASP A 1 8   ? 5.63770   3.71938   19.30769  1.000 25.87409 ? 8   ASP A O   1 
ATOM   62   C  CB  . ASP A 1 8   ? 8.18653   2.97160   20.96571  1.000 23.85859 ? 8   ASP A CB  1 
ATOM   63   C  CG  . ASP A 1 8   ? 9.62356   2.54248   21.11637  1.000 25.66621 ? 8   ASP A CG  1 
ATOM   64   O  OD1 . ASP A 1 8   ? 9.88664   1.37752   21.48945  1.000 26.65621 ? 8   ASP A OD1 1 
ATOM   65   O  OD2 . ASP A 1 8   ? 10.48644  3.37713   20.83303  1.000 28.48420 ? 8   ASP A OD2 1 
ATOM   66   N  N   . TYR A 1 9   ? 5.14461   1.82249   20.43622  1.000 23.42755 ? 9   TYR A N   1 
ATOM   67   C  CA  . TYR A 1 9   ? 3.74522   2.20643   20.60925  1.000 25.15934 ? 9   TYR A CA  1 
ATOM   68   C  C   . TYR A 1 9   ? 3.62855   3.55530   21.32583  1.000 22.55660 ? 9   TYR A C   1 
ATOM   69   O  O   . TYR A 1 9   ? 2.82048   4.39998   20.93105  1.000 26.14081 ? 9   TYR A O   1 
ATOM   70   C  CB  . TYR A 1 9   ? 3.01293   1.13340   21.41498  1.000 26.62737 ? 9   TYR A CB  1 
ATOM   71   C  CG  . TYR A 1 9   ? 2.44794   -0.02293  20.64755  1.000 27.08103 ? 9   TYR A CG  1 
ATOM   72   C  CD1 . TYR A 1 9   ? 3.13561   -0.57417  19.58038  1.000 29.15886 ? 9   TYR A CD1 1 
ATOM   73   C  CD2 . TYR A 1 9   ? 1.24515   -0.60967  21.03470  1.000 28.15621 ? 9   TYR A CD2 1 
ATOM   74   C  CE1 . TYR A 1 9   ? 2.63193   -1.66248  18.88999  1.000 29.28277 ? 9   TYR A CE1 1 
ATOM   75   C  CE2 . TYR A 1 9   ? 0.72440   -1.69089  20.34243  1.000 34.68927 ? 9   TYR A CE2 1 
ATOM   76   C  CZ  . TYR A 1 9   ? 1.42257   -2.21845  19.27664  1.000 40.06445 ? 9   TYR A CZ  1 
ATOM   77   O  OH  . TYR A 1 9   ? 0.89681   -3.30268  18.59587  1.000 42.10857 ? 9   TYR A OH  1 
ATOM   78   N  N   . VAL A 1 10  ? 4.44361   3.77819   22.37365  1.000 23.95955 ? 10  VAL A N   1 
ATOM   79   C  CA  . VAL A 1 10  ? 4.35741   5.01909   23.15365  1.000 26.04469 ? 10  VAL A CA  1 
ATOM   80   C  C   . VAL A 1 10  ? 4.64951   6.23187   22.28405  1.000 23.05442 ? 10  VAL A C   1 
ATOM   81   O  O   . VAL A 1 10  ? 3.96890   7.26703   22.37566  1.000 23.36999 ? 10  VAL A O   1 
ATOM   82   C  CB  . VAL A 1 10  ? 5.31826   4.96367   24.35708  1.000 26.65624 ? 10  VAL A CB  1 
ATOM   83   C  CG1 . VAL A 1 10  ? 5.48576   6.35489   24.99892  1.000 23.93657 ? 10  VAL A CG1 1 
ATOM   84   C  CG2 . VAL A 1 10  ? 4.81979   3.95280   25.37592  1.000 29.46434 ? 10  VAL A CG2 1 
ATOM   85   N  N   . CYS A 1 11  ? 5.70593   6.14284   21.46970  1.000 25.84636 ? 11  CYS A N   1 
ATOM   86   C  CA  . CYS A 1 11  ? 6.08094   7.25060   20.59697  1.000 23.16995 ? 11  CYS A CA  1 
ATOM   87   C  C   . CYS A 1 11  ? 5.01761   7.51853   19.54332  1.000 26.87204 ? 11  CYS A C   1 
ATOM   88   O  O   . CYS A 1 11  ? 4.69747   8.67886   19.25066  1.000 24.49839 ? 11  CYS A O   1 
ATOM   89   C  CB  . CYS A 1 11  ? 7.41496   6.93436   19.92431  1.000 28.01144 ? 11  CYS A CB  1 
ATOM   90   S  SG  . CYS A 1 11  ? 8.72897   6.74865   21.11353  1.000 21.75706 ? 11  CYS A SG  1 
ATOM   91   N  N   . VAL A 1 12  ? 4.51183   6.46264   18.91392  1.000 23.62193 ? 12  VAL A N   1 
ATOM   92   C  CA  . VAL A 1 12  ? 3.49462   6.63072   17.87695  1.000 25.44304 ? 12  VAL A CA  1 
ATOM   93   C  C   . VAL A 1 12  ? 2.23513   7.27421   18.45632  1.000 25.55239 ? 12  VAL A C   1 
ATOM   94   O  O   . VAL A 1 12  ? 1.67430   8.22143   17.88663  1.000 23.71336 ? 12  VAL A O   1 
ATOM   95   C  CB  . VAL A 1 12  ? 3.18017   5.27588   17.22857  1.000 24.31071 ? 12  VAL A CB  1 
ATOM   96   C  CG1 . VAL A 1 12  ? 1.96174   5.39600   16.33888  1.000 25.47514 ? 12  VAL A CG1 1 
ATOM   97   C  CG2 . VAL A 1 12  ? 4.40194   4.76305   16.44727  1.000 27.28207 ? 12  VAL A CG2 1 
ATOM   98   N  N   . ARG A 1 13  ? 1.75877   6.75104   19.57944  1.000 24.78442 ? 13  ARG A N   1 
ATOM   99   C  CA  . ARG A 1 13  ? 0.49080   7.22373   20.12785  1.000 26.06816 ? 13  ARG A CA  1 
ATOM   100  C  C   . ARG A 1 13  ? 0.60041   8.67122   20.56688  1.000 27.65198 ? 13  ARG A C   1 
ATOM   101  O  O   . ARG A 1 13  ? -0.34039  9.45301   20.38648  1.000 29.57542 ? 13  ARG A O   1 
ATOM   102  C  CB  . ARG A 1 13  ? 0.07288   6.35352   21.31109  1.000 27.77378 ? 13  ARG A CB  1 
ATOM   103  C  CG  . ARG A 1 13  ? -0.36685  4.95417   20.93177  1.000 33.40717 ? 13  ARG A CG  1 
ATOM   104  C  CD  . ARG A 1 13  ? -0.36748  4.07295   22.16960  1.000 40.00168 ? 13  ARG A CD  1 
ATOM   105  N  NE  . ARG A 1 13  ? -1.10176  2.82282   22.00230  1.000 38.71796 ? 13  ARG A NE  1 
ATOM   106  C  CZ  . ARG A 1 13  ? -1.01204  1.80211   22.84672  1.000 40.31132 ? 13  ARG A CZ  1 
ATOM   107  N  NH1 . ARG A 1 13  ? -0.31787  1.89586   23.97209  1.000 44.63213 ? 13  ARG A NH1 1 
ATOM   108  N  NH2 . ARG A 1 13  ? -1.62114  0.65900   22.55236  1.000 45.38813 ? 13  ARG A NH2 1 
ATOM   109  N  N   . SER A 1 14  ? 1.75217   9.05474   21.11821  1.000 22.02389 ? 14  SER A N   1 
ATOM   110  C  CA  . SER A 1 14  ? 1.94709   10.39777  21.65936  1.000 25.62920 ? 14  SER A CA  1 
ATOM   111  C  C   . SER A 1 14  ? 2.39762   11.38832  20.59820  1.000 29.16720 ? 14  SER A C   1 
ATOM   112  O  O   . SER A 1 14  ? 2.13031   12.59058  20.72526  1.000 30.64955 ? 14  SER A O   1 
ATOM   113  C  CB  . SER A 1 14  ? 2.97076   10.37249  22.79956  1.000 28.06982 ? 14  SER A CB  1 
ATOM   114  O  OG  . SER A 1 14  ? 4.26929   10.01143  22.33048  1.000 25.30653 ? 14  SER A OG  1 
ATOM   115  N  N   . GLY A 1 15  ? 3.05864   10.91088  19.54971  1.000 26.51759 ? 15  GLY A N   1 
ATOM   116  C  CA  . GLY A 1 15  ? 3.70891   11.79788  18.60607  1.000 27.43057 ? 15  GLY A CA  1 
ATOM   117  C  C   . GLY A 1 15  ? 4.97546   12.42049  19.13888  1.000 29.52004 ? 15  GLY A C   1 
ATOM   118  O  O   . GLY A 1 15  ? 5.57502   13.26290  18.46238  1.000 35.43687 ? 15  GLY A O   1 
ATOM   119  N  N   . LEU A 1 16  ? 5.39385   12.03289  20.34247  1.000 28.57799 ? 16  LEU A N   1 
ATOM   120  C  CA  . LEU A 1 16  ? 6.67147   12.42677  20.91958  1.000 33.18930 ? 16  LEU A CA  1 
ATOM   121  C  C   . LEU A 1 16  ? 7.63247   11.28250  20.62495  1.000 31.46203 ? 16  LEU A C   1 
ATOM   122  O  O   . LEU A 1 16  ? 7.62929   10.26510  21.32094  1.000 31.41952 ? 16  LEU A O   1 
ATOM   123  C  CB  . LEU A 1 16  ? 6.53688   12.67931  22.41898  1.000 27.88716 ? 16  LEU A CB  1 
ATOM   124  C  CG  . LEU A 1 16  ? 7.79083   13.09568  23.18372  1.000 36.61683 ? 16  LEU A CG  1 
ATOM   125  C  CD1 . LEU A 1 16  ? 8.25855   14.47764  22.72162  1.000 37.39664 ? 16  LEU A CD1 1 
ATOM   126  C  CD2 . LEU A 1 16  ? 7.50880   13.07872  24.67558  1.000 30.50515 ? 16  LEU A CD2 1 
ATOM   127  N  N   . LEU A 1 17  ? 8.41526   11.43088  19.56827  1.000 26.25148 ? 17  LEU A N   1 
ATOM   128  C  CA  . LEU A 1 17  ? 9.32068   10.37231  19.12712  1.000 28.01722 ? 17  LEU A CA  1 
ATOM   129  C  C   . LEU A 1 17  ? 10.58027  10.35787  19.99131  1.000 28.14078 ? 17  LEU A C   1 
ATOM   130  O  O   . LEU A 1 17  ? 11.28079  11.37055  20.10598  1.000 29.69206 ? 17  LEU A O   1 
ATOM   131  C  CB  . LEU A 1 17  ? 9.68169   10.56536  17.65438  1.000 26.50986 ? 17  LEU A CB  1 
ATOM   132  C  CG  . LEU A 1 17  ? 8.51229   10.75422  16.69021  1.000 33.34219 ? 17  LEU A CG  1 
ATOM   133  C  CD1 . LEU A 1 17  ? 9.01931   10.82392  15.26534  1.000 30.03693 ? 17  LEU A CD1 1 
ATOM   134  C  CD2 . LEU A 1 17  ? 7.47641   9.64227   16.83553  1.000 26.80555 ? 17  LEU A CD2 1 
ATOM   135  N  N   . CYS A 1 18  ? 10.86157  9.20557   20.59555  1.000 27.71065 ? 18  CYS A N   1 
ATOM   136  C  CA  . CYS A 1 18  ? 12.11945  8.92544   21.27587  1.000 26.52814 ? 18  CYS A CA  1 
ATOM   137  C  C   . CYS A 1 18  ? 13.31555  9.02757   20.33006  1.000 25.46794 ? 18  CYS A C   1 
ATOM   138  O  O   . CYS A 1 18  ? 13.15871  9.22190   19.12699  1.000 23.94815 ? 18  CYS A O   1 
ATOM   139  C  CB  . CYS A 1 18  ? 12.05318  7.52847   21.91512  1.000 27.05923 ? 18  CYS A CB  1 
ATOM   140  S  SG  . CYS A 1 18  ? 12.49118  6.15625   20.81492  1.000 24.15530 ? 18  CYS A SG  1 
ATOM   141  N  N   . ASN A 1 19  ? 14.53215  8.87528   20.85977  1.000 29.83418 ? 19  ASN A N   1 
ATOM   142  C  CA  . ASN A 1 19  ? 15.71740  9.06858   20.02319  1.000 23.92624 ? 19  ASN A CA  1 
ATOM   143  C  C   . ASN A 1 19  ? 15.74366  8.09445   18.85075  1.000 28.47040 ? 19  ASN A C   1 
ATOM   144  O  O   . ASN A 1 19  ? 16.07749  8.47217   17.71807  1.000 28.12112 ? 19  ASN A O   1 
ATOM   145  C  CB  . ASN A 1 19  ? 16.97053  8.91103   20.87635  1.000 24.62702 ? 19  ASN A CB  1 
ATOM   146  C  CG  . ASN A 1 19  ? 18.22919  9.20019   20.09688  1.000 29.62436 ? 19  ASN A CG  1 
ATOM   147  O  OD1 . ASN A 1 19  ? 18.76506  8.33622   19.38758  1.000 24.02947 ? 19  ASN A OD1 1 
ATOM   148  N  ND2 . ASN A 1 19  ? 18.69962  10.43255  20.21175  1.000 28.24829 ? 19  ASN A ND2 1 
ATOM   149  N  N   . ARG A 1 20  ? 15.38116  6.83840   19.10837  1.000 22.77500 ? 20  ARG A N   1 
ATOM   150  C  CA  . ARG A 1 20  ? 15.36365  5.81395   18.06891  1.000 27.16158 ? 20  ARG A CA  1 
ATOM   151  C  C   . ARG A 1 20  ? 14.35375  6.15010   16.98892  1.000 29.01725 ? 20  ARG A C   1 
ATOM   152  O  O   . ARG A 1 20  ? 14.66321  6.11846   15.78645  1.000 26.98808 ? 20  ARG A O   1 
ATOM   153  C  CB  . ARG A 1 20  ? 15.02402  4.46528   18.70084  1.000 27.25382 ? 20  ARG A CB  1 
ATOM   154  C  CG  . ARG A 1 20  ? 16.07854  3.93649   19.66983  1.000 23.65339 ? 20  ARG A CG  1 
ATOM   155  C  CD  . ARG A 1 20  ? 15.73619  2.52878   20.17623  1.000 27.66357 ? 20  ARG A CD  1 
ATOM   156  N  NE  . ARG A 1 20  ? 14.29742  2.31003   20.27349  1.000 25.03744 ? 20  ARG A NE  1 
ATOM   157  C  CZ  . ARG A 1 20  ? 13.57780  1.57429   19.43917  1.000 34.98960 ? 20  ARG A CZ  1 
ATOM   158  N  NH1 . ARG A 1 20  ? 14.15240  0.82427   18.50735  1.000 33.68440 ? 20  ARG A NH1 1 
ATOM   159  N  NH2 . ARG A 1 20  ? 12.24287  1.59666   19.53774  1.000 26.33442 ? 20  ARG A NH2 1 
ATOM   160  N  N   . CYS A 1 21  ? 13.11779  6.45166   17.39853  1.000 25.51007 ? 21  CYS A N   1 
ATOM   161  C  CA  . CYS A 1 21  ? 12.07571  6.68060   16.40283  1.000 26.18161 ? 21  CYS A CA  1 
ATOM   162  C  C   . CYS A 1 21  ? 12.35182  7.96278   15.62168  1.000 27.43790 ? 21  CYS A C   1 
ATOM   163  O  O   . CYS A 1 21  ? 12.11375  8.02463   14.40457  1.000 28.70674 ? 21  CYS A O   1 
ATOM   164  C  CB  . CYS A 1 21  ? 10.71106  6.70585   17.09558  1.000 20.68991 ? 21  CYS A CB  1 
ATOM   165  S  SG  . CYS A 1 21  ? 10.30126  5.05047   17.80666  1.000 26.67541 ? 21  CYS A SG  1 
ATOM   166  N  N   . GLN A 1 22  ? 12.88939  8.98266   16.29371  1.000 24.18735 ? 22  GLN A N   1 
ATOM   167  C  CA  . GLN A 1 22  ? 13.24327  10.21946  15.59325  1.000 28.62005 ? 22  GLN A CA  1 
ATOM   168  C  C   . GLN A 1 22  ? 14.34566  9.97371   14.57303  1.000 30.10183 ? 22  GLN A C   1 
ATOM   169  O  O   . GLN A 1 22  ? 14.36790  10.59209  13.49895  1.000 35.28049 ? 22  GLN A O   1 
ATOM   170  C  CB  . GLN A 1 22  ? 13.70182  11.27697  16.59116  1.000 29.26343 ? 22  GLN A CB  1 
ATOM   171  C  CG  . GLN A 1 22  ? 14.01295  12.61556  15.96280  1.000 29.02588 ? 22  GLN A CG  1 
ATOM   172  C  CD  . GLN A 1 22  ? 12.78671  13.17807  15.26658  1.000 33.28175 ? 22  GLN A CD  1 
ATOM   173  O  OE1 . GLN A 1 22  ? 12.72169  13.27862  14.03842  1.000 32.72126 ? 22  GLN A OE1 1 
ATOM   174  N  NE2 . GLN A 1 22  ? 11.77841  13.49097  16.05966  1.000 30.91631 ? 22  GLN A NE2 1 
ATOM   175  N  N   . SER A 1 23  ? 15.28579  9.08987   14.90258  1.000 28.58367 ? 23  SER A N   1 
ATOM   176  C  CA  . SER A 1 23  ? 16.35365  8.76982   13.96559  1.000 30.43114 ? 23  SER A CA  1 
ATOM   177  C  C   . SER A 1 23  ? 15.79611  8.12066   12.70189  1.000 36.27991 ? 23  SER A C   1 
ATOM   178  O  O   . SER A 1 23  ? 16.27434  8.39971   11.59349  1.000 33.16725 ? 23  SER A O   1 
ATOM   179  C  CB  . SER A 1 23  ? 17.39569  7.88803   14.65867  1.000 33.95003 ? 23  SER A CB  1 
ATOM   180  O  OG  . SER A 1 23  ? 17.01416  6.52535   14.63191  1.000 41.96006 ? 23  SER A OG  1 
ATOM   181  N  N   . LEU A 1 24  ? 14.74051  7.29856   12.83420  1.000 30.29385 ? 24  LEU A N   1 
ATOM   182  C  CA  . LEU A 1 24  ? 14.14332  6.70454   11.64350  1.000 30.67157 ? 24  LEU A CA  1 
ATOM   183  C  C   . LEU A 1 24  ? 13.52184  7.76986   10.75769  1.000 29.42022 ? 24  LEU A C   1 
ATOM   184  O  O   . LEU A 1 24  ? 13.54643  7.64811   9.52988   1.000 35.19841 ? 24  LEU A O   1 
ATOM   185  C  CB  . LEU A 1 24  ? 13.09162  5.64486   12.00860  1.000 34.06044 ? 24  LEU A CB  1 
ATOM   186  C  CG  . LEU A 1 24  ? 13.55734  4.40458   12.77633  1.000 35.37105 ? 24  LEU A CG  1 
ATOM   187  C  CD1 . LEU A 1 24  ? 12.36776  3.60939   13.28586  1.000 34.89482 ? 24  LEU A CD1 1 
ATOM   188  C  CD2 . LEU A 1 24  ? 14.50789  3.52368   11.94148  1.000 35.84083 ? 24  LEU A CD2 1 
ATOM   189  N  N   . ILE A 1 25  ? 12.94295  8.81092   11.36275  1.000 31.07253 ? 25  ILE A N   1 
ATOM   190  C  CA  . ILE A 1 25  ? 12.42300  9.92667   10.58215  1.000 30.28482 ? 25  ILE A CA  1 
ATOM   191  C  C   . ILE A 1 25  ? 13.56845  10.69761  9.94245   1.000 37.50554 ? 25  ILE A C   1 
ATOM   192  O  O   . ILE A 1 25  ? 13.52948  11.03258  8.75118   1.000 33.27964 ? 25  ILE A O   1 
ATOM   193  C  CB  . ILE A 1 25  ? 11.56943  10.83979  11.47779  1.000 34.74616 ? 25  ILE A CB  1 
ATOM   194  C  CG1 . ILE A 1 25  ? 10.40467  10.05101  12.06892  1.000 31.65518 ? 25  ILE A CG1 1 
ATOM   195  C  CG2 . ILE A 1 25  ? 11.07101  12.06294  10.71911  1.000 33.95888 ? 25  ILE A CG2 1 
ATOM   196  C  CD1 . ILE A 1 25  ? 9.62013   9.24070   11.06540  1.000 35.32338 ? 25  ILE A CD1 1 
ATOM   197  N  N   . ASP A 1 26  ? 14.60413  10.99316  10.72609  1.000 31.04398 ? 26  ASP A N   1 
ATOM   198  C  CA  . ASP A 1 26  ? 15.69624  11.83712  10.23799  1.000 36.81655 ? 26  ASP A CA  1 
ATOM   199  C  C   . ASP A 1 26  ? 16.39484  11.21710  9.03857   1.000 35.06483 ? 26  ASP A C   1 
ATOM   200  O  O   . ASP A 1 26  ? 16.76090  11.91499  8.08700   1.000 40.16804 ? 26  ASP A O   1 
ATOM   201  C  CB  . ASP A 1 26  ? 16.70926  12.07969  11.35373  1.000 28.59236 ? 26  ASP A CB  1 
ATOM   202  C  CG  . ASP A 1 26  ? 16.18429  12.97317  12.43869  1.000 34.76031 ? 26  ASP A CG  1 
ATOM   203  O  OD1 . ASP A 1 26  ? 15.09086  13.54747  12.26848  1.000 29.99197 ? 26  ASP A OD1 1 
ATOM   204  O  OD2 . ASP A 1 26  ? 16.87277  13.09712  13.47611  1.000 34.66571 ? 26  ASP A OD2 1 
ATOM   205  N  N   . SER A 1 27  ? 16.61196  9.91526   9.07482   1.000 30.65820 ? 27  SER A N   1 
ATOM   206  C  CA  . SER A 1 27  ? 17.32911  9.26819   7.99251   1.000 38.16329 ? 27  SER A CA  1 
ATOM   207  C  C   . SER A 1 27  ? 16.46472  8.99778   6.76760   1.000 38.93839 ? 27  SER A C   1 
ATOM   208  O  O   . SER A 1 27  ? 17.00388  8.69066   5.69726   1.000 38.10750 ? 27  SER A O   1 
ATOM   209  C  CB  . SER A 1 27  ? 17.92114  7.98058   8.52216   1.000 40.98664 ? 27  SER A CB  1 
ATOM   210  O  OG  . SER A 1 27  ? 16.88075  7.05081   8.60963   1.000 47.66929 ? 27  SER A OG  1 
ATOM   211  N  N   . GLY A 1 28  ? 15.14774  9.10458   6.88757   1.000 39.03958 ? 28  GLY A N   1 
ATOM   212  C  CA  . GLY A 1 28  ? 14.27159  8.79807   5.78126   1.000 35.67716 ? 28  GLY A CA  1 
ATOM   213  C  C   . GLY A 1 28  ? 13.78149  7.36411   5.70781   1.000 36.30518 ? 28  GLY A C   1 
ATOM   214  O  O   . GLY A 1 28  ? 13.00610  7.04843   4.79780   1.000 40.51020 ? 28  GLY A O   1 
ATOM   215  N  N   . GLU A 1 29  ? 14.20566  6.48433   6.62496   1.000 35.51601 ? 29  GLU A N   1 
ATOM   216  C  CA  . GLU A 1 29  ? 13.69435  5.11142   6.63893   1.000 35.34582 ? 29  GLU A CA  1 
ATOM   217  C  C   . GLU A 1 29  ? 12.18014  5.06373   6.74911   1.000 30.92359 ? 29  GLU A C   1 
ATOM   218  O  O   . GLU A 1 29  ? 11.55406  4.12480   6.24199   1.000 35.19244 ? 29  GLU A O   1 
ATOM   219  C  CB  . GLU A 1 29  ? 14.27126  4.31972   7.81303   1.000 33.86218 ? 29  GLU A CB  1 
ATOM   220  C  CG  . GLU A 1 29  ? 15.66549  4.65709   8.16909   1.000 49.39802 ? 29  GLU A CG  1 
ATOM   221  C  CD  . GLU A 1 29  ? 16.39508  3.56913   8.92543   1.000 53.86484 ? 29  GLU A CD  1 
ATOM   222  O  OE1 . GLU A 1 29  ? 16.10910  2.37332   8.69663   1.000 58.32772 ? 29  GLU A OE1 1 
ATOM   223  O  OE2 . GLU A 1 29  ? 17.26486  3.93430   9.75542   1.000 52.68441 ? 29  GLU A OE2 1 
ATOM   224  N  N   . VAL A 1 30  ? 11.59094  6.01963   7.47036   1.000 28.26643 ? 30  VAL A N   1 
ATOM   225  C  CA  . VAL A 1 30  ? 10.15159  6.13150   7.65954   1.000 30.31405 ? 30  VAL A CA  1 
ATOM   226  C  C   . VAL A 1 30  ? 9.77337   7.58757   7.45509   1.000 26.96108 ? 30  VAL A C   1 
ATOM   227  O  O   . VAL A 1 30  ? 10.47909  8.48959   7.91859   1.000 31.30788 ? 30  VAL A O   1 
ATOM   228  C  CB  . VAL A 1 30  ? 9.72623   5.68754   9.07110   1.000 24.25297 ? 30  VAL A CB  1 
ATOM   229  C  CG1 . VAL A 1 30  ? 8.23233   5.89969   9.27186   1.000 28.63532 ? 30  VAL A CG1 1 
ATOM   230  C  CG2 . VAL A 1 30  ? 10.15494  4.25076   9.33121   1.000 28.72334 ? 30  VAL A CG2 1 
ATOM   231  N  N   . PHE A 1 31  ? 8.65116   7.82945   6.79453   1.000 33.49210 ? 31  PHE A N   1 
ATOM   232  C  CA  . PHE A 1 31  ? 8.21210   9.20747   6.61650   1.000 36.80658 ? 31  PHE A CA  1 
ATOM   233  C  C   . PHE A 1 31  ? 7.34037   9.63836   7.78683   1.000 33.02953 ? 31  PHE A C   1 
ATOM   234  O  O   . PHE A 1 31  ? 6.60634   8.83217   8.37169   1.000 28.98623 ? 31  PHE A O   1 
ATOM   235  C  CB  . PHE A 1 31  ? 7.45940   9.36334   5.29736   1.000 31.08207 ? 31  PHE A CB  1 
ATOM   236  C  CG  . PHE A 1 31  ? 8.29754   9.04131   4.10460   1.000 40.67846 ? 31  PHE A CG  1 
ATOM   237  C  CD1 . PHE A 1 31  ? 9.24266   9.94192   3.64350   1.000 47.29188 ? 31  PHE A CD1 1 
ATOM   238  C  CD2 . PHE A 1 31  ? 8.17805   7.82158   3.47028   1.000 40.22947 ? 31  PHE A CD2 1 
ATOM   239  C  CE1 . PHE A 1 31  ? 10.02363  9.63842   2.54726   1.000 49.06576 ? 31  PHE A CE1 1 
ATOM   240  C  CE2 . PHE A 1 31  ? 8.95560   7.51205   2.38000   1.000 47.85099 ? 31  PHE A CE2 1 
ATOM   241  C  CZ  . PHE A 1 31  ? 9.87375   8.41789   1.91475   1.000 50.22649 ? 31  PHE A CZ  1 
ATOM   242  N  N   . GLU A 1 32  ? 7.42113   10.92991  8.13098   1.000 31.90057 ? 32  GLU A N   1 
ATOM   243  C  CA  . GLU A 1 32  ? 6.64826   11.40786  9.27111   1.000 33.19053 ? 32  GLU A CA  1 
ATOM   244  C  C   . GLU A 1 32  ? 5.15440   11.15639  9.08967   1.000 29.68022 ? 32  GLU A C   1 
ATOM   245  O  O   . GLU A 1 32  ? 4.45132   10.90772  10.07244  1.000 36.31238 ? 32  GLU A O   1 
ATOM   246  C  CB  . GLU A 1 32  ? 6.90617   12.89426  9.52554   1.000 40.27166 ? 32  GLU A CB  1 
ATOM   247  C  CG  . GLU A 1 32  ? 6.57975   13.30112  10.97162  1.000 47.48299 ? 32  GLU A CG  1 
ATOM   248  C  CD  . GLU A 1 32  ? 7.11597   14.67337  11.36365  1.000 57.34735 ? 32  GLU A CD  1 
ATOM   249  O  OE1 . GLU A 1 32  ? 7.52230   15.44997  10.46912  1.000 61.14536 ? 32  GLU A OE1 1 
ATOM   250  O  OE2 . GLU A 1 32  ? 7.13001   14.97200  12.57887  1.000 65.17799 ? 32  GLU A OE2 1 
ATOM   251  N  N   . TYR A 1 33  ? 4.64191   11.21287  7.85480   1.000 30.20810 ? 33  TYR A N   1 
ATOM   252  C  CA  . TYR A 1 33  ? 3.21311   10.97005  7.67593   1.000 34.14227 ? 33  TYR A CA  1 
ATOM   253  C  C   . TYR A 1 33  ? 2.82392   9.53115   8.01730   1.000 31.07654 ? 33  TYR A C   1 
ATOM   254  O  O   . TYR A 1 33  ? 1.64148   9.26010   8.26348   1.000 30.90156 ? 33  TYR A O   1 
ATOM   255  C  CB  . TYR A 1 33  ? 2.79516   11.35265  6.24704   1.000 36.80181 ? 33  TYR A CB  1 
ATOM   256  C  CG  . TYR A 1 33  ? 3.12880   10.35344  5.16779   1.000 31.45018 ? 33  TYR A CG  1 
ATOM   257  C  CD1 . TYR A 1 33  ? 2.35732   9.21212   4.98296   1.000 32.86721 ? 33  TYR A CD1 1 
ATOM   258  C  CD2 . TYR A 1 33  ? 4.24272   10.53086  4.35271   1.000 31.54139 ? 33  TYR A CD2 1 
ATOM   259  C  CE1 . TYR A 1 33  ? 2.65850   8.29618   4.00888   1.000 27.22480 ? 33  TYR A CE1 1 
ATOM   260  C  CE2 . TYR A 1 33  ? 4.55456   9.60752   3.36300   1.000 33.90219 ? 33  TYR A CE2 1 
ATOM   261  C  CZ  . TYR A 1 33  ? 3.75382   8.48707   3.20409   1.000 30.48150 ? 33  TYR A CZ  1 
ATOM   262  O  OH  . TYR A 1 33  ? 4.05290   7.55644   2.23670   1.000 37.92798 ? 33  TYR A OH  1 
ATOM   263  N  N   . GLU A 1 34  ? 3.79064   8.60885   8.05406   1.000 32.52562 ? 34  GLU A N   1 
ATOM   264  C  CA  . GLU A 1 34  ? 3.48137   7.23361   8.42596   1.000 26.34594 ? 34  GLU A CA  1 
ATOM   265  C  C   . GLU A 1 34  ? 3.17037   7.08414   9.90548   1.000 28.23240 ? 34  GLU A C   1 
ATOM   266  O  O   . GLU A 1 34  ? 2.45209   6.15367   10.28017  1.000 27.83155 ? 34  GLU A O   1 
ATOM   267  C  CB  . GLU A 1 34  ? 4.64504   6.30777   8.05152   1.000 26.94548 ? 34  GLU A CB  1 
ATOM   268  C  CG  . GLU A 1 34  ? 4.85782   6.17525   6.56604   1.000 26.66639 ? 34  GLU A CG  1 
ATOM   269  C  CD  . GLU A 1 34  ? 5.92989   5.17434   6.23956   1.000 30.11182 ? 34  GLU A CD  1 
ATOM   270  O  OE1 . GLU A 1 34  ? 5.63057   3.96917   6.32955   1.000 27.17285 ? 34  GLU A OE1 1 
ATOM   271  O  OE2 . GLU A 1 34  ? 7.05444   5.58000   5.84485   1.000 25.22057 ? 34  GLU A OE2 1 
ATOM   272  N  N   . VAL A 1 35  ? 3.71853   7.94922   10.76495  1.000 27.74604 ? 35  VAL A N   1 
ATOM   273  C  CA  . VAL A 1 35  ? 3.42298   7.82269   12.18910  1.000 26.68458 ? 35  VAL A CA  1 
ATOM   274  C  C   . VAL A 1 35  ? 1.92370   7.98027   12.43043  1.000 30.15767 ? 35  VAL A C   1 
ATOM   275  O  O   . VAL A 1 35  ? 1.31053   7.21344   13.18119  1.000 25.64548 ? 35  VAL A O   1 
ATOM   276  C  CB  . VAL A 1 35  ? 4.25345   8.83146   13.00238  1.000 26.95813 ? 35  VAL A CB  1 
ATOM   277  C  CG1 . VAL A 1 35  ? 3.97142   8.67264   14.50375  1.000 27.95652 ? 35  VAL A CG1 1 
ATOM   278  C  CG2 . VAL A 1 35  ? 5.76024   8.69301   12.67494  1.000 26.66690 ? 35  VAL A CG2 1 
ATOM   279  N  N   . GLU A 1 36  ? 1.31089   8.96318   11.77717  1.000 28.92426 ? 36  GLU A N   1 
ATOM   280  C  CA  . GLU A 1 36  ? -0.13105  9.16314   11.87726  1.000 34.40621 ? 36  GLU A CA  1 
ATOM   281  C  C   . GLU A 1 36  ? -0.90106  7.91700   11.44489  1.000 32.43126 ? 36  GLU A C   1 
ATOM   282  O  O   . GLU A 1 36  ? -1.87905  7.51812   12.09367  1.000 30.96493 ? 36  GLU A O   1 
ATOM   283  C  CB  . GLU A 1 36  ? -0.51528  10.35824  11.00713  1.000 33.92359 ? 36  GLU A CB  1 
ATOM   284  C  CG  . GLU A 1 36  ? -1.97736  10.74778  11.00136  1.000 45.77353 ? 36  GLU A CG  1 
ATOM   285  C  CD  . GLU A 1 36  ? -2.18534  12.08858  10.30197  1.000 50.03864 ? 36  GLU A CD  1 
ATOM   286  O  OE1 . GLU A 1 36  ? -1.86560  12.17373  9.08908   1.000 44.32005 ? 36  GLU A OE1 1 
ATOM   287  O  OE2 . GLU A 1 36  ? -2.67114  13.04239  10.94856  1.000 58.95236 ? 36  GLU A OE2 1 
ATOM   288  N  N   . ILE A 1 37  ? -0.47765  7.28992   10.34574  1.000 29.59589 ? 37  ILE A N   1 
ATOM   289  C  CA  . ILE A 1 37  ? -1.16390  6.09306   9.86921   1.000 30.50253 ? 37  ILE A CA  1 
ATOM   290  C  C   . ILE A 1 37  ? -1.05321  4.97434   10.90729  1.000 25.69359 ? 37  ILE A C   1 
ATOM   291  O  O   . ILE A 1 37  ? -2.04015  4.31119   11.24087  1.000 24.36348 ? 37  ILE A O   1 
ATOM   292  C  CB  . ILE A 1 37  ? -0.60524  5.66882   8.49753   1.000 26.38875 ? 37  ILE A CB  1 
ATOM   293  C  CG1 . ILE A 1 37  ? -0.90651  6.75259   7.44549   1.000 27.35865 ? 37  ILE A CG1 1 
ATOM   294  C  CG2 . ILE A 1 37  ? -1.20137  4.35221   8.05799   1.000 29.04042 ? 37  ILE A CG2 1 
ATOM   295  C  CD1 . ILE A 1 37  ? -0.10716  6.61053   6.16815   1.000 30.19948 ? 37  ILE A CD1 1 
ATOM   296  N  N   . ILE A 1 38  ? 0.14818   4.75698   11.44310  1.000 26.16525 ? 38  ILE A N   1 
ATOM   297  C  CA  . ILE A 1 38  ? 0.31793   3.69376   12.43658  1.000 23.18860 ? 38  ILE A CA  1 
ATOM   298  C  C   . ILE A 1 38  ? -0.50468  3.99039   13.68678  1.000 24.79365 ? 38  ILE A C   1 
ATOM   299  O  O   . ILE A 1 38  ? -1.05734  3.07521   14.32146  1.000 23.51050 ? 38  ILE A O   1 
ATOM   300  C  CB  . ILE A 1 38  ? 1.81766   3.50688   12.75367  1.000 25.47176 ? 38  ILE A CB  1 
ATOM   301  C  CG1 . ILE A 1 38  ? 2.56484   3.07929   11.48665  1.000 26.03220 ? 38  ILE A CG1 1 
ATOM   302  C  CG2 . ILE A 1 38  ? 2.01943   2.43174   13.83147  1.000 23.03459 ? 38  ILE A CG2 1 
ATOM   303  C  CD1 . ILE A 1 38  ? 4.08558   3.33262   11.52636  1.000 29.88711 ? 38  ILE A CD1 1 
ATOM   304  N  N   . LYS A 1 39  ? -0.63431  5.26274   14.04497  1.000 25.93055 ? 39  LYS A N   1 
ATOM   305  C  CA  . LYS A 1 39  ? -1.38523  5.58491   15.24920  1.000 28.48249 ? 39  LYS A CA  1 
ATOM   306  C  C   . LYS A 1 39  ? -2.84961  5.22598   15.06929  1.000 25.24845 ? 39  LYS A C   1 
ATOM   307  O  O   . LYS A 1 39  ? -3.44639  4.60950   15.94531  1.000 23.29360 ? 39  LYS A O   1 
ATOM   308  C  CB  . LYS A 1 39  ? -1.21058  7.05977   15.59244  1.000 27.36433 ? 39  LYS A CB  1 
ATOM   309  C  CG  . LYS A 1 39  ? -2.02675  7.55867   16.80019  1.000 30.06094 ? 39  LYS A CG  1 
ATOM   310  C  CD  . LYS A 1 39  ? -1.72307  9.04128   17.03037  1.000 35.60690 ? 39  LYS A CD  1 
ATOM   311  C  CE  . LYS A 1 39  ? -2.66384  9.67769   18.03257  1.000 41.64053 ? 39  LYS A CE  1 
ATOM   312  N  NZ  . LYS A 1 39  ? -2.84185  8.77889   19.21660  1.000 39.28482 ? 39  LYS A NZ  1 
ATOM   313  N  N   . ILE A 1 40  ? -3.42847  5.54907   13.91073  1.000 23.75241 ? 40  ILE A N   1 
ATOM   314  C  CA  . ILE A 1 40  ? -4.80679  5.15297   13.62345  1.000 27.89350 ? 40  ILE A CA  1 
ATOM   315  C  C   . ILE A 1 40  ? -4.96497  3.63958   13.73378  1.000 26.83393 ? 40  ILE A C   1 
ATOM   316  O  O   . ILE A 1 40  ? -5.89191  3.13695   14.38218  1.000 27.71896 ? 40  ILE A O   1 
ATOM   317  C  CB  . ILE A 1 40  ? -5.21971  5.67973   12.23694  1.000 27.13413 ? 40  ILE A CB  1 
ATOM   318  C  CG1 . ILE A 1 40  ? -5.32484  7.20444   12.29741  1.000 28.23020 ? 40  ILE A CG1 1 
ATOM   319  C  CG2 . ILE A 1 40  ? -6.54075  5.08611   11.79616  1.000 27.53894 ? 40  ILE A CG2 1 
ATOM   320  C  CD1 . ILE A 1 40  ? -5.20138  7.91449   10.94564  1.000 29.48765 ? 40  ILE A CD1 1 
ATOM   321  N  N   . LEU A 1 41  ? -4.02480  2.89284   13.14343  1.000 23.92189 ? 41  LEU A N   1 
ATOM   322  C  CA  . LEU A 1 41  ? -4.08832  1.43506   13.15527  1.000 21.76150 ? 41  LEU A CA  1 
ATOM   323  C  C   . LEU A 1 41  ? -3.96653  0.88512   14.56599  1.000 22.48951 ? 41  LEU A C   1 
ATOM   324  O  O   . LEU A 1 41  ? -4.67856  -0.05498  14.93138  1.000 24.02121 ? 41  LEU A O   1 
ATOM   325  C  CB  . LEU A 1 41  ? -2.97843  0.86546   12.26773  1.000 23.18905 ? 41  LEU A CB  1 
ATOM   326  C  CG  . LEU A 1 41  ? -3.14383  1.10395   10.76453  1.000 25.91470 ? 41  LEU A CG  1 
ATOM   327  C  CD1 . LEU A 1 41  ? -1.92062  0.58101   10.01303  1.000 26.94991 ? 41  LEU A CD1 1 
ATOM   328  C  CD2 . LEU A 1 41  ? -4.38017  0.41754   10.23305  1.000 23.78533 ? 41  LEU A CD2 1 
ATOM   329  N  N   . LEU A 1 42  ? -3.05695  1.44412   15.37408  1.000 21.05246 ? 42  LEU A N   1 
ATOM   330  C  CA  . LEU A 1 42  ? -2.92799  0.96258   16.74869  1.000 24.51275 ? 42  LEU A CA  1 
ATOM   331  C  C   . LEU A 1 42  ? -4.18800  1.26132   17.55108  1.000 28.27309 ? 42  LEU A C   1 
ATOM   332  O  O   . LEU A 1 42  ? -4.62567  0.43601   18.36242  1.000 30.18220 ? 42  LEU A O   1 
ATOM   333  C  CB  . LEU A 1 42  ? -1.71083  1.59351   17.43102  1.000 26.80647 ? 42  LEU A CB  1 
ATOM   334  C  CG  . LEU A 1 42  ? -0.34849  1.12496   16.93325  1.000 29.93143 ? 42  LEU A CG  1 
ATOM   335  C  CD1 . LEU A 1 42  ? 0.74165   1.73671   17.80867  1.000 25.27023 ? 42  LEU A CD1 1 
ATOM   336  C  CD2 . LEU A 1 42  ? -0.26606  -0.39139  16.94473  1.000 27.06127 ? 42  LEU A CD2 1 
ATOM   337  N  N   . ASP A 1 43  ? -4.76880  2.44318   17.34745  1.000 30.11505 ? 43  ASP A N   1 
ATOM   338  C  CA  . ASP A 1 43  ? -6.01538  2.78736   18.02310  1.000 32.94184 ? 43  ASP A CA  1 
ATOM   339  C  C   . ASP A 1 43  ? -7.14078  1.85097   17.60666  1.000 32.79505 ? 43  ASP A C   1 
ATOM   340  O  O   . ASP A 1 43  ? -8.00614  1.50865   18.42220  1.000 30.77435 ? 43  ASP A O   1 
ATOM   341  C  CB  . ASP A 1 43  ? -6.38034  4.23798   17.71835  1.000 32.44866 ? 43  ASP A CB  1 
ATOM   342  C  CG  . ASP A 1 43  ? -5.48961  5.22735   18.44243  1.000 34.91110 ? 43  ASP A CG  1 
ATOM   343  O  OD1 . ASP A 1 43  ? -4.66410  4.79576   19.28139  1.000 36.70409 ? 43  ASP A OD1 1 
ATOM   344  O  OD2 . ASP A 1 43  ? -5.60205  6.43883   18.15577  1.000 41.98017 ? 43  ASP A OD2 1 
ATOM   345  N  N   . LEU A 1 44  ? -7.13909  1.41128   16.33737  1.000 30.84355 ? 44  LEU A N   1 
ATOM   346  C  CA  . LEU A 1 44  ? -8.17074  0.48685   15.86233  1.000 34.33952 ? 44  LEU A CA  1 
ATOM   347  C  C   . LEU A 1 44  ? -7.94574  -0.92598  16.38162  1.000 34.13280 ? 44  LEU A C   1 
ATOM   348  O  O   . LEU A 1 44  ? -8.91481  -1.67115  16.56474  1.000 33.22463 ? 44  LEU A O   1 
ATOM   349  C  CB  . LEU A 1 44  ? -8.23588  0.48394   14.32661  1.000 30.22750 ? 44  LEU A CB  1 
ATOM   350  C  CG  . LEU A 1 44  ? -8.73778  1.76044   13.63418  1.000 34.93843 ? 44  LEU A CG  1 
ATOM   351  C  CD1 . LEU A 1 44  ? -8.60278  1.61338   12.14225  1.000 34.02818 ? 44  LEU A CD1 1 
ATOM   352  C  CD2 . LEU A 1 44  ? -10.21074 2.05559   13.99811  1.000 30.43262 ? 44  LEU A CD2 1 
ATOM   353  N  N   . GLU A 1 45  ? -6.67959  -1.31412  16.61064  1.000 30.57649 ? 45  GLU A N   1 
ATOM   354  C  CA  . GLU A 1 45  ? -6.37584  -2.62740  17.17584  1.000 29.38409 ? 45  GLU A CA  1 
ATOM   355  C  C   . GLU A 1 45  ? -6.93958  -2.78312  18.58220  1.000 38.54443 ? 45  GLU A C   1 
ATOM   356  O  O   . GLU A 1 45  ? -7.23827  -3.90161  19.02284  1.000 37.27512 ? 45  GLU A O   1 
ATOM   357  C  CB  . GLU A 1 45  ? -4.86612  -2.85095  17.22800  1.000 31.74218 ? 45  GLU A CB  1 
ATOM   358  C  CG  . GLU A 1 45  ? -4.51264  -4.24704  17.73796  1.000 34.63620 ? 45  GLU A CG  1 
ATOM   359  C  CD  . GLU A 1 45  ? -3.02078  -4.53486  17.81613  1.000 41.08883 ? 45  GLU A CD  1 
ATOM   360  O  OE1 . GLU A 1 45  ? -2.25501  -4.08557  16.94274  1.000 32.86673 ? 45  GLU A OE1 1 
ATOM   361  O  OE2 . GLU A 1 45  ? -2.62444  -5.26746  18.74936  1.000 43.02184 ? 45  GLU A OE2 1 
ATOM   362  N  N   . GLU A 1 46  ? -7.05235  -1.68161  19.31778  1.000 35.86891 ? 46  GLU A N   1 
ATOM   363  C  CA  . GLU A 1 46  ? -7.47417  -1.77967  20.70623  1.000 39.59050 ? 46  GLU A CA  1 
ATOM   364  C  C   . GLU A 1 46  ? -8.89967  -2.31666  20.80695  1.000 46.45138 ? 46  GLU A C   1 
ATOM   365  O  O   . GLU A 1 46  ? -9.16883  -3.25189  21.57224  1.000 57.44256 ? 46  GLU A O   1 
ATOM   366  C  CB  . GLU A 1 46  ? -7.32606  -0.41099  21.36311  1.000 39.38561 ? 46  GLU A CB  1 
ATOM   367  C  CG  . GLU A 1 46  ? -5.88095  -0.08931  21.66244  1.000 34.83015 ? 46  GLU A CG  1 
ATOM   368  C  CD  . GLU A 1 46  ? -5.71390  0.90992   22.79795  1.000 46.87605 ? 46  GLU A CD  1 
ATOM   369  O  OE1 . GLU A 1 46  ? -6.19274  2.05031   22.64894  1.000 43.89603 ? 46  GLU A OE1 1 
ATOM   370  O  OE2 . GLU A 1 46  ? -5.10132  0.55252   23.82491  1.000 51.76156 ? 46  GLU A OE2 1 
ATOM   371  N  N   . THR A 1 47  ? -9.81737  -1.78690  19.99329  1.000 46.55370 ? 47  THR A N   1 
ATOM   372  C  CA  . THR A 1 47  ? -11.21355 -2.20362  20.14728  1.000 52.46259 ? 47  THR A CA  1 
ATOM   373  C  C   . THR A 1 47  ? -11.92432 -2.57212  18.85323  1.000 50.70177 ? 47  THR A C   1 
ATOM   374  O  O   . THR A 1 47  ? -12.84983 -3.38067  18.88803  1.000 57.04236 ? 47  THR A O   1 
ATOM   375  C  CB  . THR A 1 47  ? -12.02923 -1.09850  20.82571  1.000 57.27124 ? 47  THR A CB  1 
ATOM   376  O  OG1 . THR A 1 47  ? -11.59315 0.17974   20.34016  1.000 57.61143 ? 47  THR A OG1 1 
ATOM   377  C  CG2 . THR A 1 47  ? -11.87922 -1.16472  22.33931  1.000 64.01679 ? 47  THR A CG2 1 
ATOM   378  N  N   . GLN A 1 48  ? -11.59060 -1.95169  17.72480  1.000 42.19793 ? 48  GLN A N   1 
ATOM   379  C  CA  . GLN A 1 48  ? -12.39894 -2.26116  16.54923  1.000 44.42735 ? 48  GLN A CA  1 
ATOM   380  C  C   . GLN A 1 48  ? -11.85843 -3.46378  15.77856  1.000 45.15944 ? 48  GLN A C   1 
ATOM   381  O  O   . GLN A 1 48  ? -12.64437 -4.28736  15.29970  1.000 40.83945 ? 48  GLN A O   1 
ATOM   382  C  CB  . GLN A 1 48  ? -12.50540 -1.04631  15.63260  1.000 41.13728 ? 48  GLN A CB  1 
ATOM   383  C  CG  . GLN A 1 48  ? -13.44700 0.03526   16.14030  1.000 47.38310 ? 48  GLN A CG  1 
ATOM   384  C  CD  . GLN A 1 48  ? -13.91986 0.92493   15.01733  1.000 45.18822 ? 48  GLN A CD  1 
ATOM   385  O  OE1 . GLN A 1 48  ? -14.58210 0.46017   14.08572  1.000 55.98272 ? 48  GLN A OE1 1 
ATOM   386  N  NE2 . GLN A 1 48  ? -13.57344 2.20094   15.08160  1.000 52.37157 ? 48  GLN A NE2 1 
ATOM   387  N  N   . PHE A 1 49  ? -10.52373 -3.59460  15.65311  1.000 42.06793 ? 49  PHE A N   1 
ATOM   388  C  CA  . PHE A 1 49  ? -9.90053  -4.62150  14.80158  1.000 34.90888 ? 49  PHE A CA  1 
ATOM   389  C  C   . PHE A 1 49  ? -8.71298  -5.24266  15.52519  1.000 35.80775 ? 49  PHE A C   1 
ATOM   390  O  O   . PHE A 1 49  ? -7.55497  -5.01123  15.19913  1.000 36.79096 ? 49  PHE A O   1 
ATOM   391  C  CB  . PHE A 1 49  ? -9.49181  -4.02856  13.48004  1.000 33.84167 ? 49  PHE A CB  1 
ATOM   392  C  CG  . PHE A 1 49  ? -10.64250 -3.53886  12.66942  1.000 38.35818 ? 49  PHE A CG  1 
ATOM   393  C  CD1 . PHE A 1 49  ? -11.34122 -4.39324  11.82891  1.000 40.95271 ? 49  PHE A CD1 1 
ATOM   394  C  CD2 . PHE A 1 49  ? -11.04601 -2.22573  12.77141  1.000 36.95936 ? 49  PHE A CD2 1 
ATOM   395  C  CE1 . PHE A 1 49  ? -12.40454 -3.91930  11.07501  1.000 41.37488 ? 49  PHE A CE1 1 
ATOM   396  C  CE2 . PHE A 1 49  ? -12.10268 -1.75122  12.03475  1.000 37.62406 ? 49  PHE A CE2 1 
ATOM   397  C  CZ  . PHE A 1 49  ? -12.78277 -2.59361  11.18832  1.000 39.99985 ? 49  PHE A CZ  1 
ATOM   398  N  N   . LYS A 1 50  ? -9.02053  -6.03845  16.53873  1.000 38.07694 ? 50  LYS A N   1 
ATOM   399  C  CA  . LYS A 1 50  ? -8.03583  -6.85105  17.25718  1.000 39.74537 ? 50  LYS A CA  1 
ATOM   400  C  C   . LYS A 1 50  ? -7.27178  -7.80029  16.35804  1.000 29.19430 ? 50  LYS A C   1 
ATOM   401  O  O   . LYS A 1 50  ? -6.14174  -8.16385  16.70106  1.000 31.36429 ? 50  LYS A O   1 
ATOM   402  C  CB  . LYS A 1 50  ? -8.70878  -7.60722  18.40212  1.000 41.11548 ? 50  LYS A CB  1 
ATOM   403  C  CG  . LYS A 1 50  ? -9.58010  -6.70277  19.26841  1.000 45.03770 ? 50  LYS A CG  1 
ATOM   404  C  CD  . LYS A 1 50  ? -10.80557 -6.23685  18.57602  1.000 52.66281 ? 50  LYS A CD  1 
ATOM   405  C  CE  . LYS A 1 50  ? -11.91243 -5.94311  19.44278  1.000 57.45953 ? 50  LYS A CE  1 
ATOM   406  N  NZ  . LYS A 1 50  ? -12.98277 -6.09809  18.41446  1.000 59.70600 ? 50  LYS A NZ  1 
ATOM   407  N  N   . GLU A 1 51  ? -7.84326  -8.18962  15.21709  1.000 39.40375 ? 51  GLU A N   1 
ATOM   408  C  CA  . GLU A 1 51  ? -7.12312  -9.01048  14.24998  1.000 34.91611 ? 51  GLU A CA  1 
ATOM   409  C  C   . GLU A 1 51  ? -5.85730  -8.32146  13.74154  1.000 31.64436 ? 51  GLU A C   1 
ATOM   410  O  O   . GLU A 1 51  ? -5.01848  -8.96850  13.10278  1.000 31.70868 ? 51  GLU A O   1 
ATOM   411  C  CB  . GLU A 1 51  ? -8.05766  -9.33777  13.09387  1.000 37.25815 ? 51  GLU A CB  1 
ATOM   412  C  CG  . GLU A 1 51  ? -9.28866  -10.12201 13.51849  1.000 36.13504 ? 51  GLU A CG  1 
ATOM   413  C  CD  . GLU A 1 51  ? -10.46824 -9.22130  13.87044  1.000 40.60891 ? 51  GLU A CD  1 
ATOM   414  O  OE1 . GLU A 1 51  ? -10.29247 -7.98950  13.99846  1.000 40.02838 ? 51  GLU A OE1 1 
ATOM   415  O  OE2 . GLU A 1 51  ? -11.58935 -9.74659  14.01035  1.000 49.69460 ? 51  GLU A OE2 1 
ATOM   416  N  N   . LEU A 1 52  ? -5.71694  -7.01814  13.99323  1.000 29.67333 ? 52  LEU A N   1 
ATOM   417  C  CA  . LEU A 1 52  ? -4.48662  -6.30978  13.66315  1.000 29.45792 ? 52  LEU A CA  1 
ATOM   418  C  C   . LEU A 1 52  ? -3.30553  -6.77516  14.50556  1.000 28.05225 ? 52  LEU A C   1 
ATOM   419  O  O   . LEU A 1 52  ? -2.15757  -6.53529  14.12299  1.000 23.90002 ? 52  LEU A O   1 
ATOM   420  C  CB  . LEU A 1 52  ? -4.70217  -4.81123  13.84346  1.000 24.30014 ? 52  LEU A CB  1 
ATOM   421  C  CG  . LEU A 1 52  ? -5.50438  -4.10055  12.74835  1.000 32.46062 ? 52  LEU A CG  1 
ATOM   422  C  CD1 . LEU A 1 52  ? -5.86864  -2.68072  13.18243  1.000 28.83388 ? 52  LEU A CD1 1 
ATOM   423  C  CD2 . LEU A 1 52  ? -4.76022  -4.11027  11.40616  1.000 31.48060 ? 52  LEU A CD2 1 
ATOM   424  N  N   . LYS A 1 53  ? -3.56860  -7.45338  15.62640  1.000 27.82640 ? 53  LYS A N   1 
ATOM   425  C  CA  . LYS A 1 53  ? -2.52019  -7.81521  16.57665  1.000 33.50638 ? 53  LYS A CA  1 
ATOM   426  C  C   . LYS A 1 53  ? -1.35298  -8.50369  15.89256  1.000 34.12066 ? 53  LYS A C   1 
ATOM   427  O  O   . LYS A 1 53  ? -0.19088  -8.13999  16.09860  1.000 33.85149 ? 53  LYS A O   1 
ATOM   428  C  CB  . LYS A 1 53  ? -3.09681  -8.72593  17.66616  1.000 36.61592 ? 53  LYS A CB  1 
ATOM   429  C  CG  . LYS A 1 53  ? -2.06851  -9.23569  18.66919  1.000 46.13625 ? 53  LYS A CG  1 
ATOM   430  C  CD  . LYS A 1 53  ? -2.64660  -10.33338 19.56662  1.000 47.83365 ? 53  LYS A CD  1 
ATOM   431  C  CE  . LYS A 1 53  ? -2.12532  -10.22833 20.99513  1.000 48.55181 ? 53  LYS A CE  1 
ATOM   432  N  NZ  . LYS A 1 53  ? -0.77569  -9.57913  21.09119  1.000 58.28381 ? 53  LYS A NZ  1 
ATOM   433  N  N   . ASP A 1 54  ? -1.63222  -9.52633  15.09674  1.000 31.60659 ? 54  ASP A N   1 
ATOM   434  C  CA  . ASP A 1 54  ? -0.55216  -10.20523 14.40372  0.773 36.30551 ? 54  ASP A CA  1 
ATOM   435  C  C   . ASP A 1 54  ? -0.53977  -9.88003  12.91759  1.000 30.49374 ? 54  ASP A C   1 
ATOM   436  O  O   . ASP A 1 54  ? 0.06404   -10.61830 12.13423  1.000 32.10318 ? 54  ASP A O   1 
ATOM   437  C  CB  . ASP A 1 54  ? -0.61648  -11.71235 14.63393  0.865 34.67259 ? 54  ASP A CB  1 
ATOM   438  C  CG  . ASP A 1 54  ? -1.66509  -12.37790 13.79151  0.887 32.95858 ? 54  ASP A CG  1 
ATOM   439  O  OD1 . ASP A 1 54  ? -2.79649  -11.86288 13.78956  0.819 35.87710 ? 54  ASP A OD1 1 
ATOM   440  O  OD2 . ASP A 1 54  ? -1.34418  -13.39495 13.12201  0.807 35.33621 ? 54  ASP A OD2 1 
ATOM   441  N  N   . SER A 1 55  ? -1.17767  -8.77674  12.51964  1.000 28.09665 ? 55  SER A N   1 
ATOM   442  C  CA  . SER A 1 55  ? -0.91839  -8.24615  11.19182  1.000 26.05070 ? 55  SER A CA  1 
ATOM   443  C  C   . SER A 1 55  ? 0.40289   -7.48670  11.20250  1.000 27.60430 ? 55  SER A C   1 
ATOM   444  O  O   . SER A 1 55  ? 0.94563   -7.14092  12.26295  1.000 26.49038 ? 55  SER A O   1 
ATOM   445  C  CB  . SER A 1 55  ? -2.04599  -7.32209  10.75346  1.000 21.71130 ? 55  SER A CB  1 
ATOM   446  O  OG  . SER A 1 55  ? -3.28142  -8.01615  10.66298  1.000 27.30457 ? 55  SER A OG  1 
ATOM   447  N  N   . THR A 1 56  ? 0.92967   -7.21296  10.01075  1.000 21.52139 ? 56  THR A N   1 
ATOM   448  C  CA  . THR A 1 56  ? 2.16140   -6.44673  9.88220   1.000 22.06426 ? 56  THR A CA  1 
ATOM   449  C  C   . THR A 1 56  ? 1.92497   -5.21132  9.02508   1.000 23.62545 ? 56  THR A C   1 
ATOM   450  O  O   . THR A 1 56  ? 1.35113   -5.30852  7.94341   1.000 24.97620 ? 56  THR A O   1 
ATOM   451  C  CB  . THR A 1 56  ? 3.29426   -7.28996  9.29417   1.000 25.92244 ? 56  THR A CB  1 
ATOM   452  O  OG1 . THR A 1 56  ? 3.46546   -8.45955  10.09770  1.000 25.91727 ? 56  THR A OG1 1 
ATOM   453  C  CG2 . THR A 1 56  ? 4.60768   -6.50305  9.31230   1.000 24.19143 ? 56  THR A CG2 1 
ATOM   454  N  N   . TYR A 1 57  ? 2.37153   -4.05822  9.52046   1.000 20.31300 ? 57  TYR A N   1 
ATOM   455  C  CA  . TYR A 1 57  ? 2.50643   -2.84565  8.71042   1.000 21.30909 ? 57  TYR A CA  1 
ATOM   456  C  C   . TYR A 1 57  ? 3.90598   -2.82062  8.10392   1.000 21.55097 ? 57  TYR A C   1 
ATOM   457  O  O   . TYR A 1 57  ? 4.89669   -2.83931  8.84213   1.000 23.72067 ? 57  TYR A O   1 
ATOM   458  C  CB  . TYR A 1 57  ? 2.27911   -1.60136  9.57327   1.000 26.38488 ? 57  TYR A CB  1 
ATOM   459  C  CG  . TYR A 1 57  ? 2.51992   -0.27190  8.86316   1.000 21.13667 ? 57  TYR A CG  1 
ATOM   460  C  CD1 . TYR A 1 57  ? 3.79198   0.30493   8.79153   1.000 22.10687 ? 57  TYR A CD1 1 
ATOM   461  C  CD2 . TYR A 1 57  ? 1.47388   0.39337   8.24953   1.000 27.18574 ? 57  TYR A CD2 1 
ATOM   462  C  CE1 . TYR A 1 57  ? 4.00009   1.52348   8.12161   1.000 27.72518 ? 57  TYR A CE1 1 
ATOM   463  C  CE2 . TYR A 1 57  ? 1.66600   1.61142   7.59982   1.000 22.53373 ? 57  TYR A CE2 1 
ATOM   464  C  CZ  . TYR A 1 57  ? 2.92890   2.17459   7.52833   1.000 27.49266 ? 57  TYR A CZ  1 
ATOM   465  O  OH  . TYR A 1 57  ? 3.14072   3.38311   6.86145   1.000 25.02174 ? 57  TYR A OH  1 
ATOM   466  N  N   . HIS A 1 58  ? 3.98594   -2.78503  6.76773   1.000 25.46901 ? 58  HIS A N   1 
ATOM   467  C  CA  . HIS A 1 58  ? 5.27246   -2.66441  6.05162   1.000 24.67419 ? 58  HIS A CA  1 
ATOM   468  C  C   . HIS A 1 58  ? 5.63338   -1.20753  5.78011   1.000 26.29947 ? 58  HIS A C   1 
ATOM   469  O  O   . HIS A 1 58  ? 6.60107   -0.67221  6.32859   1.000 29.15153 ? 58  HIS A O   1 
ATOM   470  C  CB  . HIS A 1 58  ? 5.20906   -3.46667  4.75477   1.000 26.15539 ? 58  HIS A CB  1 
ATOM   471  C  CG  . HIS A 1 58  ? 5.07274   -4.93536  4.97307   1.000 28.30391 ? 58  HIS A CG  1 
ATOM   472  N  ND1 . HIS A 1 58  ? 6.05400   -5.67693  5.58851   1.000 32.04020 ? 58  HIS A ND1 1 
ATOM   473  C  CD2 . HIS A 1 58  ? 4.01562   -5.76513  4.82521   1.000 26.62647 ? 58  HIS A CD2 1 
ATOM   474  C  CE1 . HIS A 1 58  ? 5.65001   -6.92979  5.70656   1.000 29.90897 ? 58  HIS A CE1 1 
ATOM   475  N  NE2 . HIS A 1 58  ? 4.41186   -7.00837  5.25879   1.000 29.86727 ? 58  HIS A NE2 1 
ATOM   476  N  N   . LYS A 1 59  ? 4.87852   -0.56593  4.91482   1.000 21.90441 ? 59  LYS A N   1 
ATOM   477  C  CA  . LYS A 1 59  ? 5.20796   0.80475   4.60010   1.000 26.17191 ? 59  LYS A CA  1 
ATOM   478  C  C   . LYS A 1 59  ? 4.00025   1.40430   3.91610   1.000 28.18666 ? 59  LYS A C   1 
ATOM   479  O  O   . LYS A 1 59  ? 3.04231   0.70258   3.58323   1.000 28.44282 ? 59  LYS A O   1 
ATOM   480  C  CB  . LYS A 1 59  ? 6.44433   0.88839   3.69873   1.000 37.69594 ? 59  LYS A CB  1 
ATOM   481  C  CG  . LYS A 1 59  ? 7.14972   2.21962   3.83529   1.000 42.07200 ? 59  LYS A CG  1 
ATOM   482  C  CD  . LYS A 1 59  ? 7.60053   2.80178   2.51926   1.000 40.89326 ? 59  LYS A CD  1 
ATOM   483  C  CE  . LYS A 1 59  ? 8.67410   3.85067   2.77247   1.000 50.30463 ? 59  LYS A CE  1 
ATOM   484  N  NZ  . LYS A 1 59  ? 8.54089   4.47587   4.12125   1.000 40.67621 ? 59  LYS A NZ  1 
ATOM   485  N  N   . ALA A 1 60  ? 4.04226   2.71710   3.73458   1.000 30.19329 ? 60  ALA A N   1 
ATOM   486  C  CA  . ALA A 1 60  ? 2.99960   3.43501   3.01664   1.000 29.54884 ? 60  ALA A CA  1 
ATOM   487  C  C   . ALA A 1 60  ? 3.63450   4.21414   1.87545   1.000 37.01850 ? 60  ALA A C   1 
ATOM   488  O  O   . ALA A 1 60  ? 4.78583   4.66378   1.96883   1.000 39.19701 ? 60  ALA A O   1 
ATOM   489  C  CB  . ALA A 1 60  ? 2.23039   4.39674   3.94671   1.000 31.21239 ? 60  ALA A CB  1 
ATOM   490  N  N   . TYR A 1 61  ? 2.89383   4.31640   0.77276   1.000 33.27460 ? 61  TYR A N   1 
ATOM   491  C  CA  . TYR A 1 61  ? 3.29975   5.10080   -0.38089  1.000 30.52195 ? 61  TYR A CA  1 
ATOM   492  C  C   . TYR A 1 61  ? 2.18061   6.07212   -0.69747  1.000 30.87586 ? 61  TYR A C   1 
ATOM   493  O  O   . TYR A 1 61  ? 1.01281   5.67746   -0.73467  1.000 34.98059 ? 61  TYR A O   1 
ATOM   494  C  CB  . TYR A 1 61  ? 3.60743   4.21138   -1.58668  1.000 32.03283 ? 61  TYR A CB  1 
ATOM   495  C  CG  . TYR A 1 61  ? 4.52410   3.03056   -1.30252  1.000 35.33835 ? 61  TYR A CG  1 
ATOM   496  C  CD1 . TYR A 1 61  ? 4.05142   1.88805   -0.66725  1.000 37.19341 ? 61  TYR A CD1 1 
ATOM   497  C  CD2 . TYR A 1 61  ? 5.85620   3.05636   -1.69573  1.000 34.64552 ? 61  TYR A CD2 1 
ATOM   498  C  CE1 . TYR A 1 61  ? 4.89407   0.80492   -0.42400  1.000 33.48933 ? 61  TYR A CE1 1 
ATOM   499  C  CE2 . TYR A 1 61  ? 6.70284   1.97751   -1.46386  1.000 34.48407 ? 61  TYR A CE2 1 
ATOM   500  C  CZ  . TYR A 1 61  ? 6.21222   0.86239   -0.83102  1.000 35.04429 ? 61  TYR A CZ  1 
ATOM   501  O  OH  . TYR A 1 61  ? 7.03984   -0.20469  -0.59425  1.000 42.23241 ? 61  TYR A OH  1 
ATOM   502  N  N   . LYS A 1 62  ? 2.53790   7.33955   -0.91003  1.000 35.91905 ? 62  LYS A N   1 
ATOM   503  C  CA  . LYS A 1 62  ? 1.54431   8.40351   -1.04566  1.000 43.18545 ? 62  LYS A CA  1 
ATOM   504  C  C   . LYS A 1 62  ? 1.95185   9.31575   -2.19592  1.000 58.24035 ? 62  LYS A C   1 
ATOM   505  O  O   . LYS A 1 62  ? 2.86255   10.13284  -2.04526  1.000 62.16430 ? 62  LYS A O   1 
ATOM   506  C  CB  . LYS A 1 62  ? 1.40986   9.19363   0.24966   1.000 42.98395 ? 62  LYS A CB  1 
ATOM   507  C  CG  . LYS A 1 62  ? 0.28619   10.21042  0.21889   1.000 48.14018 ? 62  LYS A CG  1 
ATOM   508  C  CD  . LYS A 1 62  ? 0.14245   10.97842  1.53016   1.000 41.38440 ? 62  LYS A CD  1 
ATOM   509  C  CE  . LYS A 1 62  ? 1.40840   11.70266  1.92249   1.000 45.05918 ? 62  LYS A CE  1 
ATOM   510  N  NZ  . LYS A 1 62  ? 1.20342   12.48967  3.18666   1.000 47.98359 ? 62  LYS A NZ  1 
ATOM   511  N  N   . VAL A 1 63  ? 1.27125   9.18853   -3.33198  1.000 57.49691 ? 63  VAL A N   1 
ATOM   512  C  CA  . VAL A 1 63  ? 1.46707   10.08229  -4.46810  1.000 58.71761 ? 63  VAL A CA  1 
ATOM   513  C  C   . VAL A 1 63  ? 0.11640   10.67768  -4.84649  1.000 61.82409 ? 63  VAL A C   1 
ATOM   514  O  O   . VAL A 1 63  ? -0.87323  9.94607   -5.00229  1.000 49.31956 ? 63  VAL A O   1 
ATOM   515  C  CB  . VAL A 1 63  ? 2.09974   9.36636   -5.67333  1.000 59.85208 ? 63  VAL A CB  1 
ATOM   516  C  CG1 . VAL A 1 63  ? 2.51418   10.38348  -6.72911  1.000 60.31202 ? 63  VAL A CG1 1 
ATOM   517  C  CG2 . VAL A 1 63  ? 3.27799   8.51179   -5.23060  1.000 60.14400 ? 63  VAL A CG2 1 
ATOM   518  N  N   . ASP A 1 64  ? 0.08469   12.00630  -4.99263  1.000 61.58350 ? 64  ASP A N   1 
ATOM   519  C  CA  . ASP A 1 64  ? -1.12560  12.76518  -5.32604  1.000 51.26048 ? 64  ASP A CA  1 
ATOM   520  C  C   . ASP A 1 64  ? -2.21496  12.43959  -4.31079  1.000 49.22698 ? 64  ASP A C   1 
ATOM   521  O  O   . ASP A 1 64  ? -1.98931  12.64977  -3.10606  1.000 52.98134 ? 64  ASP A O   1 
ATOM   522  C  CB  . ASP A 1 64  ? -1.48084  12.51662  -6.78899  1.000 53.73899 ? 64  ASP A CB  1 
ATOM   523  C  CG  . ASP A 1 64  ? -2.20518  13.69171  -7.40421  1.000 63.34795 ? 64  ASP A CG  1 
ATOM   524  O  OD1 . ASP A 1 64  ? -2.19953  13.80730  -8.65209  1.000 66.20658 ? 64  ASP A OD1 1 
ATOM   525  O  OD2 . ASP A 1 64  ? -2.81633  14.48087  -6.64527  1.000 63.09047 ? 64  ASP A OD2 1 
ATOM   526  N  N   . ASP A 1 65  ? -3.38772  11.95111  -4.71949  1.000 47.90490 ? 65  ASP A N   1 
ATOM   527  C  CA  . ASP A 1 65  ? -4.51139  11.71498  -3.82338  1.000 46.71198 ? 65  ASP A CA  1 
ATOM   528  C  C   . ASP A 1 65  ? -4.73180  10.23938  -3.54053  1.000 41.32321 ? 65  ASP A C   1 
ATOM   529  O  O   . ASP A 1 65  ? -5.87226  9.80957   -3.35313  1.000 40.40957 ? 65  ASP A O   1 
ATOM   530  C  CB  . ASP A 1 65  ? -5.78964  12.32743  -4.39736  1.000 50.87996 ? 65  ASP A CB  1 
ATOM   531  C  CG  . ASP A 1 65  ? -6.85105  12.58973  -3.32614  1.000 59.90610 ? 65  ASP A CG  1 
ATOM   532  O  OD1 . ASP A 1 65  ? -6.69045  13.56553  -2.55090  1.000 59.07490 ? 65  ASP A OD1 1 
ATOM   533  O  OD2 . ASP A 1 65  ? -7.82413  11.79935  -3.23020  1.000 60.31863 ? 65  ASP A OD2 1 
ATOM   534  N  N   . LEU A 1 66  ? -3.66864  9.45293   -3.49406  1.000 38.16377 ? 66  LEU A N   1 
ATOM   535  C  CA  . LEU A 1 66  ? -3.78338  8.03675   -3.18462  1.000 38.58034 ? 66  LEU A CA  1 
ATOM   536  C  C   . LEU A 1 66  ? -2.73379  7.66100   -2.15413  1.000 24.46121 ? 66  LEU A C   1 
ATOM   537  O  O   . LEU A 1 66  ? -1.54480  7.95293   -2.32724  1.000 32.90064 ? 66  LEU A O   1 
ATOM   538  C  CB  . LEU A 1 66  ? -3.63141  7.17154   -4.44031  1.000 36.01964 ? 66  LEU A CB  1 
ATOM   539  C  CG  . LEU A 1 66  ? -3.78041  5.68698   -4.13570  1.000 31.90514 ? 66  LEU A CG  1 
ATOM   540  C  CD1 . LEU A 1 66  ? -5.20376  5.35539   -3.69599  1.000 31.50955 ? 66  LEU A CD1 1 
ATOM   541  C  CD2 . LEU A 1 66  ? -3.34639  4.84521   -5.34869  1.000 27.97733 ? 66  LEU A CD2 1 
ATOM   542  N  N   . LEU A 1 67  ? -3.19758  7.02264   -1.09758  1.000 30.84184 ? 67  LEU A N   1 
ATOM   543  C  CA  . LEU A 1 67  ? -2.37508  6.40021   -0.07969  1.000 31.23523 ? 67  LEU A CA  1 
ATOM   544  C  C   . LEU A 1 67  ? -2.43735  4.89000   -0.27189  1.000 23.61580 ? 67  LEU A C   1 
ATOM   545  O  O   . LEU A 1 67  ? -3.52790  4.31765   -0.29216  1.000 26.50943 ? 67  LEU A O   1 
ATOM   546  C  CB  . LEU A 1 67  ? -2.89817  6.78038   1.30617   1.000 32.62893 ? 67  LEU A CB  1 
ATOM   547  C  CG  . LEU A 1 67  ? -2.10494  6.31896   2.51249   1.000 37.20090 ? 67  LEU A CG  1 
ATOM   548  C  CD1 . LEU A 1 67  ? -0.71523  6.91750   2.48259   1.000 35.68361 ? 67  LEU A CD1 1 
ATOM   549  C  CD2 . LEU A 1 67  ? -2.84912  6.72039   3.77635   1.000 34.60394 ? 67  LEU A CD2 1 
ATOM   550  N  N   . ILE A 1 68  ? -1.27481  4.24702   -0.42198  1.000 26.02279 ? 68  ILE A N   1 
ATOM   551  C  CA  . ILE A 1 68  ? -1.19165  2.79436   -0.54760  1.000 24.40480 ? 68  ILE A CA  1 
ATOM   552  C  C   . ILE A 1 68  ? -0.50661  2.25028   0.69627   1.000 21.14890 ? 68  ILE A C   1 
ATOM   553  O  O   . ILE A 1 68  ? 0.61491   2.65300   1.01408   1.000 28.03116 ? 68  ILE A O   1 
ATOM   554  C  CB  . ILE A 1 68  ? -0.43528  2.35465   -1.80994  1.000 26.60222 ? 68  ILE A CB  1 
ATOM   555  C  CG1 . ILE A 1 68  ? -1.02918  3.00144   -3.06293  1.000 24.28138 ? 68  ILE A CG1 1 
ATOM   556  C  CG2 . ILE A 1 68  ? -0.40432  0.81476   -1.92021  1.000 24.16612 ? 68  ILE A CG2 1 
ATOM   557  C  CD1 . ILE A 1 68  ? -0.08564  2.97175   -4.23633  1.000 23.43067 ? 68  ILE A CD1 1 
ATOM   558  N  N   . LEU A 1 69  ? -1.17714  1.34554   1.39365   1.000 25.45931 ? 69  LEU A N   1 
ATOM   559  C  CA  . LEU A 1 69  ? -0.55351  0.64829   2.51359   1.000 30.21654 ? 69  LEU A CA  1 
ATOM   560  C  C   . LEU A 1 69  ? -0.14623  -0.73823  2.06788   1.000 29.88719 ? 69  LEU A C   1 
ATOM   561  O  O   . LEU A 1 69  ? -0.90600  -1.41948  1.38464   1.000 30.03430 ? 69  LEU A O   1 
ATOM   562  C  CB  . LEU A 1 69  ? -1.49319  0.52506   3.71190   1.000 31.28249 ? 69  LEU A CB  1 
ATOM   563  C  CG  . LEU A 1 69  ? -1.35226  1.62081   4.76340   1.000 40.07177 ? 69  LEU A CG  1 
ATOM   564  C  CD1 . LEU A 1 69  ? -1.70601  2.94514   4.14595   1.000 40.79594 ? 69  LEU A CD1 1 
ATOM   565  C  CD2 . LEU A 1 69  ? -2.19672  1.33026   6.00215   1.000 35.13208 ? 69  LEU A CD2 1 
ATOM   566  N  N   . LEU A 1 70  ? 1.04763   -1.15581  2.46340   1.000 22.53880 ? 70  LEU A N   1 
ATOM   567  C  CA  . LEU A 1 70  ? 1.54937   -2.48100  2.15857   1.000 25.72944 ? 70  LEU A CA  1 
ATOM   568  C  C   . LEU A 1 70  ? 1.52591   -3.20301  3.49083   1.000 25.00512 ? 70  LEU A C   1 
ATOM   569  O  O   . LEU A 1 70  ? 2.12592   -2.70856  4.44399   1.000 25.01153 ? 70  LEU A O   1 
ATOM   570  C  CB  . LEU A 1 70  ? 2.96584   -2.41178  1.59891   1.000 25.58715 ? 70  LEU A CB  1 
ATOM   571  C  CG  . LEU A 1 70  ? 3.60142   -3.72207  1.15305   1.000 28.93458 ? 70  LEU A CG  1 
ATOM   572  C  CD1 . LEU A 1 70  ? 2.74238   -4.39631  0.07928   1.000 29.01498 ? 70  LEU A CD1 1 
ATOM   573  C  CD2 . LEU A 1 70  ? 5.05540   -3.53444  0.69161   1.000 34.54785 ? 70  LEU A CD2 1 
ATOM   574  N  N   . VAL A 1 71  ? 0.78902   -4.32069  3.57903   1.000 23.89026 ? 71  VAL A N   1 
ATOM   575  C  CA  . VAL A 1 71  ? 0.57865   -5.00864  4.85529   1.000 25.37347 ? 71  VAL A CA  1 
ATOM   576  C  C   . VAL A 1 71  ? 0.71204   -6.51440  4.68870   1.000 24.00190 ? 71  VAL A C   1 
ATOM   577  O  O   . VAL A 1 71  ? 0.61819   -7.05631  3.58479   1.000 24.90692 ? 71  VAL A O   1 
ATOM   578  C  CB  . VAL A 1 71  ? -0.80478  -4.72229  5.48747   1.000 26.27984 ? 71  VAL A CB  1 
ATOM   579  C  CG1 . VAL A 1 71  ? -1.04469  -3.22148  5.65252   1.000 25.45405 ? 71  VAL A CG1 1 
ATOM   580  C  CG2 . VAL A 1 71  ? -1.90386  -5.36377  4.66040   1.000 25.09531 ? 71  VAL A CG2 1 
ATOM   581  N  N   . THR A 1 72  ? 0.90366   -7.19743  5.82349   1.000 20.93582 ? 72  THR A N   1 
ATOM   582  C  CA  . THR A 1 72  ? 0.64217   -8.62675  5.92236   1.000 27.20176 ? 72  THR A CA  1 
ATOM   583  C  C   . THR A 1 72  ? -0.56568  -8.84293  6.82770   1.000 23.43349 ? 72  THR A C   1 
ATOM   584  O  O   . THR A 1 72  ? -0.63221  -8.29224  7.93267   1.000 24.11356 ? 72  THR A O   1 
ATOM   585  C  CB  . THR A 1 72  ? 1.85320   -9.39628  6.44956   1.000 27.16224 ? 72  THR A CB  1 
ATOM   586  O  OG1 . THR A 1 72  ? 2.91543   -9.32848  5.49416   1.000 24.27496 ? 72  THR A OG1 1 
ATOM   587  C  CG2 . THR A 1 72  ? 1.48008   -10.87017 6.67280   1.000 31.54718 ? 72  THR A CG2 1 
ATOM   588  N  N   . SER A 1 73  ? -1.54137  -9.60005  6.32993   1.000 24.44890 ? 73  SER A N   1 
ATOM   589  C  CA  . SER A 1 73  ? -2.72391  -9.91237  7.10976   1.000 24.67606 ? 73  SER A CA  1 
ATOM   590  C  C   . SER A 1 73  ? -2.37262  -10.90414 8.21140   1.000 29.38017 ? 73  SER A C   1 
ATOM   591  O  O   . SER A 1 73  ? -1.74373  -11.93803 7.95584   1.000 29.92542 ? 73  SER A O   1 
ATOM   592  C  CB  . SER A 1 73  ? -3.80477  -10.51237 6.20428   1.000 30.66104 ? 73  SER A CB  1 
ATOM   593  O  OG  . SER A 1 73  ? -4.23753  -9.58381  5.22373   1.000 29.90666 ? 73  SER A OG  1 
ATOM   594  N  N   . GLY A 1 74  ? -2.77419  -10.59847 9.43633   1.000 28.11165 ? 74  GLY A N   1 
ATOM   595  C  CA  . GLY A 1 74  ? -2.61691  -11.60537 10.48330  1.000 27.29225 ? 74  GLY A CA  1 
ATOM   596  C  C   . GLY A 1 74  ? -3.45017  -12.83997 10.19728  1.000 35.43146 ? 74  GLY A C   1 
ATOM   597  O  O   . GLY A 1 74  ? -4.17567  -12.88290 9.19912   1.000 30.55813 ? 74  GLY A O   1 
ATOM   598  N  N   . GLN A 1 75  ? -3.37039  -13.86369 11.05865  1.000 28.52319 ? 75  GLN A N   1 
ATOM   599  C  CA  . GLN A 1 75  ? -4.11569  -15.08757 10.76693  1.000 34.34231 ? 75  GLN A CA  1 
ATOM   600  C  C   . GLN A 1 75  ? -5.62450  -14.93076 10.95627  1.000 34.22457 ? 75  GLN A C   1 
ATOM   601  O  O   . GLN A 1 75  ? -6.36216  -15.85839 10.62500  1.000 33.97945 ? 75  GLN A O   1 
ATOM   602  C  CB  . GLN A 1 75  ? -3.60816  -16.25736 11.62384  1.000 35.84710 ? 75  GLN A CB  1 
ATOM   603  C  CG  . GLN A 1 75  ? -3.64026  -15.99915 13.11846  1.000 34.45035 ? 75  GLN A CG  1 
ATOM   604  C  CD  . GLN A 1 75  ? -2.82152  -17.02280 13.90569  1.000 35.37258 ? 75  GLN A CD  1 
ATOM   605  O  OE1 . GLN A 1 75  ? -1.99131  -17.73374 13.34121  1.000 39.03317 ? 75  GLN A OE1 1 
ATOM   606  N  NE2 . GLN A 1 75  ? -3.04846  -17.08226 15.21362  1.000 42.15565 ? 75  GLN A NE2 1 
ATOM   607  N  N   . GLU A 1 76  ? -6.10973  -13.79682 11.45774  1.000 33.33465 ? 76  GLU A N   1 
ATOM   608  C  CA  . GLU A 1 76  ? -7.54268  -13.55621 11.58206  1.000 33.44294 ? 76  GLU A CA  1 
ATOM   609  C  C   . GLU A 1 76  ? -7.99452  -12.37286 10.75380  1.000 39.96768 ? 76  GLU A C   1 
ATOM   610  O  O   . GLU A 1 76  ? -9.19064  -12.05900 10.74320  1.000 38.21202 ? 76  GLU A O   1 
ATOM   611  C  CB  . GLU A 1 76  ? -7.92914  -13.33203 13.05024  1.000 39.37788 ? 76  GLU A CB  1 
ATOM   612  C  CG  . GLU A 1 76  ? -7.79226  -14.57741 13.92156  1.000 43.43715 ? 76  GLU A CG  1 
ATOM   613  C  CD  . GLU A 1 76  ? -8.27632  -14.33496 15.34303  1.000 49.76006 ? 76  GLU A CD  1 
ATOM   614  O  OE1 . GLU A 1 76  ? -9.49248  -14.07969 15.52610  1.000 48.35796 ? 76  GLU A OE1 1 
ATOM   615  O  OE2 . GLU A 1 76  ? -7.44418  -14.40854 16.27085  1.000 52.69218 ? 76  GLU A OE2 1 
ATOM   616  N  N   . MET A 1 77  ? -7.06906  -11.71072 10.07326  1.000 33.16460 ? 77  MET A N   1 
ATOM   617  C  CA  . MET A 1 77  ? -7.38847  -10.58441 9.21550   1.000 36.44163 ? 77  MET A CA  1 
ATOM   618  C  C   . MET A 1 77  ? -7.99844  -11.07814 7.90561   1.000 39.31520 ? 77  MET A C   1 
ATOM   619  O  O   . MET A 1 77  ? -7.62442  -12.13015 7.37575   1.000 43.27504 ? 77  MET A O   1 
ATOM   620  C  CB  . MET A 1 77  ? -6.11884  -9.77306  8.93074   1.000 32.15459 ? 77  MET A CB  1 
ATOM   621  C  CG  . MET A 1 77  ? -6.32223  -8.28262  8.82342   1.000 40.29395 ? 77  MET A CG  1 
ATOM   622  S  SD  . MET A 1 77  ? -7.48023  -7.53652  9.98629   1.000 45.28351 ? 77  MET A SD  1 
ATOM   623  C  CE  . MET A 1 77  ? -7.74062  -6.01543  9.10005   1.000 40.59120 ? 77  MET A CE  1 
ATOM   624  N  N   . THR A 1 78  ? -8.95279  -10.30778 7.38954   1.000 39.70963 ? 78  THR A N   1 
ATOM   625  C  CA  . THR A 1 78  ? -9.65065  -10.62839 6.15403   1.000 40.51286 ? 78  THR A CA  1 
ATOM   626  C  C   . THR A 1 78  ? -9.69742  -9.40967  5.24585   1.000 42.40632 ? 78  THR A C   1 
ATOM   627  O  O   . THR A 1 78  ? -9.63378  -8.26565  5.70776   1.000 43.20108 ? 78  THR A O   1 
ATOM   628  C  CB  . THR A 1 78  ? -11.08229 -11.09069 6.42019   1.000 44.63087 ? 78  THR A CB  1 
ATOM   629  O  OG1 . THR A 1 78  ? -11.90092 -9.92326  6.57402   1.000 46.21590 ? 78  THR A OG1 1 
ATOM   630  C  CG2 . THR A 1 78  ? -11.16328 -11.94943 7.67089   1.000 43.45045 ? 78  THR A CG2 1 
ATOM   631  N  N   . GLN A 1 79  ? -9.84550  -9.67643  3.93907   1.000 44.68514 ? 79  GLN A N   1 
ATOM   632  C  CA  . GLN A 1 79  ? -9.90056  -8.59862  2.94906   1.000 46.93206 ? 79  GLN A CA  1 
ATOM   633  C  C   . GLN A 1 79  ? -11.01089 -7.60157  3.24128   1.000 47.09561 ? 79  GLN A C   1 
ATOM   634  O  O   . GLN A 1 79  ? -10.87951 -6.40938  2.94023   1.000 41.93025 ? 79  GLN A O   1 
ATOM   635  C  CB  . GLN A 1 79  ? -10.08890 -9.17392  1.55048   1.000 41.73380 ? 79  GLN A CB  1 
ATOM   636  C  CG  . GLN A 1 79  ? -10.29395 -8.12786  0.44128   1.000 50.73965 ? 79  GLN A CG  1 
ATOM   637  C  CD  . GLN A 1 79  ? -9.04782  -7.30693  0.11628   1.000 50.92804 ? 79  GLN A CD  1 
ATOM   638  O  OE1 . GLN A 1 79  ? -8.51574  -7.40500  -0.99400  1.000 53.81224 ? 79  GLN A OE1 1 
ATOM   639  N  NE2 . GLN A 1 79  ? -8.61141  -6.46325  1.04472   1.000 49.17439 ? 79  GLN A NE2 1 
ATOM   640  N  N   . GLN A 1 80  ? -12.12997 -8.07524  3.78979   1.000 43.55567 ? 80  GLN A N   1 
ATOM   641  C  CA  . GLN A 1 80  ? -13.23271 -7.17231  4.09282   1.000 45.86832 ? 80  GLN A CA  1 
ATOM   642  C  C   . GLN A 1 80  ? -12.89462 -6.27715  5.27638   1.000 49.14404 ? 80  GLN A C   1 
ATOM   643  O  O   . GLN A 1 80  ? -13.25314 -5.09367  5.28790   1.000 48.22081 ? 80  GLN A O   1 
ATOM   644  C  CB  . GLN A 1 80  ? -14.51293 -7.97507  4.34171   1.000 52.19304 ? 80  GLN A CB  1 
ATOM   645  C  CG  . GLN A 1 80  ? -14.55529 -8.67810  5.67809   1.000 55.60121 ? 80  GLN A CG  1 
ATOM   646  C  CD  . GLN A 1 80  ? -15.90421 -8.57303  6.35185   1.000 67.13685 ? 80  GLN A CD  1 
ATOM   647  O  OE1 . GLN A 1 80  ? -16.94900 -8.59322  5.69552   1.000 72.33266 ? 80  GLN A OE1 1 
ATOM   648  N  NE2 . GLN A 1 80  ? -15.88982 -8.45892  7.67999   1.000 63.36971 ? 80  GLN A NE2 1 
ATOM   649  N  N   . LYS A 1 81  ? -12.17574 -6.81020  6.26934   1.000 46.81544 ? 81  LYS A N   1 
ATOM   650  C  CA  . LYS A 1 81  ? -11.77825 -5.97970  7.40192   1.000 42.68983 ? 81  LYS A CA  1 
ATOM   651  C  C   . LYS A 1 81  ? -10.82283 -4.88733  6.94213   1.000 37.74725 ? 81  LYS A C   1 
ATOM   652  O  O   . LYS A 1 81  ? -10.95201 -3.72459  7.33740   1.000 39.04009 ? 81  LYS A O   1 
ATOM   653  C  CB  . LYS A 1 81  ? -11.14278 -6.83950  8.50141   1.000 40.44382 ? 81  LYS A CB  1 
ATOM   654  C  CG  . LYS A 1 81  ? -12.09488 -7.82663  9.17594   1.000 46.92292 ? 81  LYS A CG  1 
ATOM   655  C  CD  . LYS A 1 81  ? -11.30928 -8.75790  10.09571  1.000 48.45509 ? 81  LYS A CD  1 
ATOM   656  C  CE  . LYS A 1 81  ? -12.18623 -9.72901  10.88898  1.000 47.76295 ? 81  LYS A CE  1 
ATOM   657  N  NZ  . LYS A 1 81  ? -13.10209 -10.49311 9.99880   1.000 52.87686 ? 81  LYS A NZ  1 
ATOM   658  N  N   . TRP A 1 82  ? -9.86818  -5.24201  6.07352   1.000 37.50109 ? 82  TRP A N   1 
ATOM   659  C  CA  . TRP A 1 82  ? -8.97198  -4.24111  5.49250   1.000 36.63399 ? 82  TRP A CA  1 
ATOM   660  C  C   . TRP A 1 82  ? -9.75080  -3.16679  4.73997   1.000 38.46810 ? 82  TRP A C   1 
ATOM   661  O  O   . TRP A 1 82  ? -9.36158  -1.99406  4.75133   1.000 35.29915 ? 82  TRP A O   1 
ATOM   662  C  CB  . TRP A 1 82  ? -7.95187  -4.90876  4.55381   1.000 37.84883 ? 82  TRP A CB  1 
ATOM   663  C  CG  . TRP A 1 82  ? -6.79504  -5.58289  5.24596   1.000 32.88802 ? 82  TRP A CG  1 
ATOM   664  C  CD1 . TRP A 1 82  ? -6.39623  -6.88621  5.10914   1.000 38.83393 ? 82  TRP A CD1 1 
ATOM   665  C  CD2 . TRP A 1 82  ? -5.87391  -4.97678  6.15858   1.000 30.21738 ? 82  TRP A CD2 1 
ATOM   666  N  NE1 . TRP A 1 82  ? -5.28489  -7.12907  5.89043   1.000 34.17364 ? 82  TRP A NE1 1 
ATOM   667  C  CE2 . TRP A 1 82  ? -4.94811  -5.97103  6.54325   1.000 33.21654 ? 82  TRP A CE2 1 
ATOM   668  C  CE3 . TRP A 1 82  ? -5.73860  -3.69235  6.68186   1.000 29.76303 ? 82  TRP A CE3 1 
ATOM   669  C  CZ2 . TRP A 1 82  ? -3.90751  -5.71585  7.43841   1.000 31.83721 ? 82  TRP A CZ2 1 
ATOM   670  C  CZ3 . TRP A 1 82  ? -4.69740  -3.44258  7.57243   1.000 29.08443 ? 82  TRP A CZ3 1 
ATOM   671  C  CH2 . TRP A 1 82  ? -3.80545  -4.44989  7.94232   1.000 28.81489 ? 82  TRP A CH2 1 
ATOM   672  N  N   . ILE A 1 83  ? -10.83875 -3.54743  4.05587   1.000 42.75044 ? 83  ILE A N   1 
ATOM   673  C  CA  . ILE A 1 83  ? -11.66496 -2.54822  3.37591   1.000 38.28013 ? 83  ILE A CA  1 
ATOM   674  C  C   . ILE A 1 83  ? -12.28968 -1.60188  4.38975   1.000 36.81322 ? 83  ILE A C   1 
ATOM   675  O  O   . ILE A 1 83  ? -12.30046 -0.37935  4.19961   1.000 35.93489 ? 83  ILE A O   1 
ATOM   676  C  CB  . ILE A 1 83  ? -12.74708 -3.21810  2.50548   1.000 44.23883 ? 83  ILE A CB  1 
ATOM   677  C  CG1 . ILE A 1 83  ? -12.12935 -3.89466  1.28703   1.000 46.21013 ? 83  ILE A CG1 1 
ATOM   678  C  CG2 . ILE A 1 83  ? -13.76477 -2.17584  2.02728   1.000 41.57325 ? 83  ILE A CG2 1 
ATOM   679  C  CD1 . ILE A 1 83  ? -11.24573 -2.98204  0.48047   1.000 38.37281 ? 83  ILE A CD1 1 
ATOM   680  N  N   . LYS A 1 84  ? -12.81701 -2.15003  5.48385   1.000 32.51753 ? 84  LYS A N   1 
ATOM   681  C  CA  . LYS A 1 84  ? -13.37417 -1.30344  6.52826   1.000 37.75124 ? 84  LYS A CA  1 
ATOM   682  C  C   . LYS A 1 84  ? -12.31695 -0.35717  7.08107   1.000 39.13658 ? 84  LYS A C   1 
ATOM   683  O  O   . LYS A 1 84  ? -12.55498 0.84884   7.21911   1.000 35.81355 ? 84  LYS A O   1 
ATOM   684  C  CB  . LYS A 1 84  ? -13.96610 -2.17270  7.63006   1.000 34.61904 ? 84  LYS A CB  1 
ATOM   685  C  CG  . LYS A 1 84  ? -15.06997 -3.08561  7.12417   1.000 47.41211 ? 84  LYS A CG  1 
ATOM   686  C  CD  . LYS A 1 84  ? -16.06520 -3.41637  8.21888   1.000 46.38962 ? 84  LYS A CD  1 
ATOM   687  C  CE  . LYS A 1 84  ? -17.43747 -3.73862  7.64401   1.000 54.31269 ? 84  LYS A CE  1 
ATOM   688  N  NZ  . LYS A 1 84  ? -18.40417 -4.12095  8.70747   1.000 56.24973 ? 84  LYS A NZ  1 
ATOM   689  N  N   . ILE A 1 85  ? -11.12588 -0.88449  7.37596   1.000 37.32841 ? 85  ILE A N   1 
ATOM   690  C  CA  . ILE A 1 85  ? -10.05227 -0.03958  7.89130   1.000 30.16603 ? 85  ILE A CA  1 
ATOM   691  C  C   . ILE A 1 85  ? -9.66753  1.01368   6.86394   1.000 31.16689 ? 85  ILE A C   1 
ATOM   692  O  O   . ILE A 1 85  ? -9.42191  2.17593   7.20859   1.000 35.28079 ? 85  ILE A O   1 
ATOM   693  C  CB  . ILE A 1 85  ? -8.85316  -0.91050  8.31303   1.000 32.92827 ? 85  ILE A CB  1 
ATOM   694  C  CG1 . ILE A 1 85  ? -9.27191  -1.81295  9.46678   1.000 31.74669 ? 85  ILE A CG1 1 
ATOM   695  C  CG2 . ILE A 1 85  ? -7.61709  -0.06167  8.61926   1.000 34.56538 ? 85  ILE A CG2 1 
ATOM   696  C  CD1 . ILE A 1 85  ? -8.22969  -2.80797  9.86902   1.000 33.65252 ? 85  ILE A CD1 1 
ATOM   697  N  N   . ALA A 1 86  ? -9.62965  0.62663   5.58317   1.000 34.95729 ? 86  ALA A N   1 
ATOM   698  C  CA  . ALA A 1 86  ? -9.32011  1.58332   4.52725   1.000 33.18956 ? 86  ALA A CA  1 
ATOM   699  C  C   . ALA A 1 86  ? -10.30080 2.74194   4.54058   1.000 33.34344 ? 86  ALA A C   1 
ATOM   700  O  O   . ALA A 1 86  ? -9.90766  3.89729   4.34971   1.000 33.85797 ? 86  ALA A O   1 
ATOM   701  C  CB  . ALA A 1 86  ? -9.32531  0.89051   3.16212   1.000 34.09284 ? 86  ALA A CB  1 
ATOM   702  N  N   . ARG A 1 87  ? -11.58507 2.45302   4.76711   1.000 38.02411 ? 87  ARG A N   1 
ATOM   703  C  CA  . ARG A 1 87  ? -12.57887 3.52063   4.77500   1.000 41.12114 ? 87  ARG A CA  1 
ATOM   704  C  C   . ARG A 1 87  ? -12.33187 4.47894   5.93456   1.000 38.16739 ? 87  ARG A C   1 
ATOM   705  O  O   . ARG A 1 87  ? -12.35165 5.70121   5.75950   1.000 41.05956 ? 87  ARG A O   1 
ATOM   706  C  CB  . ARG A 1 87  ? -13.98686 2.93366   4.84985   1.000 44.15059 ? 87  ARG A CB  1 
ATOM   707  C  CG  . ARG A 1 87  ? -14.39390 2.18679   3.59385   1.000 50.57386 ? 87  ARG A CG  1 
ATOM   708  C  CD  . ARG A 1 87  ? -14.25163 3.02622   2.33337   1.000 57.72745 ? 87  ARG A CD  1 
ATOM   709  N  NE  . ARG A 1 87  ? -14.27285 2.17964   1.14390   1.000 62.04965 ? 87  ARG A NE  1 
ATOM   710  C  CZ  . ARG A 1 87  ? -13.19603 1.77555   0.47779   1.000 63.75623 ? 87  ARG A CZ  1 
ATOM   711  N  NH1 . ARG A 1 87  ? -11.97164 2.09570   0.87506   1.000 54.21896 ? 87  ARG A NH1 1 
ATOM   712  N  NH2 . ARG A 1 87  ? -13.35131 1.01620   -0.60603  1.000 55.98215 ? 87  ARG A NH2 1 
ATOM   713  N  N   . ILE A 1 88  ? -12.06268 3.93721   7.12257   1.000 35.27789 ? 88  ILE A N   1 
ATOM   714  C  CA  . ILE A 1 88  ? -11.71820 4.77946   8.26615   1.000 34.61335 ? 88  ILE A CA  1 
ATOM   715  C  C   . ILE A 1 88  ? -10.50365 5.64379   7.94718   1.000 35.15937 ? 88  ILE A C   1 
ATOM   716  O  O   . ILE A 1 88  ? -10.48374 6.84995   8.22226   1.000 32.64486 ? 88  ILE A O   1 
ATOM   717  C  CB  . ILE A 1 88  ? -11.48856 3.90308   9.50985   1.000 34.32222 ? 88  ILE A CB  1 
ATOM   718  C  CG1 . ILE A 1 88  ? -12.77905 3.16362   9.87175   1.000 40.49001 ? 88  ILE A CG1 1 
ATOM   719  C  CG2 . ILE A 1 88  ? -10.96773 4.74396   10.66499  1.000 38.47190 ? 88  ILE A CG2 1 
ATOM   720  C  CD1 . ILE A 1 88  ? -12.63085 2.18469   11.00194  1.000 42.87682 ? 88  ILE A CD1 1 
ATOM   721  N  N   . LEU A 1 89  ? -9.46561  5.03553   7.36454   1.000 35.54926 ? 89  LEU A N   1 
ATOM   722  C  CA  . LEU A 1 89  ? -8.26727  5.78752   7.01100   1.000 32.66943 ? 89  LEU A CA  1 
ATOM   723  C  C   . LEU A 1 89  ? -8.59039  6.88517   6.00696   1.000 32.04371 ? 89  LEU A C   1 
ATOM   724  O  O   . LEU A 1 89  ? -8.04700  7.99170   6.09153   1.000 31.25366 ? 89  LEU A O   1 
ATOM   725  C  CB  . LEU A 1 89  ? -7.21471  4.83352   6.44481   1.000 33.48695 ? 89  LEU A CB  1 
ATOM   726  C  CG  . LEU A 1 89  ? -6.46714  3.96092   7.46451   1.000 37.83143 ? 89  LEU A CG  1 
ATOM   727  C  CD1 . LEU A 1 89  ? -5.66432  2.85682   6.75968   1.000 32.18403 ? 89  LEU A CD1 1 
ATOM   728  C  CD2 . LEU A 1 89  ? -5.54862  4.82898   8.30534   1.000 40.38625 ? 89  LEU A CD2 1 
ATOM   729  N  N   . GLN A 1 90  ? -9.46262  6.58135   5.03722   1.000 35.74521 ? 90  GLN A N   1 
ATOM   730  C  CA  . GLN A 1 90  ? -9.92328  7.57896   4.06825   1.000 37.78163 ? 90  GLN A CA  1 
ATOM   731  C  C   . GLN A 1 90  ? -10.56017 8.76787   4.77307   1.000 40.53314 ? 90  GLN A C   1 
ATOM   732  O  O   . GLN A 1 90  ? -10.21929 9.92718   4.50474   1.000 38.85571 ? 90  GLN A O   1 
ATOM   733  C  CB  . GLN A 1 90  ? -10.94336 6.95299   3.10390   1.000 39.45288 ? 90  GLN A CB  1 
ATOM   734  C  CG  . GLN A 1 90  ? -10.39851 6.59102   1.72317   1.000 47.21245 ? 90  GLN A CG  1 
ATOM   735  C  CD  . GLN A 1 90  ? -11.32935 5.71660   0.89527   1.000 52.11923 ? 90  GLN A CD  1 
ATOM   736  O  OE1 . GLN A 1 90  ? -10.86889 4.84211   0.14592   1.000 53.49917 ? 90  GLN A OE1 1 
ATOM   737  N  NE2 . GLN A 1 90  ? -12.64019 5.95820   1.00620   1.000 48.78951 ? 90  GLN A NE2 1 
ATOM   738  N  N   . GLU A 1 91  ? -11.49892 8.48754   5.67551   1.000 40.74454 ? 91  GLU A N   1 
ATOM   739  C  CA  . GLU A 1 91  ? -12.22092 9.54954   6.36925   1.000 41.81417 ? 91  GLU A CA  1 
ATOM   740  C  C   . GLU A 1 91  ? -11.26465 10.40159  7.19603   1.000 46.02197 ? 91  GLU A C   1 
ATOM   741  O  O   . GLU A 1 91  ? -11.23609 11.63057  7.06354   1.000 44.19736 ? 91  GLU A O   1 
ATOM   742  C  CB  . GLU A 1 91  ? -13.33203 8.91955   7.22749   1.000 47.16648 ? 91  GLU A CB  1 
ATOM   743  C  CG  . GLU A 1 91  ? -14.17217 9.83385   8.14875   1.000 53.68755 ? 91  GLU A CG  1 
ATOM   744  C  CD  . GLU A 1 91  ? -13.40913 10.38437  9.35654   1.000 62.80992 ? 91  GLU A CD  1 
ATOM   745  O  OE1 . GLU A 1 91  ? -13.18925 9.62182   10.32818  1.000 62.05869 ? 91  GLU A OE1 1 
ATOM   746  O  OE2 . GLU A 1 91  ? -13.06070 11.58760  9.35157   1.000 66.91530 ? 91  GLU A OE2 1 
ATOM   747  N  N   . LYS A 1 92  ? -10.44322 9.76100   8.03454   1.000 40.94687 ? 92  LYS A N   1 
ATOM   748  C  CA  . LYS A 1 92  ? -9.56663  10.51628  8.92905   1.000 43.51752 ? 92  LYS A CA  1 
ATOM   749  C  C   . LYS A 1 92  ? -8.50024  11.28905  8.16249   1.000 41.47749 ? 92  LYS A C   1 
ATOM   750  O  O   . LYS A 1 92  ? -8.14595  12.41033  8.54179   1.000 39.13424 ? 92  LYS A O   1 
ATOM   751  C  CB  . LYS A 1 92  ? -8.91593  9.57046   9.93382   1.000 38.14226 ? 92  LYS A CB  1 
ATOM   752  C  CG  . LYS A 1 92  ? -9.90588  8.66781   10.64734  1.000 37.47872 ? 92  LYS A CG  1 
ATOM   753  C  CD  . LYS A 1 92  ? -9.30493  8.07323   11.90444  1.000 37.91318 ? 92  LYS A CD  1 
ATOM   754  C  CE  . LYS A 1 92  ? -10.32996 7.91844   12.99849  1.000 45.66794 ? 92  LYS A CE  1 
ATOM   755  N  NZ  . LYS A 1 92  ? -10.08872 6.66406   13.76985  1.000 43.80303 ? 92  LYS A NZ  1 
ATOM   756  N  N   . LEU A 1 93  ? -7.97939  10.72276  7.07748   1.000 41.68308 ? 93  LEU A N   1 
ATOM   757  C  CA  . LEU A 1 93  ? -6.86430  11.34823  6.38372   1.000 35.95996 ? 93  LEU A CA  1 
ATOM   758  C  C   . LEU A 1 93  ? -7.27302  12.11340  5.13491   1.000 39.19837 ? 93  LEU A C   1 
ATOM   759  O  O   . LEU A 1 93  ? -6.41905  12.77761  4.53669   1.000 39.45470 ? 93  LEU A O   1 
ATOM   760  C  CB  . LEU A 1 93  ? -5.82016  10.29541  6.00666   1.000 35.67010 ? 93  LEU A CB  1 
ATOM   761  C  CG  . LEU A 1 93  ? -5.23760  9.56715   7.21644   1.000 35.82502 ? 93  LEU A CG  1 
ATOM   762  C  CD1 . LEU A 1 93  ? -4.31847  8.43803   6.72918   1.000 35.91032 ? 93  LEU A CD1 1 
ATOM   763  C  CD2 . LEU A 1 93  ? -4.50600  10.53367  8.13838   1.000 37.08311 ? 93  LEU A CD2 1 
ATOM   764  N  N   . ASN A 1 94  ? -8.54112  12.03664  4.73927   1.000 36.23163 ? 94  ASN A N   1 
ATOM   765  C  CA  A ASN A 1 94  ? -9.05939  12.74729  3.57206   0.515 41.33590 ? 94  ASN A CA  1 
ATOM   766  C  CA  B ASN A 1 94  ? -9.05942  12.74770  3.57521   0.485 41.33833 ? 94  ASN A CA  1 
ATOM   767  C  C   . ASN A 1 94  ? -8.19455  12.47957  2.34246   1.000 40.81232 ? 94  ASN A C   1 
ATOM   768  O  O   . ASN A 1 94  ? -7.59368  13.38342  1.75431   1.000 39.57624 ? 94  ASN A O   1 
ATOM   769  C  CB  A ASN A 1 94  ? -9.17417  14.25051  3.83201   0.515 40.62288 ? 94  ASN A CB  1 
ATOM   770  C  CB  B ASN A 1 94  ? -9.17975  14.24421  3.87719   0.485 40.62143 ? 94  ASN A CB  1 
ATOM   771  C  CG  A ASN A 1 94  ? -10.04347 14.94009  2.80273   0.515 37.43106 ? 94  ASN A CG  1 
ATOM   772  C  CG  B ASN A 1 94  ? -10.27384 14.54034  4.89188   0.485 39.73311 ? 94  ASN A CG  1 
ATOM   773  O  OD1 A ASN A 1 94  ? -11.16751 14.50888  2.54558   0.515 39.33012 ? 94  ASN A OD1 1 
ATOM   774  O  OD1 B ASN A 1 94  ? -11.37446 13.99524  4.80775   0.485 44.46598 ? 94  ASN A OD1 1 
ATOM   775  N  ND2 A ASN A 1 94  ? -9.51994  15.99190  2.18542   0.515 39.38070 ? 94  ASN A ND2 1 
ATOM   776  N  ND2 B ASN A 1 94  ? -9.96929  15.38922  5.86687   0.485 41.95663 ? 94  ASN A ND2 1 
ATOM   777  N  N   . ILE A 1 95  ? -8.13719  11.19796  1.97082   1.000 39.62951 ? 95  ILE A N   1 
ATOM   778  C  CA  . ILE A 1 95  ? -7.35472  10.74805  0.82728   1.000 36.44569 ? 95  ILE A CA  1 
ATOM   779  C  C   . ILE A 1 95  ? -7.83778  9.35059   0.46897   1.000 38.12447 ? 95  ILE A C   1 
ATOM   780  O  O   . ILE A 1 95  ? -8.27467  8.59491   1.33760   1.000 35.64071 ? 95  ILE A O   1 
ATOM   781  C  CB  . ILE A 1 95  ? -5.84086  10.78546  1.15862   1.000 38.33401 ? 95  ILE A CB  1 
ATOM   782  C  CG1 . ILE A 1 95  ? -4.98767  10.68534  -0.10602  1.000 37.69803 ? 95  ILE A CG1 1 
ATOM   783  C  CG2 . ILE A 1 95  ? -5.49530  9.72034   2.18998   1.000 34.00949 ? 95  ILE A CG2 1 
ATOM   784  C  CD1 . ILE A 1 95  ? -3.50001  10.88086  0.14062   1.000 39.33232 ? 95  ILE A CD1 1 
ATOM   785  N  N   . LYS A 1 96  ? -7.79191  9.01564   -0.82297  1.000 31.28476 ? 96  LYS A N   1 
ATOM   786  C  CA  . LYS A 1 96  ? -8.16252  7.66448   -1.23964  1.000 40.74085 ? 96  LYS A CA  1 
ATOM   787  C  C   . LYS A 1 96  ? -7.17530  6.66249   -0.65157  1.000 36.00152 ? 96  LYS A C   1 
ATOM   788  O  O   . LYS A 1 96  ? -6.01980  6.99591   -0.39328  1.000 34.07393 ? 96  LYS A O   1 
ATOM   789  C  CB  . LYS A 1 96  ? -8.18718  7.55434   -2.77001  1.000 41.15643 ? 96  LYS A CB  1 
ATOM   790  C  CG  . LYS A 1 96  ? -9.29449  8.36770   -3.42738  1.000 38.41013 ? 96  LYS A CG  1 
ATOM   791  C  CD  . LYS A 1 96  ? -9.23120  8.34178   -4.96215  1.000 39.82107 ? 96  LYS A CD  1 
ATOM   792  C  CE  . LYS A 1 96  ? -8.06697  9.17130   -5.52598  1.000 46.24927 ? 96  LYS A CE  1 
ATOM   793  N  NZ  . LYS A 1 96  ? -8.07129  9.19607   -7.02444  1.000 43.79570 ? 96  LYS A NZ  1 
ATOM   794  N  N   . VAL A 1 97  ? -7.63551  5.42880   -0.42315  1.000 34.10304 ? 97  VAL A N   1 
ATOM   795  C  CA  . VAL A 1 97  ? -6.79566  4.41608   0.21895   1.000 33.86021 ? 97  VAL A CA  1 
ATOM   796  C  C   . VAL A 1 97  ? -6.92829  3.09355   -0.52705  1.000 36.12632 ? 97  VAL A C   1 
ATOM   797  O  O   . VAL A 1 97  ? -8.03438  2.68265   -0.89172  1.000 33.15122 ? 97  VAL A O   1 
ATOM   798  C  CB  . VAL A 1 97  ? -7.14909  4.21637   1.70859   1.000 37.29002 ? 97  VAL A CB  1 
ATOM   799  C  CG1 . VAL A 1 97  ? -6.37129  3.01820   2.28820   1.000 30.35625 ? 97  VAL A CG1 1 
ATOM   800  C  CG2 . VAL A 1 97  ? -6.84928  5.45938   2.51070   1.000 33.82249 ? 97  VAL A CG2 1 
ATOM   801  N  N   . ARG A 1 98  ? -5.78989  2.43887   -0.76721  1.000 28.69294 ? 98  ARG A N   1 
ATOM   802  C  CA  . ARG A 1 98  ? -5.73016  1.06457   -1.22927  1.000 28.51194 ? 98  ARG A CA  1 
ATOM   803  C  C   . ARG A 1 98  ? -4.79997  0.33464   -0.27618  1.000 27.24449 ? 98  ARG A C   1 
ATOM   804  O  O   . ARG A 1 98  ? -3.67758  0.79613   -0.03767  1.000 27.56570 ? 98  ARG A O   1 
ATOM   805  C  CB  . ARG A 1 98  ? -5.20829  0.95324   -2.66635  1.000 28.34396 ? 98  ARG A CB  1 
ATOM   806  C  CG  . ARG A 1 98  ? -6.26190  1.20051   -3.77811  1.000 34.12999 ? 98  ARG A CG  1 
ATOM   807  C  CD  . ARG A 1 98  ? -7.40286  0.17116   -3.75371  1.000 34.02940 ? 98  ARG A CD  1 
ATOM   808  N  NE  . ARG A 1 98  ? -8.44820  0.44634   -4.74449  1.000 32.92300 ? 98  ARG A NE  1 
ATOM   809  C  CZ  . ARG A 1 98  ? -9.26374  1.49741   -4.70341  1.000 38.96463 ? 98  ARG A CZ  1 
ATOM   810  N  NH1 . ARG A 1 98  ? -9.15975  2.42327   -3.76085  1.000 34.33128 ? 98  ARG A NH1 1 
ATOM   811  N  NH2 . ARG A 1 98  ? -10.22278 1.61496   -5.62213  1.000 38.79231 ? 98  ARG A NH2 1 
ATOM   812  N  N   . VAL A 1 99  ? -5.27435  -0.77749  0.27274   1.000 30.47498 ? 99  VAL A N   1 
ATOM   813  C  CA  . VAL A 1 99  ? -4.46972  -1.64361  1.13023   1.000 28.93590 ? 99  VAL A CA  1 
ATOM   814  C  C   . VAL A 1 99  ? -4.03426  -2.84080  0.30664   1.000 27.59804 ? 99  VAL A C   1 
ATOM   815  O  O   . VAL A 1 99  ? -4.88309  -3.57157  -0.21932  1.000 29.76286 ? 99  VAL A O   1 
ATOM   816  C  CB  . VAL A 1 99  ? -5.25708  -2.08731  2.37132   1.000 27.10273 ? 99  VAL A CB  1 
ATOM   817  C  CG1 . VAL A 1 99  ? -4.42165  -3.08316  3.21789   1.000 28.91877 ? 99  VAL A CG1 1 
ATOM   818  C  CG2 . VAL A 1 99  ? -5.63339  -0.87111  3.19792   1.000 32.74790 ? 99  VAL A CG2 1 
ATOM   819  N  N   . LEU A 1 100 ? -2.71824  -3.04889  0.19135   1.000 24.20516 ? 100 LEU A N   1 
ATOM   820  C  CA  . LEU A 1 100 ? -2.15773  -4.15845  -0.57321  1.000 25.82925 ? 100 LEU A CA  1 
ATOM   821  C  C   . LEU A 1 100 ? -1.52063  -5.18136  0.34940   1.000 29.56758 ? 100 LEU A C   1 
ATOM   822  O  O   . LEU A 1 100 ? -0.64557  -4.82868  1.14519   1.000 27.88975 ? 100 LEU A O   1 
ATOM   823  C  CB  . LEU A 1 100 ? -1.07323  -3.69352  -1.54432  1.000 32.42527 ? 100 LEU A CB  1 
ATOM   824  C  CG  . LEU A 1 100 ? -1.43306  -3.35216  -2.97752  1.000 34.40216 ? 100 LEU A CG  1 
ATOM   825  C  CD1 . LEU A 1 100 ? -2.65698  -2.48702  -3.00904  1.000 24.62237 ? 100 LEU A CD1 1 
ATOM   826  C  CD2 . LEU A 1 100 ? -0.23995  -2.67708  -3.63258  1.000 25.41038 ? 100 LEU A CD2 1 
ATOM   827  N  N   . GLU A 1 101 ? -1.91835  -6.44570  0.19807   1.000 26.63778 ? 101 GLU A N   1 
ATOM   828  C  CA  . GLU A 1 101 ? -1.17105  -7.55237  0.78896   1.000 28.76905 ? 101 GLU A CA  1 
ATOM   829  C  C   . GLU A 1 101 ? 0.22113   -7.62980  0.17290   1.000 33.85659 ? 101 GLU A C   1 
ATOM   830  O  O   . GLU A 1 101 ? 0.37201   -7.66859  -1.05367  1.000 30.47661 ? 101 GLU A O   1 
ATOM   831  C  CB  . GLU A 1 101 ? -1.92232  -8.87035  0.56585   1.000 33.14378 ? 101 GLU A CB  1 
ATOM   832  C  CG  . GLU A 1 101 ? -1.49578  -10.04745 1.46484   1.000 34.63397 ? 101 GLU A CG  1 
ATOM   833  C  CD  . GLU A 1 101 ? -1.85776  -9.86979  2.93513   1.000 27.70243 ? 101 GLU A CD  1 
ATOM   834  O  OE1 . GLU A 1 101 ? -2.68286  -8.99656  3.24982   1.000 31.97082 ? 101 GLU A OE1 1 
ATOM   835  O  OE2 . GLU A 1 101 ? -1.28023  -10.60299 3.77377   1.000 29.68457 ? 101 GLU A OE2 1 
ATOM   836  N  N   . LYS A 1 102 ? 1.24809   -7.63949  1.02154   1.000 28.54020 ? 102 LYS A N   1 
ATOM   837  C  CA  . LYS A 1 102 ? 2.58752   -7.87344  0.51073   1.000 23.43189 ? 102 LYS A CA  1 
ATOM   838  C  C   . LYS A 1 102 ? 2.65601   -9.26918  -0.09270  1.000 31.34413 ? 102 LYS A C   1 
ATOM   839  O  O   . LYS A 1 102 ? 2.26235   -10.25941 0.52974   1.000 34.15523 ? 102 LYS A O   1 
ATOM   840  C  CB  . LYS A 1 102 ? 3.63850   -7.69500  1.61303   1.000 28.86628 ? 102 LYS A CB  1 
ATOM   841  C  CG  . LYS A 1 102 ? 5.06042   -7.84890  1.08956   1.000 28.48664 ? 102 LYS A CG  1 
ATOM   842  C  CD  . LYS A 1 102 ? 6.10182   -7.64814  2.18679   1.000 35.74571 ? 102 LYS A CD  1 
ATOM   843  C  CE  . LYS A 1 102 ? 7.51071   -7.96659  1.67605   1.000 41.28418 ? 102 LYS A CE  1 
ATOM   844  N  NZ  . LYS A 1 102 ? 8.59031   -7.47043  2.58952   1.000 46.11334 ? 102 LYS A NZ  1 
ATOM   845  N  N   . THR A 1 103 ? 3.13545   -9.34062  -1.32688  1.000 29.69173 ? 103 THR A N   1 
ATOM   846  C  CA  . THR A 1 103 ? 3.15088   -10.58942 -2.06863  1.000 28.97793 ? 103 THR A CA  1 
ATOM   847  C  C   . THR A 1 103 ? 4.25134   -10.53109 -3.10308  1.000 28.15300 ? 103 THR A C   1 
ATOM   848  O  O   . THR A 1 103 ? 4.58325   -9.45075  -3.58725  1.000 23.99794 ? 103 THR A O   1 
ATOM   849  C  CB  . THR A 1 103 ? 1.81714   -10.84417 -2.76647  1.000 31.15460 ? 103 THR A CB  1 
ATOM   850  O  OG1 . THR A 1 103 ? 1.95634   -11.99312 -3.59831  1.000 29.40621 ? 103 THR A OG1 1 
ATOM   851  C  CG2 . THR A 1 103 ? 1.36294   -9.59976  -3.62081  1.000 28.37077 ? 103 THR A CG2 1 
ATOM   852  N  N   . ASN A 1 104 ? 4.80794   -11.70648 -3.44634  1.000 25.95067 ? 104 ASN A N   1 
ATOM   853  C  CA  . ASN A 1 104 ? 5.75661   -11.77270 -4.55419  1.000 29.55590 ? 104 ASN A CA  1 
ATOM   854  C  C   . ASN A 1 104 ? 5.08123   -11.57278 -5.91195  1.000 25.94192 ? 104 ASN A C   1 
ATOM   855  O  O   . ASN A 1 104 ? 5.74276   -11.15861 -6.86930  1.000 31.22517 ? 104 ASN A O   1 
ATOM   856  C  CB  . ASN A 1 104 ? 6.51618   -13.10319 -4.54938  1.000 35.66179 ? 104 ASN A CB  1 
ATOM   857  C  CG  . ASN A 1 104 ? 7.49154   -13.22954 -3.38670  1.000 36.48923 ? 104 ASN A CG  1 
ATOM   858  O  OD1 . ASN A 1 104 ? 7.78957   -12.24531 -2.69517  1.000 40.14603 ? 104 ASN A OD1 1 
ATOM   859  N  ND2 . ASN A 1 104 ? 7.99175   -14.44640 -3.15901  1.000 33.17184 ? 104 ASN A ND2 1 
ATOM   860  N  N   . SER A 1 105 ? 3.78219   -11.83299 -6.01785  1.000 24.22986 ? 105 SER A N   1 
ATOM   861  C  CA  . SER A 1 105 ? 3.07883   -11.79713 -7.30114  1.000 23.01445 ? 105 SER A CA  1 
ATOM   862  C  C   . SER A 1 105 ? 2.76155   -10.36161 -7.69057  1.000 24.65705 ? 105 SER A C   1 
ATOM   863  O  O   . SER A 1 105 ? 1.92951   -9.71119  -7.04245  1.000 24.35369 ? 105 SER A O   1 
ATOM   864  C  CB  . SER A 1 105 ? 1.79674   -12.60584 -7.19976  1.000 26.76254 ? 105 SER A CB  1 
ATOM   865  O  OG  . SER A 1 105 ? 1.02834   -12.44277 -8.37194  1.000 25.26288 ? 105 SER A OG  1 
ATOM   866  N  N   . ILE A 1 106 ? 3.39020   -9.87961  -8.76939  1.000 24.34621 ? 106 ILE A N   1 
ATOM   867  C  CA  . ILE A 1 106 ? 3.01011   -8.58604  -9.32187  1.000 24.34621 ? 106 ILE A CA  1 
ATOM   868  C  C   . ILE A 1 106 ? 1.54227   -8.60653  -9.74764  1.000 24.34621 ? 106 ILE A C   1 
ATOM   869  O  O   . ILE A 1 106 ? 0.81482   -7.62567  -9.56257  1.000 24.34621 ? 106 ILE A O   1 
ATOM   870  C  CB  . ILE A 1 106 ? 3.94128   -8.20604  -10.48731 1.000 24.34621 ? 106 ILE A CB  1 
ATOM   871  C  CG1 . ILE A 1 106 ? 5.36247   -7.97874  -9.98217  1.000 24.34621 ? 106 ILE A CG1 1 
ATOM   872  C  CG2 . ILE A 1 106 ? 3.46707   -6.94655  -11.21858 1.000 24.34621 ? 106 ILE A CG2 1 
ATOM   873  C  CD1 . ILE A 1 106 ? 6.37466   -7.85376  -11.09412 1.000 29.27966 ? 106 ILE A CD1 1 
ATOM   874  N  N   . LYS A 1 107 ? 1.06585   -9.73901  -10.26066 1.000 19.91129 ? 107 LYS A N   1 
ATOM   875  C  CA  . LYS A 1 107 ? -0.32511  -9.78305  -10.71900 1.000 21.37583 ? 107 LYS A CA  1 
ATOM   876  C  C   . LYS A 1 107 ? -1.28292  -9.60781  -9.54856  1.000 27.05862 ? 107 LYS A C   1 
ATOM   877  O  O   . LYS A 1 107 ? -2.21475  -8.80842  -9.61983  1.000 21.95721 ? 107 LYS A O   1 
ATOM   878  C  CB  . LYS A 1 107 ? -0.61767  -11.08836 -11.46618 1.000 23.42642 ? 107 LYS A CB  1 
ATOM   879  C  CG  . LYS A 1 107 ? -2.03644  -11.13225 -12.02234 1.000 28.30743 ? 107 LYS A CG  1 
ATOM   880  C  CD  . LYS A 1 107 ? -2.35525  -12.49093 -12.62064 1.000 32.83385 ? 107 LYS A CD  1 
ATOM   881  C  CE  . LYS A 1 107 ? -2.47551  -13.52953 -11.51714 1.000 43.93197 ? 107 LYS A CE  1 
ATOM   882  N  NZ  . LYS A 1 107 ? -3.20415  -14.74386 -11.95665 1.000 54.00489 ? 107 LYS A NZ  1 
ATOM   883  N  N   . ASN A 1 108 ? -1.05618  -10.33788 -8.44881  1.000 23.13328 ? 108 ASN A N   1 
ATOM   884  C  CA  . ASN A 1 108 ? -1.95205  -10.23989 -7.29820  1.000 24.76658 ? 108 ASN A CA  1 
ATOM   885  C  C   . ASN A 1 108 ? -1.93873  -8.83811  -6.70935  1.000 24.24715 ? 108 ASN A C   1 
ATOM   886  O  O   . ASN A 1 108 ? -2.99587  -8.32776  -6.30539  1.000 28.30025 ? 108 ASN A O   1 
ATOM   887  C  CB  . ASN A 1 108 ? -1.58373  -11.30280 -6.25504  1.000 28.02954 ? 108 ASN A CB  1 
ATOM   888  C  CG  . ASN A 1 108 ? -1.94169  -12.70873 -6.72133  1.000 34.86908 ? 108 ASN A CG  1 
ATOM   889  O  OD1 . ASN A 1 108 ? -2.51623  -12.87711 -7.80034  1.000 37.03504 ? 108 ASN A OD1 1 
ATOM   890  N  ND2 . ASN A 1 108 ? -1.57665  -13.71974 -5.93994  1.000 40.08017 ? 108 ASN A ND2 1 
ATOM   891  N  N   . SER A 1 109 ? -0.75837  -8.20445  -6.63377  1.000 22.79681 ? 109 SER A N   1 
ATOM   892  C  CA  A SER A 1 109 ? -0.69718  -6.80458  -6.20759  0.535 21.66235 ? 109 SER A CA  1 
ATOM   893  C  CA  B SER A 1 109 ? -0.66274  -6.80417  -6.23529  0.465 21.71083 ? 109 SER A CA  1 
ATOM   894  C  C   . SER A 1 109 ? -1.49496  -5.90873  -7.13893  1.000 22.04220 ? 109 SER A C   1 
ATOM   895  O  O   . SER A 1 109 ? -2.27292  -5.06325  -6.66799  1.000 21.99782 ? 109 SER A O   1 
ATOM   896  C  CB  A SER A 1 109 ? 0.74300   -6.27135  -6.12581  0.535 22.31850 ? 109 SER A CB  1 
ATOM   897  C  CB  B SER A 1 109 ? 0.79603   -6.36046  -6.29238  0.465 22.37877 ? 109 SER A CB  1 
ATOM   898  O  OG  A SER A 1 109 ? 1.49546   -6.85749  -5.08354  0.535 24.18593 ? 109 SER A OG  1 
ATOM   899  O  OG  B SER A 1 109 ? 1.01685   -5.25505  -5.46764  0.465 23.34298 ? 109 SER A OG  1 
ATOM   900  N  N   . ALA A 1 110 ? -1.28802  -6.04552  -8.45108  1.000 18.96096 ? 110 ALA A N   1 
ATOM   901  C  CA  . ALA A 1 110 ? -1.99057  -5.17574  -9.38971  1.000 20.11769 ? 110 ALA A CA  1 
ATOM   902  C  C   . ALA A 1 110 ? -3.49849  -5.37075  -9.29320  1.000 23.42593 ? 110 ALA A C   1 
ATOM   903  O  O   . ALA A 1 110 ? -4.25500  -4.39604  -9.30591  1.000 19.56180 ? 110 ALA A O   1 
ATOM   904  C  CB  . ALA A 1 110 ? -1.53220  -5.41096  -10.82967 1.000 20.72729 ? 110 ALA A CB  1 
ATOM   905  N  N   . VAL A 1 111 ? -3.95844  -6.61170  -9.13554  1.000 21.83625 ? 111 VAL A N   1 
ATOM   906  C  CA  . VAL A 1 111 ? -5.40447  -6.82856  -8.99653  1.000 24.44185 ? 111 VAL A CA  1 
ATOM   907  C  C   . VAL A 1 111 ? -5.96003  -6.04100  -7.81405  1.000 22.43028 ? 111 VAL A C   1 
ATOM   908  O  O   . VAL A 1 111 ? -6.98732  -5.36068  -7.92167  1.000 24.45912 ? 111 VAL A O   1 
ATOM   909  C  CB  . VAL A 1 111 ? -5.71925  -8.33249  -8.86595  1.000 16.94270 ? 111 VAL A CB  1 
ATOM   910  C  CG1 . VAL A 1 111 ? -7.14514  -8.54658  -8.36181  1.000 23.86428 ? 111 VAL A CG1 1 
ATOM   911  C  CG2 . VAL A 1 111 ? -5.44676  -9.06360  -10.15387 1.000 21.22602 ? 111 VAL A CG2 1 
ATOM   912  N  N   . GLN A 1 112 ? -5.30150  -6.13582  -6.65867  1.000 19.00580 ? 112 GLN A N   1 
ATOM   913  C  CA  . GLN A 1 112 ? -5.77156  -5.42362  -5.47421  1.000 24.30406 ? 112 GLN A CA  1 
ATOM   914  C  C   . GLN A 1 112 ? -5.71714  -3.91299  -5.65886  1.000 22.34847 ? 112 GLN A C   1 
ATOM   915  O  O   . GLN A 1 112 ? -6.62580  -3.18995  -5.21919  1.000 24.81284 ? 112 GLN A O   1 
ATOM   916  C  CB  . GLN A 1 112 ? -4.93227  -5.81228  -4.26681  1.000 26.84664 ? 112 GLN A CB  1 
ATOM   917  C  CG  . GLN A 1 112 ? -5.64403  -6.63652  -3.23914  1.000 37.00133 ? 112 GLN A CG  1 
ATOM   918  C  CD  . GLN A 1 112 ? -4.79617  -6.84515  -2.00068  1.000 37.48194 ? 112 GLN A CD  1 
ATOM   919  O  OE1 . GLN A 1 112 ? -3.58753  -7.03615  -2.08863  1.000 34.48966 ? 112 GLN A OE1 1 
ATOM   920  N  NE2 . GLN A 1 112 ? -5.44234  -6.84087  -0.83363  1.000 48.00745 ? 112 GLN A NE2 1 
ATOM   921  N  N   . LEU A 1 113 ? -4.63672  -3.41195  -6.25854  1.000 20.40877 ? 113 LEU A N   1 
ATOM   922  C  CA  . LEU A 1 113 ? -4.40324  -1.97249  -6.29426  1.000 19.34188 ? 113 LEU A CA  1 
ATOM   923  C  C   . LEU A 1 113 ? -5.35178  -1.29503  -7.25938  1.000 24.50209 ? 113 LEU A C   1 
ATOM   924  O  O   . LEU A 1 113 ? -5.91121  -0.23093  -6.94983  1.000 24.07031 ? 113 LEU A O   1 
ATOM   925  C  CB  . LEU A 1 113 ? -2.94295  -1.69125  -6.66819  1.000 20.57721 ? 113 LEU A CB  1 
ATOM   926  C  CG  . LEU A 1 113 ? -2.56157  -0.21900  -6.83645  1.000 18.06497 ? 113 LEU A CG  1 
ATOM   927  C  CD1 . LEU A 1 113 ? -2.74724  0.63886   -5.56115  1.000 22.38578 ? 113 LEU A CD1 1 
ATOM   928  C  CD2 . LEU A 1 113 ? -1.13936  -0.06151  -7.40709  1.000 18.24252 ? 113 LEU A CD2 1 
ATOM   929  N  N   . LEU A 1 114 ? -5.60932  -1.95012  -8.38963  1.000 22.12926 ? 114 LEU A N   1 
ATOM   930  C  CA  . LEU A 1 114 ? -6.39140  -1.35666  -9.46179  1.000 19.48936 ? 114 LEU A CA  1 
ATOM   931  C  C   . LEU A 1 114 ? -7.88717  -1.56811  -9.26153  1.000 25.61985 ? 114 LEU A C   1 
ATOM   932  O  O   . LEU A 1 114 ? -8.68961  -0.91727  -9.93246  1.000 24.39781 ? 114 LEU A O   1 
ATOM   933  C  CB  . LEU A 1 114 ? -5.92588  -1.94490  -10.79523 1.000 20.13604 ? 114 LEU A CB  1 
ATOM   934  C  CG  . LEU A 1 114 ? -4.74657  -1.25010  -11.49151 1.000 25.72888 ? 114 LEU A CG  1 
ATOM   935  C  CD1 . LEU A 1 114 ? -3.50781  -1.33287  -10.63365 1.000 23.36974 ? 114 LEU A CD1 1 
ATOM   936  C  CD2 . LEU A 1 114 ? -4.43511  -1.92658  -12.80508 1.000 27.51942 ? 114 LEU A CD2 1 
ATOM   937  N  N   . SER A 1 115 ? -8.27222  -2.46644  -8.37062  1.000 19.68400 ? 115 SER A N   1 
ATOM   938  C  CA  . SER A 1 115 ? -9.67866  -2.75886  -8.13163  1.000 24.97103 ? 115 SER A CA  1 
ATOM   939  C  C   . SER A 1 115 ? -10.45487 -1.46502  -7.87104  1.000 27.32656 ? 115 SER A C   1 
ATOM   940  O  O   . SER A 1 115 ? -9.97201  -0.58697  -7.14200  1.000 27.91184 ? 115 SER A O   1 
ATOM   941  C  CB  . SER A 1 115 ? -9.80593  -3.70199  -6.92945  1.000 29.22462 ? 115 SER A CB  1 
ATOM   942  O  OG  . SER A 1 115 ? -11.16516 -3.91373  -6.57668  1.000 30.91057 ? 115 SER A OG  1 
ATOM   943  N  N   . PRO A 1 116 ? -11.67021 -1.31741  -8.42564  1.000 29.49984 ? 116 PRO A N   1 
ATOM   944  C  CA  . PRO A 1 116 ? -12.44318 -2.31723  -9.16226  1.000 28.41412 ? 116 PRO A CA  1 
ATOM   945  C  C   . PRO A 1 116 ? -12.18416 -2.38551  -10.66413 1.000 27.62969 ? 116 PRO A C   1 
ATOM   946  O  O   . PRO A 1 116 ? -12.94923 -3.03422  -11.38367 1.000 26.20407 ? 116 PRO A O   1 
ATOM   947  C  CB  . PRO A 1 116 ? -13.88950 -1.89052  -8.84672  1.000 28.49826 ? 116 PRO A CB  1 
ATOM   948  C  CG  . PRO A 1 116 ? -13.81059 -0.38149  -8.83491  1.000 24.64773 ? 116 PRO A CG  1 
ATOM   949  C  CD  . PRO A 1 116 ? -12.45723 -0.08385  -8.19174  1.000 27.51978 ? 116 PRO A CD  1 
ATOM   950  N  N   . ALA A 1 117 ? -11.14116 -1.73957  -11.18606 1.000 27.21075 ? 117 ALA A N   1 
ATOM   951  C  CA  . ALA A 1 117 ? -10.74083 -1.97020  -12.56725 1.000 28.21818 ? 117 ALA A CA  1 
ATOM   952  C  C   . ALA A 1 117 ? -10.18750 -3.38326  -12.72886 1.000 28.20896 ? 117 ALA A C   1 
ATOM   953  O  O   . ALA A 1 117 ? -9.42060  -3.86646  -11.88348 1.000 27.75016 ? 117 ALA A O   1 
ATOM   954  C  CB  . ALA A 1 117 ? -9.68637  -0.94939  -12.99716 1.000 29.12581 ? 117 ALA A CB  1 
ATOM   955  N  N   . ARG A 1 118 ? -10.57513 -4.04871  -13.81966 1.000 23.96323 ? 118 ARG A N   1 
ATOM   956  C  CA  . ARG A 1 118 ? -10.14352 -5.43205  -14.04980 1.000 24.18523 ? 118 ARG A CA  1 
ATOM   957  C  C   . ARG A 1 118 ? -8.76446  -5.51519  -14.69008 1.000 32.66607 ? 118 ARG A C   1 
ATOM   958  O  O   . ARG A 1 118 ? -8.43715  -4.76970  -15.61990 1.000 29.81843 ? 118 ARG A O   1 
ATOM   959  C  CB  . ARG A 1 118 ? -11.14380 -6.17389  -14.91810 1.000 27.04023 ? 118 ARG A CB  1 
ATOM   960  C  CG  . ARG A 1 118 ? -12.42553 -6.48211  -14.16615 1.000 39.28646 ? 118 ARG A CG  1 
ATOM   961  C  CD  . ARG A 1 118 ? -13.38774 -7.34303  -14.95744 1.000 38.65094 ? 118 ARG A CD  1 
ATOM   962  N  NE  . ARG A 1 118 ? -13.78475 -6.71233  -16.20800 1.000 38.20878 ? 118 ARG A NE  1 
ATOM   963  C  CZ  . ARG A 1 118 ? -14.50736 -7.31796  -17.14045 1.000 45.01043 ? 118 ARG A CZ  1 
ATOM   964  N  NH1 . ARG A 1 118 ? -14.91641 -8.56996  -16.99213 1.000 42.77820 ? 118 ARG A NH1 1 
ATOM   965  N  NH2 . ARG A 1 118 ? -14.84729 -6.64467  -18.23764 1.000 44.13608 ? 118 ARG A NH2 1 
ATOM   966  N  N   . VAL A 1 119 ? -7.95979  -6.45136  -14.19816 1.000 25.79506 ? 119 VAL A N   1 
ATOM   967  C  CA  . VAL A 1 119 ? -6.69470  -6.79078  -14.83684 1.000 25.47730 ? 119 VAL A CA  1 
ATOM   968  C  C   . VAL A 1 119 ? -6.99127  -7.88642  -15.85682 1.000 28.04122 ? 119 VAL A C   1 
ATOM   969  O  O   . VAL A 1 119 ? -7.36519  -9.00202  -15.50162 1.000 31.08742 ? 119 VAL A O   1 
ATOM   970  C  CB  . VAL A 1 119 ? -5.64812  -7.23190  -13.81099 1.000 27.79631 ? 119 VAL A CB  1 
ATOM   971  C  CG1 . VAL A 1 119 ? -4.38438  -7.72808  -14.52081 1.000 27.11545 ? 119 VAL A CG1 1 
ATOM   972  C  CG2 . VAL A 1 119 ? -5.33558  -6.06391  -12.86941 1.000 24.43945 ? 119 VAL A CG2 1 
ATOM   973  N  N   . LEU A 1 120 ? -6.85148  -7.55721  -17.13326 1.000 27.19777 ? 120 LEU A N   1 
ATOM   974  C  CA  . LEU A 1 120 ? -7.14645  -8.52461  -18.18851 1.000 31.79920 ? 120 LEU A CA  1 
ATOM   975  C  C   . LEU A 1 120 ? -6.09949  -9.62964  -18.24202 1.000 35.43260 ? 120 LEU A C   1 
ATOM   976  O  O   . LEU A 1 120 ? -6.38304  -10.72645 -18.73892 1.000 34.61479 ? 120 LEU A O   1 
ATOM   977  C  CB  . LEU A 1 120 ? -7.21443  -7.80215  -19.53567 1.000 34.15942 ? 120 LEU A CB  1 
ATOM   978  C  CG  . LEU A 1 120 ? -8.30800  -6.74071  -19.73691 1.000 34.13467 ? 120 LEU A CG  1 
ATOM   979  C  CD1 . LEU A 1 120 ? -8.19001  -6.10932  -21.11385 1.000 40.84156 ? 120 LEU A CD1 1 
ATOM   980  C  CD2 . LEU A 1 120 ? -9.71427  -7.29484  -19.52752 1.000 37.56749 ? 120 LEU A CD2 1 
ATOM   981  N  N   . GLY A 1 121 ? -4.91243  -9.36199  -17.71239 1.000 31.98702 ? 121 GLY A N   1 
ATOM   982  C  CA  . GLY A 1 121 ? -3.77783  -10.25304 -17.81968 1.000 33.83864 ? 121 GLY A CA  1 
ATOM   983  C  C   . GLY A 1 121 ? -2.50546  -9.46170  -17.63382 1.000 29.86346 ? 121 GLY A C   1 
ATOM   984  O  O   . GLY A 1 121 ? -2.50320  -8.22964  -17.62196 1.000 28.86031 ? 121 GLY A O   1 
ATOM   985  N  N   . VAL A 1 122 ? -1.40422  -10.19147 -17.48111 1.000 26.65228 ? 122 VAL A N   1 
ATOM   986  C  CA  . VAL A 1 122 ? -0.08878  -9.58995  -17.29857 1.000 27.64760 ? 122 VAL A CA  1 
ATOM   987  C  C   . VAL A 1 122 ? 0.88252   -10.24986 -18.27161 1.000 23.82392 ? 122 VAL A C   1 
ATOM   988  O  O   . VAL A 1 122 ? 0.84708   -11.47581 -18.44784 1.000 27.11179 ? 122 VAL A O   1 
ATOM   989  C  CB  . VAL A 1 122 ? 0.39118   -9.74165  -15.84157 1.000 21.52271 ? 122 VAL A CB  1 
ATOM   990  C  CG1 . VAL A 1 122 ? 1.72446   -8.99360  -15.63154 1.000 23.23494 ? 122 VAL A CG1 1 
ATOM   991  C  CG2 . VAL A 1 122 ? -0.69617  -9.24798  -14.86332 1.000 22.50139 ? 122 VAL A CG2 1 
ATOM   992  N  N   . ASN A 1 123 ? 1.72891   -9.43981  -18.91962 1.000 23.91299 ? 123 ASN A N   1 
ATOM   993  C  CA  . ASN A 1 123 ? 2.72149   -9.92994  -19.87453 1.000 23.96304 ? 123 ASN A CA  1 
ATOM   994  C  C   . ASN A 1 123 ? 4.13370   -9.63125  -19.38372 1.000 24.29775 ? 123 ASN A C   1 
ATOM   995  O  O   . ASN A 1 123 ? 4.37153   -8.64361  -18.67999 1.000 25.82208 ? 123 ASN A O   1 
ATOM   996  C  CB  . ASN A 1 123 ? 2.52554   -9.27907  -21.25895 1.000 29.42366 ? 123 ASN A CB  1 
ATOM   997  C  CG  . ASN A 1 123 ? 1.16657   -9.58449  -21.85925 1.000 31.21573 ? 123 ASN A CG  1 
ATOM   998  O  OD1 . ASN A 1 123 ? 0.53203   -10.57295 -21.51698 1.000 32.56228 ? 123 ASN A OD1 1 
ATOM   999  N  ND2 . ASN A 1 123 ? 0.70634   -8.71577  -22.74619 1.000 39.90369 ? 123 ASN A ND2 1 
ATOM   1000 N  N   . THR A 1 124 ? 5.07359   -10.49471 -19.77321 1.000 22.56437 ? 124 THR A N   1 
ATOM   1001 C  CA  . THR A 1 124 ? 6.49356   -10.29776 -19.50438 1.000 19.42182 ? 124 THR A CA  1 
ATOM   1002 C  C   . THR A 1 124 ? 7.20916   -9.85770  -20.77189 1.000 26.49299 ? 124 THR A C   1 
ATOM   1003 O  O   . THR A 1 124 ? 7.03886   -10.46982 -21.82981 1.000 24.63025 ? 124 THR A O   1 
ATOM   1004 C  CB  . THR A 1 124 ? 7.11545   -11.58411 -18.95566 1.000 21.16636 ? 124 THR A CB  1 
ATOM   1005 O  OG1 . THR A 1 124 ? 6.36144   -12.00059 -17.82131 1.000 24.81117 ? 124 THR A OG1 1 
ATOM   1006 C  CG2 . THR A 1 124 ? 8.57686   -11.37670 -18.56026 1.000 26.15882 ? 124 THR A CG2 1 
ATOM   1007 N  N   . VAL A 1 125 ? 7.97396   -8.77331  -20.67443 1.000 27.84971 ? 125 VAL A N   1 
ATOM   1008 C  CA  . VAL A 1 125 ? 8.74661   -8.25616  -21.80014 1.000 24.83653 ? 125 VAL A CA  1 
ATOM   1009 C  C   . VAL A 1 125 ? 10.20759  -8.20293  -21.39100 1.000 24.59526 ? 125 VAL A C   1 
ATOM   1010 O  O   . VAL A 1 125 ? 10.55314  -7.56829  -20.38681 1.000 27.74061 ? 125 VAL A O   1 
ATOM   1011 C  CB  . VAL A 1 125 ? 8.24508   -6.87601  -22.25498 1.000 27.39250 ? 125 VAL A CB  1 
ATOM   1012 C  CG1 . VAL A 1 125 ? 9.07081   -6.41375  -23.43756 1.000 28.46916 ? 125 VAL A CG1 1 
ATOM   1013 C  CG2 . VAL A 1 125 ? 6.77142   -6.95225  -22.66324 1.000 27.08873 ? 125 VAL A CG2 1 
ATOM   1014 N  N   . TRP A 1 126 ? 11.06703  -8.86750  -22.16880 1.000 29.86244 ? 126 TRP A N   1 
ATOM   1015 C  CA  . TRP A 1 126 ? 12.51154  -8.73283  -21.99459 1.000 26.25065 ? 126 TRP A CA  1 
ATOM   1016 C  C   . TRP A 1 126 ? 12.97468  -7.56778  -22.85986 1.000 29.10902 ? 126 TRP A C   1 
ATOM   1017 O  O   . TRP A 1 126 ? 12.71999  -7.55423  -24.07344 1.000 30.37210 ? 126 TRP A O   1 
ATOM   1018 C  CB  . TRP A 1 126 ? 13.25742  -10.02235 -22.36332 1.000 32.87452 ? 126 TRP A CB  1 
ATOM   1019 C  CG  . TRP A 1 126 ? 12.99645  -11.10424 -21.35886 1.000 27.21523 ? 126 TRP A CG  1 
ATOM   1020 C  CD1 . TRP A 1 126 ? 13.82314  -11.52228 -20.37093 1.000 29.39771 ? 126 TRP A CD1 1 
ATOM   1021 C  CD2 . TRP A 1 126 ? 11.85582  -11.97647 -21.32493 1.000 31.17223 ? 126 TRP A CD2 1 
ATOM   1022 N  NE1 . TRP A 1 126 ? 13.23588  -12.54769 -19.66864 1.000 29.05866 ? 126 TRP A NE1 1 
ATOM   1023 C  CE2 . TRP A 1 126 ? 12.03332  -12.85185 -20.24806 1.000 27.35314 ? 126 TRP A CE2 1 
ATOM   1024 C  CE3 . TRP A 1 126 ? 10.69675  -12.08159 -22.08937 1.000 26.20484 ? 126 TRP A CE3 1 
ATOM   1025 C  CZ2 . TRP A 1 126 ? 11.09569  -13.81580 -19.91014 1.000 27.70838 ? 126 TRP A CZ2 1 
ATOM   1026 C  CZ3 . TRP A 1 126 ? 9.76202   -13.04053 -21.75003 1.000 30.74132 ? 126 TRP A CZ3 1 
ATOM   1027 C  CH2 . TRP A 1 126 ? 9.96369   -13.88879 -20.66931 1.000 26.39961 ? 126 TRP A CH2 1 
ATOM   1028 N  N   . MET A 1 127 ? 13.64030  -6.58286  -22.22187 1.000 34.56667 ? 127 MET A N   1 
ATOM   1029 C  CA  . MET A 1 127 ? 14.11615  -5.34471  -22.83529 1.000 35.44281 ? 127 MET A CA  1 
ATOM   1030 C  C   . MET A 1 127 ? 15.60458  -5.42896  -23.19232 1.000 40.69184 ? 127 MET A C   1 
ATOM   1031 O  O   . MET A 1 127 ? 16.37612  -6.16003  -22.55500 1.000 38.60736 ? 127 MET A O   1 
ATOM   1032 C  CB  . MET A 1 127 ? 13.87050  -4.16174  -21.89557 1.000 33.37108 ? 127 MET A CB  1 
ATOM   1033 C  CG  . MET A 1 127 ? 12.47596  -4.09505  -21.24378 1.000 32.06513 ? 127 MET A CG  1 
ATOM   1034 S  SD  . MET A 1 127 ? 11.19673  -3.81404  -22.47478 1.000 33.74603 ? 127 MET A SD  1 
ATOM   1035 C  CE  . MET A 1 127 ? 11.73540  -2.24386  -23.13818 1.000 34.65127 ? 127 MET A CE  1 
ATOM   1036 N  N   . PRO A 1 128 ? 16.04152  -4.66929  -24.20659 1.000 43.71144 ? 128 PRO A N   1 
ATOM   1037 C  CA  . PRO A 1 128 ? 17.44100  -4.77824  -24.67068 1.000 39.25582 ? 128 PRO A CA  1 
ATOM   1038 C  C   . PRO A 1 128 ? 18.50987  -4.48176  -23.61899 1.000 40.92784 ? 128 PRO A C   1 
ATOM   1039 O  O   . PRO A 1 128 ? 19.61975  -5.02574  -23.70765 1.000 47.76467 ? 128 PRO A O   1 
ATOM   1040 C  CB  . PRO A 1 128 ? 17.48935  -3.78934  -25.84717 1.000 44.81430 ? 128 PRO A CB  1 
ATOM   1041 C  CG  . PRO A 1 128 ? 16.05111  -3.67971  -26.31247 1.000 42.02967 ? 128 PRO A CG  1 
ATOM   1042 C  CD  . PRO A 1 128 ? 15.24618  -3.75777  -25.04301 1.000 36.79704 ? 128 PRO A CD  1 
ATOM   1043 N  N   . ASP A 1 129 ? 18.22570  -3.67151  -22.60395 1.000 39.23939 ? 129 ASP A N   1 
ATOM   1044 C  CA  . ASP A 1 129 ? 19.23578  -3.39141  -21.58524 1.000 39.03233 ? 129 ASP A CA  1 
ATOM   1045 C  C   . ASP A 1 129 ? 19.43337  -4.53103  -20.59307 1.000 38.83786 ? 129 ASP A C   1 
ATOM   1046 O  O   . ASP A 1 129 ? 20.05778  -4.30505  -19.55170 1.000 45.13720 ? 129 ASP A O   1 
ATOM   1047 C  CB  . ASP A 1 129 ? 18.83768  -2.15258  -20.81465 1.000 40.45078 ? 129 ASP A CB  1 
ATOM   1048 C  CG  . ASP A 1 129 ? 17.59074  -2.37682  -20.02786 1.000 38.16863 ? 129 ASP A CG  1 
ATOM   1049 O  OD1 . ASP A 1 129 ? 16.85254  -3.32638  -20.40105 1.000 44.38391 ? 129 ASP A OD1 1 
ATOM   1050 O  OD2 . ASP A 1 129 ? 17.34225  -1.62726  -19.05393 1.000 49.31325 ? 129 ASP A OD2 1 
ATOM   1051 N  N   . GLY A 1 130 ? 18.89428  -5.72280  -20.86015 1.000 41.33080 ? 130 GLY A N   1 
ATOM   1052 C  CA  . GLY A 1 130 ? 18.94669  -6.82521  -19.90936 1.000 43.43006 ? 130 GLY A CA  1 
ATOM   1053 C  C   . GLY A 1 130 ? 17.90353  -6.81107  -18.80693 1.000 48.37910 ? 130 GLY A C   1 
ATOM   1054 O  O   . GLY A 1 130 ? 17.91629  -7.70620  -17.95251 1.000 48.39226 ? 130 GLY A O   1 
ATOM   1055 N  N   . SER A 1 131 ? 17.01343  -5.82828  -18.78420 1.000 40.59703 ? 131 SER A N   1 
ATOM   1056 C  CA  . SER A 1 131 ? 15.96512  -5.81644  -17.78251 1.000 38.05625 ? 131 SER A CA  1 
ATOM   1057 C  C   . SER A 1 131 ? 14.73987  -6.59198  -18.27308 1.000 33.45874 ? 131 SER A C   1 
ATOM   1058 O  O   . SER A 1 131 ? 14.65028  -7.00825  -19.43074 1.000 31.81872 ? 131 SER A O   1 
ATOM   1059 C  CB  . SER A 1 131 ? 15.62218  -4.38118  -17.39477 1.000 43.76034 ? 131 SER A CB  1 
ATOM   1060 O  OG  . SER A 1 131 ? 15.00059  -3.70757  -18.46520 1.000 37.08250 ? 131 SER A OG  1 
ATOM   1061 N  N   . VAL A 1 132 ? 13.78999  -6.77955  -17.36072 1.000 35.73026 ? 132 VAL A N   1 
ATOM   1062 C  CA  . VAL A 1 132 ? 12.54276  -7.49744  -17.60901 1.000 32.18203 ? 132 VAL A CA  1 
ATOM   1063 C  C   . VAL A 1 132 ? 11.39530  -6.63623  -17.08897 1.000 36.59888 ? 132 VAL A C   1 
ATOM   1064 O  O   . VAL A 1 132 ? 11.39940  -6.22274  -15.92398 1.000 42.79626 ? 132 VAL A O   1 
ATOM   1065 C  CB  . VAL A 1 132 ? 12.53407  -8.87929  -16.92610 1.000 33.73899 ? 132 VAL A CB  1 
ATOM   1066 C  CG1 . VAL A 1 132 ? 11.22554  -9.57980  -17.16290 1.000 34.95986 ? 132 VAL A CG1 1 
ATOM   1067 C  CG2 . VAL A 1 132 ? 13.68486  -9.73068  -17.42075 1.000 35.58098 ? 132 VAL A CG2 1 
ATOM   1068 N  N   . GLN A 1 133 ? 10.40707  -6.38889  -17.93898 1.000 28.47226 ? 133 GLN A N   1 
ATOM   1069 C  CA  . GLN A 1 133 ? 9.29424   -5.49543  -17.64731 1.000 30.34102 ? 133 GLN A CA  1 
ATOM   1070 C  C   . GLN A 1 133 ? 8.02347   -6.32642  -17.54187 1.000 28.68043 ? 133 GLN A C   1 
ATOM   1071 O  O   . GLN A 1 133 ? 7.85740   -7.31175  -18.25908 1.000 26.50804 ? 133 GLN A O   1 
ATOM   1072 C  CB  . GLN A 1 133 ? 9.16864   -4.45735  -18.77297 1.000 33.04271 ? 133 GLN A CB  1 
ATOM   1073 C  CG  . GLN A 1 133 ? 9.61286   -3.09448  -18.33891 1.000 42.34389 ? 133 GLN A CG  1 
ATOM   1074 C  CD  . GLN A 1 133 ? 9.45278   -2.02640  -19.39779 1.000 31.43365 ? 133 GLN A CD  1 
ATOM   1075 O  OE1 . GLN A 1 133 ? 8.47091   -1.99602  -20.15373 1.000 39.69609 ? 133 GLN A OE1 1 
ATOM   1076 N  NE2 . GLN A 1 133 ? 10.42987  -1.11919  -19.44501 1.000 40.64771 ? 133 GLN A NE2 1 
ATOM   1077 N  N   . TYR A 1 134 ? 7.12705   -5.94433  -16.64867 1.000 23.08824 ? 134 TYR A N   1 
ATOM   1078 C  CA  . TYR A 1 134 ? 5.83014   -6.60291  -16.54487 1.000 25.28642 ? 134 TYR A CA  1 
ATOM   1079 C  C   . TYR A 1 134 ? 4.71835   -5.63404  -16.90554 1.000 25.96181 ? 134 TYR A C   1 
ATOM   1080 O  O   . TYR A 1 134 ? 4.62919   -4.54205  -16.33283 1.000 25.28845 ? 134 TYR A O   1 
ATOM   1081 C  CB  . TYR A 1 134 ? 5.62938   -7.16176  -15.14008 1.000 23.23439 ? 134 TYR A CB  1 
ATOM   1082 C  CG  . TYR A 1 134 ? 6.69678   -8.18802  -14.82711 1.000 24.11325 ? 134 TYR A CG  1 
ATOM   1083 C  CD1 . TYR A 1 134 ? 6.58011   -9.48972  -15.29592 1.000 22.13687 ? 134 TYR A CD1 1 
ATOM   1084 C  CD2 . TYR A 1 134 ? 7.85461   -7.83331  -14.17039 1.000 26.70577 ? 134 TYR A CD2 1 
ATOM   1085 C  CE1 . TYR A 1 134 ? 7.56394   -10.43856 -15.04348 1.000 25.52902 ? 134 TYR A CE1 1 
ATOM   1086 C  CE2 . TYR A 1 134 ? 8.86344   -8.77730  -13.91209 1.000 27.63065 ? 134 TYR A CE2 1 
ATOM   1087 C  CZ  . TYR A 1 134 ? 8.71341   -10.07764 -14.36487 1.000 27.27690 ? 134 TYR A CZ  1 
ATOM   1088 O  OH  . TYR A 1 134 ? 9.68753   -11.04768 -14.12094 1.000 25.96980 ? 134 TYR A OH  1 
ATOM   1089 N  N   . VAL A 1 135 ? 3.83815   -6.06142  -17.81356 1.000 24.28095 ? 135 VAL A N   1 
ATOM   1090 C  CA  . VAL A 1 135 ? 2.84782   -5.18399  -18.43856 1.000 26.68483 ? 135 VAL A CA  1 
ATOM   1091 C  C   . VAL A 1 135 ? 1.45726   -5.59533  -17.97102 1.000 25.64704 ? 135 VAL A C   1 
ATOM   1092 O  O   . VAL A 1 135 ? 0.98049   -6.68071  -18.30436 1.000 25.97985 ? 135 VAL A O   1 
ATOM   1093 C  CB  . VAL A 1 135 ? 2.96655   -5.22206  -19.96826 1.000 32.05124 ? 135 VAL A CB  1 
ATOM   1094 C  CG1 . VAL A 1 135 ? 1.89959   -4.34421  -20.61299 1.000 35.24345 ? 135 VAL A CG1 1 
ATOM   1095 C  CG2 . VAL A 1 135 ? 4.34801   -4.74791  -20.38619 1.000 34.15847 ? 135 VAL A CG2 1 
ATOM   1096 N  N   . ILE A 1 136 ? 0.80455   -4.73481  -17.19318 1.000 27.07631 ? 136 ILE A N   1 
ATOM   1097 C  CA  A ILE A 1 136 ? -0.55166  -4.99454  -16.72290 0.530 26.26359 ? 136 ILE A CA  1 
ATOM   1098 C  CA  B ILE A 1 136 ? -0.55396  -4.97183  -16.70436 0.470 26.29502 ? 136 ILE A CA  1 
ATOM   1099 C  C   . ILE A 1 136 ? -1.52835  -4.46107  -17.76028 1.000 22.27454 ? 136 ILE A C   1 
ATOM   1100 O  O   . ILE A 1 136 ? -1.54957  -3.26489  -18.04469 1.000 27.73595 ? 136 ILE A O   1 
ATOM   1101 C  CB  A ILE A 1 136 ? -0.79862  -4.34699  -15.35241 0.530 27.75682 ? 136 ILE A CB  1 
ATOM   1102 C  CB  B ILE A 1 136 ? -0.80333  -4.25403  -15.36365 0.470 27.75651 ? 136 ILE A CB  1 
ATOM   1103 C  CG1 A ILE A 1 136 ? 0.23714   -4.84365  -14.34616 0.530 25.43575 ? 136 ILE A CG1 1 
ATOM   1104 C  CG1 B ILE A 1 136 ? 0.36436   -4.40826  -14.37637 0.470 24.19178 ? 136 ILE A CG1 1 
ATOM   1105 C  CG2 A ILE A 1 136 ? -2.22397  -4.61019  -14.87712 0.530 26.20969 ? 136 ILE A CG2 1 
ATOM   1106 C  CG2 B ILE A 1 136 ? -2.09714  -4.74936  -14.72870 0.470 26.26968 ? 136 ILE A CG2 1 
ATOM   1107 C  CD1 A ILE A 1 136 ? 0.40102   -3.93049  -13.22062 0.530 23.54365 ? 136 ILE A CD1 1 
ATOM   1108 C  CD1 B ILE A 1 136 ? 0.58445   -5.81028  -13.85550 0.470 23.50658 ? 136 ILE A CD1 1 
ATOM   1109 N  N   . ARG A 1 137 ? -2.34509  -5.35250  -18.31738 1.000 23.94470 ? 137 ARG A N   1 
ATOM   1110 C  CA  . ARG A 1 137 ? -3.32426  -4.99086  -19.34245 1.000 31.68130 ? 137 ARG A CA  1 
ATOM   1111 C  C   . ARG A 1 137 ? -4.64464  -4.62144  -18.68070 1.000 25.01006 ? 137 ARG A C   1 
ATOM   1112 O  O   . ARG A 1 137 ? -5.16276  -5.37929  -17.85703 1.000 23.84489 ? 137 ARG A O   1 
ATOM   1113 C  CB  . ARG A 1 137 ? -3.52194  -6.15201  -20.33201 1.000 29.69783 ? 137 ARG A CB  1 
ATOM   1114 C  CG  . ARG A 1 137 ? -2.23574  -6.54245  -21.06539 1.000 30.12939 ? 137 ARG A CG  1 
ATOM   1115 C  CD  . ARG A 1 137 ? -2.45631  -7.56374  -22.17798 1.000 42.74664 ? 137 ARG A CD  1 
ATOM   1116 N  NE  . ARG A 1 137 ? -3.04969  -8.81174  -21.70388 1.000 47.76097 ? 137 ARG A NE  1 
ATOM   1117 C  CZ  . ARG A 1 137 ? -4.22189  -9.29520  -22.09601 1.000 44.07407 ? 137 ARG A CZ  1 
ATOM   1118 N  NH1 . ARG A 1 137 ? -5.02355  -8.60191  -22.88770 1.000 47.64345 ? 137 ARG A NH1 1 
ATOM   1119 N  NH2 . ARG A 1 137 ? -4.59194  -10.51307 -21.69179 1.000 38.21452 ? 137 ARG A NH2 1 
ATOM   1120 N  N   . VAL A 1 138 ? -5.17396  -3.44070  -19.00921 1.000 26.03243 ? 138 VAL A N   1 
ATOM   1121 C  CA  . VAL A 1 138 ? -6.49083  -3.03262  -18.53286 1.000 27.84909 ? 138 VAL A CA  1 
ATOM   1122 C  C   . VAL A 1 138 ? -7.33799  -2.60580  -19.72567 1.000 33.93144 ? 138 VAL A C   1 
ATOM   1123 O  O   . VAL A 1 138 ? -6.83070  -2.34780  -20.81953 1.000 35.10789 ? 138 VAL A O   1 
ATOM   1124 C  CB  . VAL A 1 138 ? -6.42714  -1.89687  -17.49257 1.000 26.77810 ? 138 VAL A CB  1 
ATOM   1125 C  CG1 . VAL A 1 138 ? -5.60125  -2.34601  -16.26936 1.000 27.85200 ? 138 VAL A CG1 1 
ATOM   1126 C  CG2 . VAL A 1 138 ? -5.83702  -0.65258  -18.11330 1.000 34.19569 ? 138 VAL A CG2 1 
ATOM   1127 N  N   . SER A 1 139 ? -8.64461  -2.51260  -19.49262 1.000 31.11666 ? 139 SER A N   1 
ATOM   1128 C  CA  . SER A 1 139 ? -9.60130  -2.20439  -20.55247 1.000 33.99702 ? 139 SER A CA  1 
ATOM   1129 C  C   . SER A 1 139 ? -9.79740  -0.69893  -20.70314 1.000 36.42040 ? 139 SER A C   1 
ATOM   1130 O  O   . SER A 1 139 ? -9.94411  0.01860   -19.70594 1.000 34.83104 ? 139 SER A O   1 
ATOM   1131 C  CB  . SER A 1 139 ? -10.93830 -2.88304  -20.25638 1.000 42.96832 ? 139 SER A CB  1 
ATOM   1132 O  OG  . SER A 1 139 ? -11.94342 -2.45427  -21.16284 1.000 50.83114 ? 139 SER A OG  1 
ATOM   1133 N  N   . ARG A 1 140 ? -9.81964  -0.22270  -21.95873 1.000 39.52974 ? 140 ARG A N   1 
ATOM   1134 C  CA  . ARG A 1 140 ? -10.05345 1.20155   -22.20568 1.000 44.37391 ? 140 ARG A CA  1 
ATOM   1135 C  C   . ARG A 1 140 ? -11.35090 1.67627   -21.57245 1.000 34.26355 ? 140 ARG A C   1 
ATOM   1136 O  O   . ARG A 1 140 ? -11.42017 2.78038   -21.01676 1.000 42.21219 ? 140 ARG A O   1 
ATOM   1137 C  CB  . ARG A 1 140 ? -10.06073 1.48818   -23.71184 1.000 48.34636 ? 140 ARG A CB  1 
ATOM   1138 C  CG  . ARG A 1 140 ? -9.48904  2.85997   -24.06558 1.000 50.90793 ? 140 ARG A CG  1 
ATOM   1139 C  CD  . ARG A 1 140 ? -9.43065  3.10820   -25.57253 1.000 52.55407 ? 140 ARG A CD  1 
ATOM   1140 N  NE  . ARG A 1 140 ? -8.18020  2.63549   -26.16086 1.000 59.30836 ? 140 ARG A NE  1 
ATOM   1141 C  CZ  . ARG A 1 140 ? -6.99054  3.18764   -25.95180 1.000 60.78707 ? 140 ARG A CZ  1 
ATOM   1142 N  NH1 . ARG A 1 140 ? -6.84161  4.23720   -25.15642 1.000 54.02353 ? 140 ARG A NH1 1 
ATOM   1143 N  NH2 . ARG A 1 140 ? -5.92215  2.67239   -26.55365 1.000 59.09027 ? 140 ARG A NH2 1 
ATOM   1144 N  N   . SER A 1 141 ? -12.38259 0.83970   -21.62380 1.000 40.39795 ? 141 SER A N   1 
ATOM   1145 C  CA  . SER A 1 141 ? -13.70211 1.19647   -21.12880 1.000 39.39814 ? 141 SER A CA  1 
ATOM   1146 C  C   . SER A 1 141 ? -13.76687 1.30635   -19.60995 1.000 40.97654 ? 141 SER A C   1 
ATOM   1147 O  O   . SER A 1 141 ? -14.79976 1.73779   -19.08005 1.000 40.13148 ? 141 SER A O   1 
ATOM   1148 C  CB  . SER A 1 141 ? -14.71285 0.16979   -21.64307 1.000 43.68979 ? 141 SER A CB  1 
ATOM   1149 O  OG  . SER A 1 141 ? -14.30080 -1.15105  -21.33659 1.000 48.33832 ? 141 SER A OG  1 
ATOM   1150 N  N   . GLU A 1 142 ? -12.69476 0.95151   -18.89752 1.000 34.75237 ? 142 GLU A N   1 
ATOM   1151 C  CA  . GLU A 1 142 ? -12.71267 0.91326   -17.43952 1.000 37.23067 ? 142 GLU A CA  1 
ATOM   1152 C  C   . GLU A 1 142 ? -11.74870 1.92986   -16.82484 1.000 40.89826 ? 142 GLU A C   1 
ATOM   1153 O  O   . GLU A 1 142 ? -11.32420 1.76105   -15.67727 1.000 31.12521 ? 142 GLU A O   1 
ATOM   1154 C  CB  . GLU A 1 142 ? -12.39240 -0.50601  -16.96734 1.000 31.67920 ? 142 GLU A CB  1 
ATOM   1155 C  CG  . GLU A 1 142 ? -13.47303 -1.54449  -17.33028 1.000 28.86195 ? 142 GLU A CG  1 
ATOM   1156 C  CD  . GLU A 1 142 ? -13.38417 -2.78409  -16.46187 1.000 37.26264 ? 142 GLU A CD  1 
ATOM   1157 O  OE1 . GLU A 1 142 ? -12.32884 -2.95640  -15.81830 1.000 29.71870 ? 142 GLU A OE1 1 
ATOM   1158 O  OE2 . GLU A 1 142 ? -14.32946 -3.60294  -16.45360 1.000 33.74951 ? 142 GLU A OE2 1 
ATOM   1159 N  N   . ARG A 1 143 ? -11.39059 2.99056   -17.56588 1.000 41.72251 ? 143 ARG A N   1 
ATOM   1160 C  CA  . ARG A 1 143 ? -10.50671 4.01472   -17.00701 1.000 39.54909 ? 143 ARG A CA  1 
ATOM   1161 C  C   . ARG A 1 143 ? -11.15001 4.70861   -15.80575 1.000 31.27269 ? 143 ARG A C   1 
ATOM   1162 O  O   . ARG A 1 143 ? -10.46298 5.02979   -14.82958 1.000 40.77511 ? 143 ARG A O   1 
ATOM   1163 C  CB  . ARG A 1 143 ? -10.09051 5.01510   -18.10348 1.000 44.93880 ? 143 ARG A CB  1 
ATOM   1164 C  CG  . ARG A 1 143 ? -9.59490  6.41900   -17.65767 1.000 48.37828 ? 143 ARG A CG  1 
ATOM   1165 C  CD  . ARG A 1 143 ? -10.70585 7.38763   -17.16962 1.000 54.94216 ? 143 ARG A CD  1 
ATOM   1166 N  NE  . ARG A 1 143 ? -10.18988 8.67613   -16.71077 1.000 53.62555 ? 143 ARG A NE  1 
ATOM   1167 C  CZ  . ARG A 1 143 ? -9.46048  8.84790   -15.61212 1.000 53.80185 ? 143 ARG A CZ  1 
ATOM   1168 N  NH1 . ARG A 1 143 ? -9.20584  7.84476   -14.78300 1.000 54.00682 ? 143 ARG A NH1 1 
ATOM   1169 N  NH2 . ARG A 1 143 ? -8.99597  10.06144  -15.32208 1.000 50.95701 ? 143 ARG A NH2 1 
ATOM   1170 N  N   . ARG A 1 144 ? -12.46352 4.94080   -15.85027 1.000 34.78710 ? 144 ARG A N   1 
ATOM   1171 C  CA  . ARG A 1 144 ? -13.12078 5.60648   -14.72710 1.000 41.23489 ? 144 ARG A CA  1 
ATOM   1172 C  C   . ARG A 1 144 ? -12.99077 4.80139   -13.43792 1.000 36.90020 ? 144 ARG A C   1 
ATOM   1173 O  O   . ARG A 1 144 ? -13.18608 5.35674   -12.34832 1.000 35.86620 ? 144 ARG A O   1 
ATOM   1174 C  CB  . ARG A 1 144 ? -14.60371 5.86324   -15.03270 1.000 38.86662 ? 144 ARG A CB  1 
ATOM   1175 C  CG  . ARG A 1 144 ? -15.46401 4.59963   -15.05091 1.000 38.33437 ? 144 ARG A CG  1 
ATOM   1176 C  CD  . ARG A 1 144 ? -16.84371 4.84809   -15.65821 1.000 33.63952 ? 144 ARG A CD  1 
ATOM   1177 N  NE  . ARG A 1 144 ? -17.75085 3.71929   -15.46302 1.000 38.38550 ? 144 ARG A NE  1 
ATOM   1178 C  CZ  . ARG A 1 144 ? -17.62740 2.53788   -16.06039 1.000 45.93302 ? 144 ARG A CZ  1 
ATOM   1179 N  NH1 . ARG A 1 144 ? -16.64035 2.29051   -16.91395 1.000 35.34684 ? 144 ARG A NH1 1 
ATOM   1180 N  NH2 . ARG A 1 144 ? -18.51242 1.57632   -15.79003 1.000 45.98215 ? 144 ARG A NH2 1 
ATOM   1181 N  N   . LEU A 1 145 ? -12.65425 3.51216   -13.53919 1.000 29.30016 ? 145 LEU A N   1 
ATOM   1182 C  CA  . LEU A 1 145 ? -12.60348 2.64124   -12.37561 1.000 29.04860 ? 145 LEU A CA  1 
ATOM   1183 C  C   . LEU A 1 145 ? -11.25849 2.69739   -11.66464 1.000 29.28041 ? 145 LEU A C   1 
ATOM   1184 O  O   . LEU A 1 145 ? -11.16437 2.28042   -10.50261 1.000 28.25656 ? 145 LEU A O   1 
ATOM   1185 C  CB  . LEU A 1 145 ? -12.90003 1.20131   -12.80806 1.000 30.63324 ? 145 LEU A CB  1 
ATOM   1186 C  CG  . LEU A 1 145 ? -14.24068 0.89553   -13.48641 1.000 25.71681 ? 145 LEU A CG  1 
ATOM   1187 C  CD1 . LEU A 1 145 ? -14.43923 -0.60285  -13.67386 1.000 25.64834 ? 145 LEU A CD1 1 
ATOM   1188 C  CD2 . LEU A 1 145 ? -15.44221 1.51706   -12.76576 1.000 28.34570 ? 145 LEU A CD2 1 
ATOM   1189 N  N   . LEU A 1 146 ? -10.21988 3.19345   -12.32812 1.000 31.66912 ? 146 LEU A N   1 
ATOM   1190 C  CA  . LEU A 1 146 ? -8.90386  3.23418   -11.70992 1.000 34.42815 ? 146 LEU A CA  1 
ATOM   1191 C  C   . LEU A 1 146 ? -8.89441  4.23048   -10.55063 1.000 33.18848 ? 146 LEU A C   1 
ATOM   1192 O  O   . LEU A 1 146 ? -9.47254  5.31689   -10.65816 1.000 36.46686 ? 146 LEU A O   1 
ATOM   1193 C  CB  . LEU A 1 146 ? -7.83325  3.61726   -12.73148 1.000 25.98036 ? 146 LEU A CB  1 
ATOM   1194 C  CG  . LEU A 1 146 ? -7.39973  2.57051   -13.74441 1.000 34.93751 ? 146 LEU A CG  1 
ATOM   1195 C  CD1 . LEU A 1 146 ? -6.41862  3.16103   -14.75370 1.000 37.53033 ? 146 LEU A CD1 1 
ATOM   1196 C  CD2 . LEU A 1 146 ? -6.79370  1.35151   -13.04955 1.000 29.24416 ? 146 LEU A CD2 1 
ATOM   1197 N  N   . PRO A 1 147 ? -8.24170  3.89650   -9.43282  1.000 29.62160 ? 147 PRO A N   1 
ATOM   1198 C  CA  . PRO A 1 147 ? -8.24646  4.79912   -8.27165  1.000 30.70232 ? 147 PRO A CA  1 
ATOM   1199 C  C   . PRO A 1 147 ? -7.29875  5.98153   -8.39048  1.000 31.12903 ? 147 PRO A C   1 
ATOM   1200 O  O   . PRO A 1 147 ? -7.34769  6.87595   -7.53712  1.000 33.77559 ? 147 PRO A O   1 
ATOM   1201 C  CB  . PRO A 1 147 ? -7.83117  3.87891   -7.10755  1.000 29.76633 ? 147 PRO A CB  1 
ATOM   1202 C  CG  . PRO A 1 147 ? -7.06971  2.78201   -7.74986  1.000 31.31488 ? 147 PRO A CG  1 
ATOM   1203 C  CD  . PRO A 1 147 ? -7.57034  2.61485   -9.15014  1.000 30.56869 ? 147 PRO A CD  1 
ATOM   1204 N  N   . ALA A 1 148 ? -6.43453  5.99833   -9.40240  1.000 32.26072 ? 148 ALA A N   1 
ATOM   1205 C  CA  . ALA A 1 148 ? -5.50582  7.08701   -9.66395  1.000 32.22657 ? 148 ALA A CA  1 
ATOM   1206 C  C   . ALA A 1 148 ? -5.06407  6.96227   -11.10969 1.000 28.61185 ? 148 ALA A C   1 
ATOM   1207 O  O   . ALA A 1 148 ? -5.36074  5.96807   -11.78388 1.000 26.97377 ? 148 ALA A O   1 
ATOM   1208 C  CB  . ALA A 1 148 ? -4.29723  7.05003   -8.72020  1.000 31.03660 ? 148 ALA A CB  1 
ATOM   1209 N  N   . GLU A 1 149 ? -4.34332  7.98101   -11.58297 1.000 32.88542 ? 149 GLU A N   1 
ATOM   1210 C  CA  . GLU A 1 149 ? -3.76616  7.92703   -12.92085 1.000 37.06582 ? 149 GLU A CA  1 
ATOM   1211 C  C   . GLU A 1 149 ? -2.96683  6.64386   -13.09838 1.000 32.53207 ? 149 GLU A C   1 
ATOM   1212 O  O   . GLU A 1 149 ? -2.20309  6.25168   -12.21279 1.000 29.42854 ? 149 GLU A O   1 
ATOM   1213 C  CB  . GLU A 1 149 ? -2.86306  9.13914   -13.17381 1.000 40.26510 ? 149 GLU A CB  1 
ATOM   1214 C  CG  . GLU A 1 149 ? -3.60040  10.45583  -13.25528 1.000 40.80099 ? 149 GLU A CG  1 
ATOM   1215 C  CD  . GLU A 1 149 ? -4.42520  10.54888  -14.51867 1.000 51.98576 ? 149 GLU A CD  1 
ATOM   1216 O  OE1 . GLU A 1 149 ? -4.06653  9.86314   -15.50470 1.000 54.63877 ? 149 GLU A OE1 1 
ATOM   1217 O  OE2 . GLU A 1 149 ? -5.42189  11.30817  -14.53635 1.000 61.37769 ? 149 GLU A OE2 1 
ATOM   1218 N  N   . ALA A 1 150 ? -3.15943  5.99124   -14.25372 1.000 29.88281 ? 150 ALA A N   1 
ATOM   1219 C  CA  . ALA A 1 150 ? -2.44077  4.74984   -14.53674 1.000 31.32464 ? 150 ALA A CA  1 
ATOM   1220 C  C   . ALA A 1 150 ? -0.95638  4.93113   -14.28024 1.000 33.53448 ? 150 ALA A C   1 
ATOM   1221 O  O   . ALA A 1 150 ? -0.26368  4.02008   -13.80843 1.000 31.45814 ? 150 ALA A O   1 
ATOM   1222 C  CB  . ALA A 1 150 ? -2.66672  4.31749   -15.98418 1.000 30.50874 ? 150 ALA A CB  1 
ATOM   1223 N  N   . GLN A 1 151 ? -0.44596  6.12580   -14.55440 1.000 36.66590 ? 151 GLN A N   1 
ATOM   1224 C  CA  . GLN A 1 151 ? 0.99245   6.25987   -14.46208 1.000 36.58572 ? 151 GLN A CA  1 
ATOM   1225 C  C   . GLN A 1 151 ? 1.46068   6.33586   -13.02612 1.000 31.49019 ? 151 GLN A C   1 
ATOM   1226 O  O   . GLN A 1 151 ? 2.55509   5.85724   -12.71962 1.000 32.46093 ? 151 GLN A O   1 
ATOM   1227 C  CB  . GLN A 1 151 ? 1.49677   7.46779   -15.21030 1.000 44.56121 ? 151 GLN A CB  1 
ATOM   1228 C  CG  . GLN A 1 151 ? 2.93929   7.31127   -15.37070 1.000 52.68313 ? 151 GLN A CG  1 
ATOM   1229 C  CD  . GLN A 1 151 ? 3.48963   8.35464   -16.21198 1.000 60.72207 ? 151 GLN A CD  1 
ATOM   1230 O  OE1 . GLN A 1 151 ? 4.54226   8.15687   -16.81239 1.000 64.17747 ? 151 GLN A OE1 1 
ATOM   1231 N  NE2 . GLN A 1 151 ? 2.81031   9.51020   -16.26945 1.000 60.25406 ? 151 GLN A NE2 1 
ATOM   1232 N  N   . LEU A 1 152 ? 0.66202   6.94087   -12.14159 1.000 32.87406 ? 152 LEU A N   1 
ATOM   1233 C  CA  . LEU A 1 152 ? 0.97160   6.90759   -10.71819 1.000 28.47178 ? 152 LEU A CA  1 
ATOM   1234 C  C   . LEU A 1 152 ? 0.98118   5.47289   -10.19764 1.000 27.54897 ? 152 LEU A C   1 
ATOM   1235 O  O   . LEU A 1 152 ? 1.85787   5.09349   -9.41584  1.000 30.00085 ? 152 LEU A O   1 
ATOM   1236 C  CB  . LEU A 1 152 ? -0.05309  7.75432   -9.96756  1.000 29.89884 ? 152 LEU A CB  1 
ATOM   1237 C  CG  . LEU A 1 152 ? 0.02460   9.26551   -10.20199 1.000 43.19370 ? 152 LEU A CG  1 
ATOM   1238 C  CD1 . LEU A 1 152 ? -0.90160  10.00380  -9.23768  1.000 42.79548 ? 152 LEU A CD1 1 
ATOM   1239 C  CD2 . LEU A 1 152 ? 1.47670   9.79369   -10.12088 1.000 35.38630 ? 152 LEU A CD2 1 
ATOM   1240 N  N   . LEU A 1 153 ? 0.01362   4.66559   -10.63968 1.000 25.52967 ? 153 LEU A N   1 
ATOM   1241 C  CA  . LEU A 1 153 ? -0.09552  3.27936   -10.20166 1.000 25.10211 ? 153 LEU A CA  1 
ATOM   1242 C  C   . LEU A 1 153 ? 1.08132   2.43342   -10.68809 1.000 24.81412 ? 153 LEU A C   1 
ATOM   1243 O  O   . LEU A 1 153 ? 1.57968   1.57792   -9.95033  1.000 26.42815 ? 153 LEU A O   1 
ATOM   1244 C  CB  . LEU A 1 153 ? -1.44310  2.71805   -10.67222 1.000 22.19810 ? 153 LEU A CB  1 
ATOM   1245 C  CG  . LEU A 1 153 ? -2.68873  3.43869   -10.15566 1.000 24.88320 ? 153 LEU A CG  1 
ATOM   1246 C  CD1 . LEU A 1 153 ? -3.94706  2.80733   -10.73038 1.000 28.64200 ? 153 LEU A CD1 1 
ATOM   1247 C  CD2 . LEU A 1 153 ? -2.77049  3.39886   -8.61211  1.000 25.14648 ? 153 LEU A CD2 1 
ATOM   1248 N  N   . GLU A 1 154 ? 1.54714   2.65703   -11.91970 1.000 26.81024 ? 154 GLU A N   1 
ATOM   1249 C  CA  . GLU A 1 154 ? 2.74109   1.96084   -12.40634 1.000 32.21486 ? 154 GLU A CA  1 
ATOM   1250 C  C   . GLU A 1 154 ? 3.93926   2.22461   -11.51296 1.000 30.75905 ? 154 GLU A C   1 
ATOM   1251 O  O   . GLU A 1 154 ? 4.65647   1.29881   -11.11031 1.000 33.11778 ? 154 GLU A O   1 
ATOM   1252 C  CB  . GLU A 1 154 ? 3.10690   2.43726   -13.80350 1.000 37.46399 ? 154 GLU A CB  1 
ATOM   1253 C  CG  . GLU A 1 154 ? 2.29369   1.96073   -14.92245 1.000 39.77001 ? 154 GLU A CG  1 
ATOM   1254 C  CD  . GLU A 1 154 ? 2.83733   2.52832   -16.21300 1.000 33.77391 ? 154 GLU A CD  1 
ATOM   1255 O  OE1 . GLU A 1 154 ? 3.73516   3.39611   -16.15242 1.000 43.03685 ? 154 GLU A OE1 1 
ATOM   1256 O  OE2 . GLU A 1 154 ? 2.37477   2.11332   -17.27982 1.000 41.05418 ? 154 GLU A OE2 1 
ATOM   1257 N  N   . SER A 1 155 ? 4.22720   3.50410   -11.26538 1.000 32.02472 ? 155 SER A N   1 
ATOM   1258 C  CA  . SER A 1 155 ? 5.40727   3.83368   -10.47761 1.000 29.34985 ? 155 SER A CA  1 
ATOM   1259 C  C   . SER A 1 155 ? 5.31164   3.21760   -9.08957  1.000 27.20822 ? 155 SER A C   1 
ATOM   1260 O  O   . SER A 1 155 ? 6.30106   2.69297   -8.56456  1.000 28.51484 ? 155 SER A O   1 
ATOM   1261 C  CB  . SER A 1 155 ? 5.57180   5.35165   -10.40208 1.000 37.19147 ? 155 SER A CB  1 
ATOM   1262 O  OG  . SER A 1 155 ? 4.81005   5.87713   -9.33720  1.000 45.82401 ? 155 SER A OG  1 
ATOM   1263 N  N   . ALA A 1 156 ? 4.10670   3.21579   -8.50565  1.000 28.91734 ? 156 ALA A N   1 
ATOM   1264 C  CA  . ALA A 1 156 ? 3.92187   2.61883   -7.19028  1.000 29.24496 ? 156 ALA A CA  1 
ATOM   1265 C  C   . ALA A 1 156 ? 4.21791   1.12793   -7.23466  1.000 23.35726 ? 156 ALA A C   1 
ATOM   1266 O  O   . ALA A 1 156 ? 4.95064   0.60503   -6.38152  1.000 28.09365 ? 156 ALA A O   1 
ATOM   1267 C  CB  . ALA A 1 156 ? 2.49884   2.87942   -6.68734  1.000 32.43010 ? 156 ALA A CB  1 
ATOM   1268 N  N   . LEU A 1 157 ? 3.66788   0.42717   -8.23598  1.000 26.26779 ? 157 LEU A N   1 
ATOM   1269 C  CA  . LEU A 1 157 ? 3.90963   -1.01374  -8.35649  1.000 25.71673 ? 157 LEU A CA  1 
ATOM   1270 C  C   . LEU A 1 157 ? 5.39408   -1.30748  -8.58816  1.000 25.72977 ? 157 LEU A C   1 
ATOM   1271 O  O   . LEU A 1 157 ? 5.94258   -2.26508  -8.02870  1.000 25.31460 ? 157 LEU A O   1 
ATOM   1272 C  CB  . LEU A 1 157 ? 3.05237   -1.58868  -9.49142  1.000 26.37979 ? 157 LEU A CB  1 
ATOM   1273 C  CG  . LEU A 1 157 ? 1.55687   -1.71542  -9.12658  1.000 24.77435 ? 157 LEU A CG  1 
ATOM   1274 C  CD1 . LEU A 1 157 ? 0.67991   -1.86498  -10.34933 1.000 23.63685 ? 157 LEU A CD1 1 
ATOM   1275 C  CD2 . LEU A 1 157 ? 1.34873   -2.87477  -8.15905  1.000 20.94300 ? 157 LEU A CD2 1 
ATOM   1276 N  N   . THR A 1 158 ? 6.05509   -0.48401  -9.40503  1.000 27.09388 ? 158 THR A N   1 
ATOM   1277 C  CA  . THR A 1 158 ? 7.50539   -0.58796  -9.61987  1.000 28.19878 ? 158 THR A CA  1 
ATOM   1278 C  C   . THR A 1 158 ? 8.27627   -0.46760  -8.31091  1.000 29.29576 ? 158 THR A C   1 
ATOM   1279 O  O   . THR A 1 158 ? 9.20833   -1.23679  -8.05301  1.000 27.49972 ? 158 THR A O   1 
ATOM   1280 C  CB  . THR A 1 158 ? 7.96758   0.49474   -10.60162 1.000 30.84894 ? 158 THR A CB  1 
ATOM   1281 O  OG1 . THR A 1 158 ? 7.38210   0.28001   -11.89076 1.000 31.97554 ? 158 THR A OG1 1 
ATOM   1282 C  CG2 . THR A 1 158 ? 9.49720   0.52243   -10.72814 1.000 32.52414 ? 158 THR A CG2 1 
ATOM   1283 N  N   . LYS A 1 159 ? 7.89547   0.48875   -7.46394  1.000 28.14620 ? 159 LYS A N   1 
ATOM   1284 C  CA  . LYS A 1 159 ? 8.56588   0.63487   -6.17466  1.000 28.23454 ? 159 LYS A CA  1 
ATOM   1285 C  C   . LYS A 1 159 ? 8.30802   -0.57208  -5.29142  1.000 31.82308 ? 159 LYS A C   1 
ATOM   1286 O  O   . LYS A 1 159 ? 9.23485   -1.11815  -4.68586  1.000 31.83924 ? 159 LYS A O   1 
ATOM   1287 C  CB  . LYS A 1 159 ? 8.08490   1.89874   -5.46610  1.000 32.87491 ? 159 LYS A CB  1 
ATOM   1288 C  CG  . LYS A 1 159 ? 8.87095   3.13954   -5.74364  1.000 41.61932 ? 159 LYS A CG  1 
ATOM   1289 C  CD  . LYS A 1 159 ? 8.45459   4.21438   -4.74829  1.000 36.92825 ? 159 LYS A CD  1 
ATOM   1290 C  CE  . LYS A 1 159 ? 9.01373   5.54846   -5.15648  1.000 49.54058 ? 159 LYS A CE  1 
ATOM   1291 N  NZ  . LYS A 1 159 ? 8.49060   5.90233   -6.51108  1.000 50.03127 ? 159 LYS A NZ  1 
ATOM   1292 N  N   . ILE A 1 160 ? 7.04025   -0.99678  -5.20483  1.000 23.80090 ? 160 ILE A N   1 
ATOM   1293 C  CA  . ILE A 1 160 ? 6.65578   -2.07888  -4.30234  1.000 24.92750 ? 160 ILE A CA  1 
ATOM   1294 C  C   . ILE A 1 160 ? 7.40060   -3.36418  -4.63150  1.000 27.12506 ? 160 ILE A C   1 
ATOM   1295 O  O   . ILE A 1 160 ? 7.81175   -4.11961  -3.72865  1.000 28.46385 ? 160 ILE A O   1 
ATOM   1296 C  CB  . ILE A 1 160 ? 5.12404   -2.27166  -4.34018  1.000 22.87408 ? 160 ILE A CB  1 
ATOM   1297 C  CG1 . ILE A 1 160 ? 4.44562   -1.13015  -3.56697  1.000 22.15045 ? 160 ILE A CG1 1 
ATOM   1298 C  CG2 . ILE A 1 160 ? 4.70791   -3.62017  -3.74296  1.000 30.01927 ? 160 ILE A CG2 1 
ATOM   1299 C  CD1 . ILE A 1 160 ? 2.96512   -0.94222  -3.94147  1.000 25.56378 ? 160 ILE A CD1 1 
ATOM   1300 N  N   . HIS A 1 161 ? 7.58529   -3.64120  -5.90943  1.000 27.15013 ? 161 HIS A N   1 
ATOM   1301 C  CA  . HIS A 1 161 ? 8.17828   -4.90589  -6.32727  1.000 27.96775 ? 161 HIS A CA  1 
ATOM   1302 C  C   . HIS A 1 161 ? 9.63176   -4.75081  -6.74279  1.000 32.91748 ? 161 HIS A C   1 
ATOM   1303 O  O   . HIS A 1 161 ? 10.24093  -5.72802  -7.18846  1.000 33.10884 ? 161 HIS A O   1 
ATOM   1304 C  CB  . HIS A 1 161 ? 7.36039   -5.50274  -7.47229  1.000 26.13163 ? 161 HIS A CB  1 
ATOM   1305 C  CG  . HIS A 1 161 ? 6.02622   -6.00873  -7.02597  1.000 27.24669 ? 161 HIS A CG  1 
ATOM   1306 N  ND1 . HIS A 1 161 ? 5.86006   -7.21489  -6.37955  1.000 34.23370 ? 161 HIS A ND1 1 
ATOM   1307 C  CD2 . HIS A 1 161 ? 4.80277   -5.43320  -7.07483  1.000 27.64192 ? 161 HIS A CD2 1 
ATOM   1308 C  CE1 . HIS A 1 161 ? 4.58134   -7.36898  -6.07138  1.000 25.95095 ? 161 HIS A CE1 1 
ATOM   1309 N  NE2 . HIS A 1 161 ? 3.92034   -6.30248  -6.48368  1.000 29.12974 ? 161 HIS A NE2 1 
ATOM   1310 N  N   . SER A 1 162 ? 10.18203  -3.54090  -6.62817  1.000 32.30106 ? 162 SER A N   1 
ATOM   1311 C  CA  . SER A 1 162 ? 11.55036  -3.24021  -7.05166  1.000 32.44955 ? 162 SER A CA  1 
ATOM   1312 C  C   . SER A 1 162 ? 11.84880  -3.83279  -8.42397  1.000 32.10788 ? 162 SER A C   1 
ATOM   1313 O  O   . SER A 1 162 ? 12.85840  -4.49942  -8.63287  1.000 32.48512 ? 162 SER A O   1 
ATOM   1314 C  CB  . SER A 1 162 ? 12.55855  -3.72705  -6.01404  1.000 33.98889 ? 162 SER A CB  1 
ATOM   1315 O  OG  . SER A 1 162 ? 12.29951  -3.12553  -4.75702  1.000 46.37954 ? 162 SER A OG  1 
ATOM   1316 N  N   . THR A 1 163 ? 10.93831  -3.59342  -9.36887  1.000 33.35254 ? 163 THR A N   1 
ATOM   1317 C  CA  . THR A 1 163 ? 11.10040  -4.07898  -10.73086 1.000 31.84986 ? 163 THR A CA  1 
ATOM   1318 C  C   . THR A 1 163 ? 10.14916  -3.29326  -11.61846 1.000 31.97437 ? 163 THR A C   1 
ATOM   1319 O  O   . THR A 1 163 ? 9.09332   -2.85272  -11.14641 1.000 27.35276 ? 163 THR A O   1 
ATOM   1320 C  CB  . THR A 1 163 ? 10.84354  -5.59907  -10.84201 1.000 39.18409 ? 163 THR A CB  1 
ATOM   1321 O  OG1 . THR A 1 163 ? 11.62323  -6.12612  -11.92369 1.000 46.50725 ? 163 THR A OG1 1 
ATOM   1322 C  CG2 . THR A 1 163 ? 9.38305   -5.91686  -11.13585 1.000 34.77585 ? 163 THR A CG2 1 
ATOM   1323 N  N   . PRO A 1 164 ? 10.50598  -3.05777  -12.87935 1.000 27.60814 ? 164 PRO A N   1 
ATOM   1324 C  CA  . PRO A 1 164 ? 9.68013   -2.18516  -13.72597 1.000 25.11104 ? 164 PRO A CA  1 
ATOM   1325 C  C   . PRO A 1 164 ? 8.33862   -2.81744  -14.06088 1.000 31.63455 ? 164 PRO A C   1 
ATOM   1326 O  O   . PRO A 1 164 ? 8.27300   -3.93925  -14.56714 1.000 29.43307 ? 164 PRO A O   1 
ATOM   1327 C  CB  . PRO A 1 164 ? 10.54026  -1.99507  -14.98478 1.000 33.26981 ? 164 PRO A CB  1 
ATOM   1328 C  CG  . PRO A 1 164 ? 11.91177  -2.30928  -14.54448 1.000 37.10420 ? 164 PRO A CG  1 
ATOM   1329 C  CD  . PRO A 1 164 ? 11.74764  -3.43382  -13.57154 1.000 33.67088 ? 164 PRO A CD  1 
ATOM   1330 N  N   . VAL A 1 165 ? 7.27834   -2.05833  -13.79477 1.000 31.67547 ? 165 VAL A N   1 
ATOM   1331 C  CA  . VAL A 1 165 ? 5.89493   -2.44231  -14.03562 1.000 27.08779 ? 165 VAL A CA  1 
ATOM   1332 C  C   . VAL A 1 165 ? 5.26609   -1.33993  -14.86186 1.000 26.82080 ? 165 VAL A C   1 
ATOM   1333 O  O   . VAL A 1 165 ? 5.48407   -0.15117  -14.59228 1.000 27.27919 ? 165 VAL A O   1 
ATOM   1334 C  CB  . VAL A 1 165 ? 5.12471   -2.65310  -12.71571 1.000 21.19953 ? 165 VAL A CB  1 
ATOM   1335 C  CG1 . VAL A 1 165 ? 3.67468   -3.05232  -12.97054 1.000 23.96457 ? 165 VAL A CG1 1 
ATOM   1336 C  CG2 . VAL A 1 165 ? 5.80894   -3.72565  -11.89434 1.000 23.21363 ? 165 VAL A CG2 1 
ATOM   1337 N  N   . ARG A 1 166 ? 4.51454   -1.72799  -15.87878 1.000 27.61396 ? 166 ARG A N   1 
ATOM   1338 C  CA  . ARG A 1 166 ? 3.79330   -0.79416  -16.72549 1.000 25.54554 ? 166 ARG A CA  1 
ATOM   1339 C  C   . ARG A 1 166 ? 2.32788   -1.19781  -16.78346 1.000 29.78501 ? 166 ARG A C   1 
ATOM   1340 O  O   . ARG A 1 166 ? 1.99922   -2.37801  -16.66468 1.000 30.00823 ? 166 ARG A O   1 
ATOM   1341 C  CB  . ARG A 1 166 ? 4.38274   -0.77671  -18.13646 1.000 31.30938 ? 166 ARG A CB  1 
ATOM   1342 C  CG  . ARG A 1 166 ? 5.86261   -0.46768  -18.16682 1.000 34.61170 ? 166 ARG A CG  1 
ATOM   1343 C  CD  . ARG A 1 166 ? 6.13234   1.00055   -17.82559 1.000 38.95615 ? 166 ARG A CD  1 
ATOM   1344 N  NE  . ARG A 1 166 ? 7.54944   1.31526   -17.98503 1.000 32.53929 ? 166 ARG A NE  1 
ATOM   1345 C  CZ  . ARG A 1 166 ? 8.46965   1.13084   -17.04530 1.000 38.00257 ? 166 ARG A CZ  1 
ATOM   1346 N  NH1 . ARG A 1 166 ? 8.15058   0.67505   -15.84450 1.000 34.80566 ? 166 ARG A NH1 1 
ATOM   1347 N  NH2 . ARG A 1 166 ? 9.74230   1.41365   -17.31756 1.000 33.99950 ? 166 ARG A NH2 1 
ATOM   1348 N  N   . ILE A 1 167 ? 1.44677   -0.20712  -16.96418 1.000 26.44265 ? 167 ILE A N   1 
ATOM   1349 C  CA  . ILE A 1 167 ? 0.02951   -0.43128  -17.20274 1.000 23.96055 ? 167 ILE A CA  1 
ATOM   1350 C  C   . ILE A 1 167 ? -0.26992  0.03551   -18.60776 1.000 32.62656 ? 167 ILE A C   1 
ATOM   1351 O  O   . ILE A 1 167 ? 0.07723   1.16237   -18.97488 1.000 34.65491 ? 167 ILE A O   1 
ATOM   1352 C  CB  . ILE A 1 167 ? -0.85179  0.31487   -16.18797 1.000 26.71210 ? 167 ILE A CB  1 
ATOM   1353 C  CG1 . ILE A 1 167 ? -0.59310  -0.24995  -14.79456 1.000 24.43293 ? 167 ILE A CG1 1 
ATOM   1354 C  CG2 . ILE A 1 167 ? -2.32972  0.17789   -16.56577 1.000 28.30934 ? 167 ILE A CG2 1 
ATOM   1355 C  CD1 . ILE A 1 167 ? -1.23842  0.53253   -13.67216 1.000 23.28732 ? 167 ILE A CD1 1 
ATOM   1356 N  N   . ARG A 1 168 ? -0.93354  -0.80872  -19.38303 1.000 29.91009 ? 168 ARG A N   1 
ATOM   1357 C  CA  A ARG A 1 168 ? -1.22768  -0.48938  -20.76935 0.500 35.12023 ? 168 ARG A CA  1 
ATOM   1358 C  CA  B ARG A 1 168 ? -1.22033  -0.51127  -20.78107 0.500 35.11281 ? 168 ARG A CA  1 
ATOM   1359 C  C   . ARG A 1 168 ? -2.68035  -0.81150  -21.07468 1.000 34.78514 ? 168 ARG A C   1 
ATOM   1360 O  O   . ARG A 1 168 ? -3.14508  -1.93392  -20.84620 1.000 34.12659 ? 168 ARG A O   1 
ATOM   1361 C  CB  A ARG A 1 168 ? -0.28954  -1.23294  -21.71367 0.500 35.35743 ? 168 ARG A CB  1 
ATOM   1362 C  CB  B ARG A 1 168 ? -0.31492  -1.31594  -21.71476 0.500 35.35414 ? 168 ARG A CB  1 
ATOM   1363 C  CG  A ARG A 1 168 ? 1.12840   -0.67030  -21.65421 0.500 39.12264 ? 168 ARG A CG  1 
ATOM   1364 C  CG  B ARG A 1 168 ? 1.17308   -1.09086  -21.46030 0.500 39.11754 ? 168 ARG A CG  1 
ATOM   1365 C  CD  A ARG A 1 168 ? 1.15912   0.81561   -21.99246 0.500 36.61787 ? 168 ARG A CD  1 
ATOM   1366 C  CD  B ARG A 1 168 ? 1.70154   0.21758   -22.03180 0.500 38.08795 ? 168 ARG A CD  1 
ATOM   1367 N  NE  A ARG A 1 168 ? 2.48625   1.39132   -21.79944 0.500 40.21957 ? 168 ARG A NE  1 
ATOM   1368 N  NE  B ARG A 1 168 ? 3.10024   0.42321   -21.66622 0.500 39.30367 ? 168 ARG A NE  1 
ATOM   1369 C  CZ  A ARG A 1 168 ? 2.86895   2.06282   -20.72114 0.500 36.27079 ? 168 ARG A CZ  1 
ATOM   1370 C  CZ  B ARG A 1 168 ? 4.12560   -0.25512  -22.16397 0.500 39.59259 ? 168 ARG A CZ  1 
ATOM   1371 N  NH1 A ARG A 1 168 ? 2.04497   2.27199   -19.70682 0.500 40.06339 ? 168 ARG A NH1 1 
ATOM   1372 N  NH1 B ARG A 1 168 ? 3.95824   -1.18797  -23.08792 0.500 42.06843 ? 168 ARG A NH1 1 
ATOM   1373 N  NH2 A ARG A 1 168 ? 4.10747   2.54688   -20.66324 0.500 40.83565 ? 168 ARG A NH2 1 
ATOM   1374 N  NH2 B ARG A 1 168 ? 5.35278   0.00863   -21.72150 0.500 42.88170 ? 168 ARG A NH2 1 
ATOM   1375 N  N   . VAL A 1 169 ? -3.37703  0.18294   -21.60225 1.000 38.34575 ? 169 VAL A N   1 
ATOM   1376 C  CA  . VAL A 1 169 ? -4.80054  0.15211   -21.89738 1.000 38.75310 ? 169 VAL A CA  1 
ATOM   1377 C  C   . VAL A 1 169 ? -5.03205  -0.43323  -23.28183 1.000 46.87434 ? 169 VAL A C   1 
ATOM   1378 O  O   . VAL A 1 169 ? -4.29434  -0.14030  -24.23222 1.000 45.99488 ? 169 VAL A O   1 
ATOM   1379 C  CB  . VAL A 1 169 ? -5.37279  1.57581   -21.77843 1.000 41.95280 ? 169 VAL A CB  1 
ATOM   1380 C  CG1 . VAL A 1 169 ? -6.80083  1.57601   -22.07928 1.000 40.56388 ? 169 VAL A CG1 1 
ATOM   1381 C  CG2 . VAL A 1 169 ? -5.20004  2.08906   -20.35743 1.000 42.50422 ? 169 VAL A CG2 1 
ATOM   1382 N  N   . GLU A 1 170 ? -6.05886  -1.26870  -23.39773 1.000 44.71028 ? 170 GLU A N   1 
ATOM   1383 C  CA  . GLU A 1 170 ? -6.38290  -1.91582  -24.65829 1.000 44.77624 ? 170 GLU A CA  1 
ATOM   1384 C  C   . GLU A 1 170 ? -7.89957  -1.95619  -24.86075 1.000 53.65033 ? 170 GLU A C   1 
ATOM   1385 O  O   . GLU A 1 170 ? -8.39388  -2.34446  -25.92447 1.000 54.98796 ? 170 GLU A O   1 
ATOM   1386 C  CB  . GLU A 1 170 ? -5.80264  -3.33153  -24.69586 1.000 42.64907 ? 170 GLU A CB  1 
ATOM   1387 C  CG  . GLU A 1 170 ? -6.63925  -4.37089  -23.96399 1.000 48.83212 ? 170 GLU A CG  1 
ATOM   1388 C  CD  . GLU A 1 170 ? -5.94321  -5.72088  -23.87088 1.000 47.94095 ? 170 GLU A CD  1 
ATOM   1389 O  OE1 . GLU A 1 170 ? -4.69035  -5.73846  -23.77777 1.000 46.01486 ? 170 GLU A OE1 1 
ATOM   1390 O  OE2 . GLU A 1 170 ? -6.64186  -6.76246  -23.89230 1.000 48.80799 ? 170 GLU A OE2 1 
ATOM   1391 O  OXT . GLU A 1 170 ? -8.66962  -1.60222  -23.96141 1.000 49.85176 ? 170 GLU A OXT 1 
HETATM 1392 ZN ZN  . ZN  B 2 .   ? 10.39544  5.56771   20.05389  1.000 25.59302 ? 201 ZN  A ZN  1 
HETATM 1393 O  O   . HOH C 3 .   ? -2.93294  -16.13206 -13.25870 1.000 53.44633 ? 301 HOH A O   1 
HETATM 1394 O  O   . HOH C 3 .   ? -10.70864 0.34985   18.51864  1.000 43.77915 ? 302 HOH A O   1 
HETATM 1395 O  O   . HOH C 3 .   ? -1.80354  -7.81042  -2.88343  1.000 43.21734 ? 303 HOH A O   1 
HETATM 1396 O  O   . HOH C 3 .   ? -7.21041  7.10516   -14.28527 1.000 42.48309 ? 304 HOH A O   1 
HETATM 1397 O  O   . HOH C 3 .   ? 1.74145   -6.03216  -2.91786  1.000 25.03941 ? 305 HOH A O   1 
HETATM 1398 O  O   . HOH C 3 .   ? -4.97674  -11.66142 12.82773  1.000 35.37323 ? 306 HOH A O   1 
HETATM 1399 O  O   . HOH C 3 .   ? 11.80124  -10.40025 -13.18144 1.000 34.35596 ? 307 HOH A O   1 
HETATM 1400 O  O   . HOH C 3 .   ? 2.55168   11.82737  11.29693  1.000 37.33808 ? 308 HOH A O   1 
HETATM 1401 O  O   . HOH C 3 .   ? 10.86283  0.39658   4.08303   1.000 44.08545 ? 309 HOH A O   1 
HETATM 1402 O  O   . HOH C 3 .   ? -0.40471  -5.42338  19.79713  1.000 41.19303 ? 310 HOH A O   1 
HETATM 1403 O  O   . HOH C 3 .   ? 13.35231  -3.78677  9.53254   1.000 48.99803 ? 311 HOH A O   1 
HETATM 1404 O  O   . HOH C 3 .   ? 12.12338  -6.17423  -26.09621 1.000 34.28046 ? 312 HOH A O   1 
HETATM 1405 O  O   . HOH C 3 .   ? 7.62489   8.92376   23.46134  1.000 32.07254 ? 313 HOH A O   1 
HETATM 1406 O  O   . HOH C 3 .   ? -15.89732 0.33325   0.51271   1.000 53.25041 ? 314 HOH A O   1 
HETATM 1407 O  O   . HOH C 3 .   ? 19.04664  -9.96036  -17.62340 1.000 37.97449 ? 315 HOH A O   1 
HETATM 1408 O  O   . HOH C 3 .   ? -7.88958  -9.65364  -2.02991  1.000 49.10943 ? 316 HOH A O   1 
HETATM 1409 O  O   . HOH C 3 .   ? 6.75784   -5.65457  -1.96193  1.000 35.80324 ? 317 HOH A O   1 
HETATM 1410 O  O   . HOH C 3 .   ? 1.31806   10.33076  16.45120  1.000 36.30594 ? 318 HOH A O   1 
HETATM 1411 O  O   . HOH C 3 .   ? 9.75340   2.36780   5.65741   1.000 37.43073 ? 319 HOH A O   1 
HETATM 1412 O  O   . HOH C 3 .   ? 7.34094   2.25569   7.27814   1.000 32.05014 ? 320 HOH A O   1 
HETATM 1413 O  O   . HOH C 3 .   ? -15.81047 -4.40543  -14.47008 1.000 37.33192 ? 321 HOH A O   1 
HETATM 1414 O  O   . HOH C 3 .   ? 2.16172   -10.49812 3.12130   1.000 37.88382 ? 322 HOH A O   1 
HETATM 1415 O  O   . HOH C 3 .   ? -8.60613  -5.61821  -10.10273 1.000 23.00482 ? 323 HOH A O   1 
HETATM 1416 O  O   . HOH C 3 .   ? 16.75017  14.55985  15.65614  1.000 37.40405 ? 324 HOH A O   1 
HETATM 1417 O  O   . HOH C 3 .   ? 11.63700  10.76917  6.93948   1.000 37.22154 ? 325 HOH A O   1 
HETATM 1418 O  O   . HOH C 3 .   ? -8.48949  -3.68442  -3.41144  1.000 36.55891 ? 326 HOH A O   1 
HETATM 1419 O  O   . HOH C 3 .   ? 7.80849   -11.17574 -24.25958 1.000 34.42498 ? 327 HOH A O   1 
HETATM 1420 O  O   . HOH C 3 .   ? 1.75397   -10.47545 10.03277  1.000 29.66792 ? 328 HOH A O   1 
HETATM 1421 O  O   . HOH C 3 .   ? 5.81889   -9.66255  10.29310  1.000 43.56585 ? 329 HOH A O   1 
HETATM 1422 O  O   . HOH C 3 .   ? -8.36185  1.67858   -18.34781 1.000 39.66015 ? 330 HOH A O   1 
HETATM 1423 O  O   . HOH C 3 .   ? 6.53789   -1.60820  18.09970  1.000 33.73289 ? 331 HOH A O   1 
HETATM 1424 O  O   . HOH C 3 .   ? 4.31055   -6.98446  -2.61340  1.000 26.96844 ? 332 HOH A O   1 
HETATM 1425 O  O   . HOH C 3 .   ? -9.81304  -2.60790  -16.65016 1.000 35.14546 ? 333 HOH A O   1 
HETATM 1426 O  O   . HOH C 3 .   ? -3.32136  2.72310   20.49880  1.000 36.72217 ? 334 HOH A O   1 
HETATM 1427 O  O   . HOH C 3 .   ? -0.42632  10.76817  7.31003   1.000 41.28849 ? 335 HOH A O   1 
HETATM 1428 O  O   . HOH C 3 .   ? 16.28507  -8.90785  -20.42339 1.000 35.19655 ? 336 HOH A O   1 
HETATM 1429 O  O   . HOH C 3 .   ? 0.47869   3.94886   -17.83550 1.000 50.45339 ? 337 HOH A O   1 
HETATM 1430 O  O   . HOH C 3 .   ? 7.74242   -9.15392  -6.36998  1.000 38.82385 ? 338 HOH A O   1 
HETATM 1431 O  O   . HOH C 3 .   ? -5.72810  -18.09028 9.22825   1.000 41.21542 ? 339 HOH A O   1 
HETATM 1432 O  O   . HOH C 3 .   ? 9.37096   12.46933  7.04217   1.000 39.99844 ? 340 HOH A O   1 
HETATM 1433 O  O   . HOH C 3 .   ? -9.05208  0.30628   -15.98238 1.000 39.12064 ? 341 HOH A O   1 
HETATM 1434 O  O   . HOH C 3 .   ? 5.69003   6.02033   -6.76943  1.000 40.86252 ? 342 HOH A O   1 
HETATM 1435 O  O   . HOH C 3 .   ? 12.14779  -0.00236  22.10595  1.000 25.63164 ? 343 HOH A O   1 
HETATM 1436 O  O   . HOH C 3 .   ? 12.48494  12.33611  22.35614  1.000 35.54268 ? 344 HOH A O   1 
HETATM 1437 O  O   . HOH C 3 .   ? -4.66338  -7.62277  1.95835   1.000 42.61280 ? 345 HOH A O   1 
HETATM 1438 O  O   . HOH C 3 .   ? 10.37171  -5.09427  -3.60813  1.000 42.66551 ? 346 HOH A O   1 
HETATM 1439 O  O   . HOH C 3 .   ? -8.08665  4.69097   14.94107  1.000 34.83519 ? 347 HOH A O   1 
HETATM 1440 O  O   . HOH C 3 .   ? 8.18464   -0.40169  22.70939  1.000 31.65030 ? 348 HOH A O   1 
HETATM 1441 O  O   . HOH C 3 .   ? -4.61348  -15.09734 16.29519  1.000 45.89706 ? 349 HOH A O   1 
HETATM 1442 O  O   . HOH C 3 .   ? -6.69043  -10.64947 4.58250   1.000 36.15596 ? 350 HOH A O   1 
HETATM 1443 O  O   . HOH C 3 .   ? -0.37908  -14.70180 -9.06783  1.000 55.59701 ? 351 HOH A O   1 
HETATM 1444 O  O   . HOH C 3 .   ? 8.78669   3.81028   -8.94463  1.000 36.19520 ? 352 HOH A O   1 
HETATM 1445 O  O   . HOH C 3 .   ? -15.15949 -4.65059  -11.68854 1.000 27.06967 ? 353 HOH A O   1 
HETATM 1446 O  O   . HOH C 3 .   ? 12.22798  13.95740  18.74540  1.000 40.64133 ? 354 HOH A O   1 
HETATM 1447 O  O   . HOH C 3 .   ? 7.23902   1.57517   10.12058  1.000 31.58170 ? 355 HOH A O   1 
HETATM 1448 O  O   . HOH C 3 .   ? 5.12193   -3.81268  16.86079  1.000 31.29618 ? 356 HOH A O   1 
HETATM 1449 O  O   . HOH C 3 .   ? -11.46975 -13.57646 11.22191  1.000 44.26934 ? 357 HOH A O   1 
HETATM 1450 O  O   . HOH C 3 .   ? 12.11762  2.66209   16.61647  1.000 30.95220 ? 358 HOH A O   1 
HETATM 1451 O  O   . HOH C 3 .   ? 18.59262  11.19151  14.58650  1.000 33.09554 ? 359 HOH A O   1 
HETATM 1452 O  O   . HOH C 3 .   ? 7.01351   -10.22154 -0.92578  1.000 43.47193 ? 360 HOH A O   1 
HETATM 1453 O  O   . HOH C 3 .   ? -15.17791 1.03646   8.21577   1.000 41.27701 ? 361 HOH A O   1 
HETATM 1454 O  O   . HOH C 3 .   ? 19.16395  6.05512   17.74579  1.000 22.01602 ? 362 HOH A O   1 
HETATM 1455 O  O   . HOH C 3 .   ? 6.01300   -0.81405  21.07787  1.000 25.69252 ? 363 HOH A O   1 
HETATM 1456 O  O   . HOH C 3 .   ? -1.40876  8.00374   -16.47150 1.000 45.53572 ? 364 HOH A O   1 
HETATM 1457 O  O   . HOH C 3 .   ? -9.79382  0.53009   -0.23458  1.000 41.10186 ? 365 HOH A O   1 
HETATM 1458 O  O   . HOH C 3 .   ? -8.02860  -1.41733  -0.14900  1.000 40.06940 ? 366 HOH A O   1 
HETATM 1459 O  O   . HOH C 3 .   ? 13.13751  -0.06975  14.16617  1.000 32.90349 ? 367 HOH A O   1 
HETATM 1460 O  O   . HOH C 3 .   ? 7.14172   -0.59420  9.28705   1.000 29.60268 ? 368 HOH A O   1 
HETATM 1461 O  O   . HOH C 3 .   ? -5.93584  -14.40684 6.92226   1.000 50.57822 ? 369 HOH A O   1 
HETATM 1462 O  O   . HOH C 3 .   ? -20.86565 0.85672   -14.30654 1.000 32.51231 ? 370 HOH A O   1 
HETATM 1463 O  O   . HOH C 3 .   ? -5.26285  6.84653   -16.01752 1.000 38.83505 ? 371 HOH A O   1 
HETATM 1464 O  O   . HOH C 3 .   ? -5.12012  -10.11350 -5.53404  1.000 32.13652 ? 372 HOH A O   1 
HETATM 1465 O  O   . HOH C 3 .   ? -3.52387  12.70491  4.46785   1.000 47.79937 ? 373 HOH A O   1 
HETATM 1466 O  O   . HOH C 3 .   ? -2.89964  -0.81169  20.34994  1.000 37.40370 ? 374 HOH A O   1 
HETATM 1467 O  O   . HOH C 3 .   ? -1.75319  2.50568   -22.28958 1.000 41.91993 ? 375 HOH A O   1 
HETATM 1468 O  O   . HOH C 3 .   ? -1.07639  -8.89496  -25.07079 1.000 46.83510 ? 376 HOH A O   1 
HETATM 1469 O  O   . HOH C 3 .   ? 1.82737   -6.74207  18.03207  1.000 47.20572 ? 377 HOH A O   1 
HETATM 1470 O  O   . HOH C 3 .   ? 0.54708   13.73150  22.93428  1.000 47.57414 ? 378 HOH A O   1 
HETATM 1471 O  O   . HOH C 3 .   ? -4.93817  11.48774  12.01668  1.000 43.69082 ? 379 HOH A O   1 
HETATM 1472 O  O   . HOH C 3 .   ? 13.84358  -6.30821  -14.26904 1.000 48.52488 ? 380 HOH A O   1 
HETATM 1473 O  O   . HOH C 3 .   ? -4.21759  10.29392  -9.74705  1.000 37.86729 ? 381 HOH A O   1 
HETATM 1474 O  O   . HOH C 3 .   ? 10.35817  -9.83440  -24.88238 1.000 29.67008 ? 382 HOH A O   1 
HETATM 1475 O  O   . HOH C 3 .   ? 5.84278   13.12596  5.92879   1.000 39.42369 ? 383 HOH A O   1 
HETATM 1476 O  O   . HOH C 3 .   ? 10.77344  15.17140  12.82646  1.000 47.15138 ? 384 HOH A O   1 
HETATM 1477 O  O   . HOH C 3 .   ? -10.10350 -10.17086 -15.46240 1.000 45.75358 ? 385 HOH A O   1 
HETATM 1478 O  O   . HOH C 3 .   ? 17.36514  14.80371  8.51439   1.000 49.69883 ? 386 HOH A O   1 
HETATM 1479 O  O   . HOH C 3 .   ? -12.94359 3.67770   -8.55616  1.000 35.43505 ? 387 HOH A O   1 
HETATM 1480 O  O   . HOH C 3 .   ? -8.88370  -7.93207  -11.77689 1.000 26.20584 ? 388 HOH A O   1 
HETATM 1481 O  O   . HOH C 3 .   ? 8.79289   14.28370  18.73190  1.000 39.10129 ? 389 HOH A O   1 
HETATM 1482 O  O   . HOH C 3 .   ? 10.97993  -9.11939  1.84071   1.000 50.59051 ? 390 HOH A O   1 
HETATM 1483 O  O   . HOH C 3 .   ? 6.04537   1.54021   23.58021  1.000 25.14112 ? 391 HOH A O   1 
HETATM 1484 O  O   . HOH C 3 .   ? 17.86873  10.73376  16.81814  1.000 34.69559 ? 392 HOH A O   1 
HETATM 1485 O  O   . HOH C 3 .   ? 12.89639  -0.99305  16.43963  1.000 39.05251 ? 393 HOH A O   1 
HETATM 1486 O  O   . HOH C 3 .   ? -17.06063 -0.60534  -17.75992 1.000 51.22535 ? 394 HOH A O   1 
HETATM 1487 O  O   . HOH C 3 .   ? -13.09954 -7.30551  15.11252  1.000 48.76907 ? 395 HOH A O   1 
HETATM 1488 O  O   . HOH C 3 .   ? -8.59998  8.25649   -10.63195 1.000 50.39075 ? 396 HOH A O   1 
HETATM 1489 O  O   . HOH C 3 .   ? 14.20554  -13.53053 -16.91202 1.000 32.00483 ? 397 HOH A O   1 
HETATM 1490 O  O   . HOH C 3 .   ? 0.52299   -13.00097 3.06068   1.000 49.55845 ? 398 HOH A O   1 
HETATM 1491 O  O   . HOH C 3 .   ? -2.14238  -13.07071 -16.54788 1.000 36.82718 ? 399 HOH A O   1 
HETATM 1492 O  O   . HOH C 3 .   ? 0.40911   -16.83674 11.52698  1.000 43.83133 ? 400 HOH A O   1 
HETATM 1493 O  O   . HOH C 3 .   ? -1.05647  11.06753  4.90641   1.000 46.36338 ? 401 HOH A O   1 
HETATM 1494 O  O   . HOH C 3 .   ? 7.13905   -5.34234  15.38347  1.000 28.88195 ? 402 HOH A O   1 
HETATM 1495 O  O   . HOH C 3 .   ? 10.65649  1.77745   -14.19097 1.000 39.89720 ? 403 HOH A O   1 
HETATM 1496 O  O   . HOH C 3 .   ? 19.44627  8.93866   11.63824  1.000 47.93007 ? 404 HOH A O   1 
HETATM 1497 O  O   . HOH C 3 .   ? -11.19317 -5.90372  -9.11382  1.000 33.01639 ? 405 HOH A O   1 
HETATM 1498 O  O   . HOH C 3 .   ? 9.74709   14.90629  8.17362   1.000 45.16699 ? 406 HOH A O   1 
HETATM 1499 O  O   . HOH C 3 .   ? -3.45246  9.85606   13.75936  1.000 40.87544 ? 407 HOH A O   1 
HETATM 1500 O  O   . HOH C 3 .   ? 16.89990  1.31918   16.62944  1.000 28.93787 ? 408 HOH A O   1 
HETATM 1501 O  O   . HOH C 3 .   ? 17.92451  3.95062   16.60903  1.000 37.12765 ? 409 HOH A O   1 
HETATM 1502 O  O   . HOH C 3 .   ? 4.40349   -11.59992 -23.61655 1.000 42.80904 ? 410 HOH A O   1 
HETATM 1503 O  O   . HOH C 3 .   ? -0.12337  9.22027   23.92958  1.000 28.04569 ? 411 HOH A O   1 
HETATM 1504 O  O   . HOH C 3 .   ? 14.78261  2.02085   15.39751  1.000 36.48252 ? 412 HOH A O   1 
HETATM 1505 O  O   . HOH C 3 .   ? -6.69911  -9.16077  1.81843   1.000 49.70248 ? 413 HOH A O   1 
HETATM 1506 O  O   . HOH C 3 .   ? 12.78695  -1.11674  -10.79244 1.000 49.27808 ? 414 HOH A O   1 
HETATM 1507 O  O   . HOH C 3 .   ? 15.19666  -3.48270  -11.01428 1.000 42.87643 ? 415 HOH A O   1 
HETATM 1508 O  O   . HOH C 3 .   ? 18.81568  13.99035  20.04423  1.000 46.04536 ? 416 HOH A O   1 
HETATM 1509 O  O   . HOH C 3 .   ? -2.74885  9.78604   23.08476  1.000 46.42170 ? 417 HOH A O   1 
HETATM 1510 O  O   . HOH C 3 .   ? -16.24484 -3.05749  17.63018  1.000 45.60678 ? 418 HOH A O   1 
HETATM 1511 O  O   . HOH C 3 .   ? 17.20311  12.96732  18.03792  1.000 40.92105 ? 419 HOH A O   1 
HETATM 1512 O  O   . HOH C 3 .   ? 13.25110  0.32517   -16.87535 1.000 50.48040 ? 420 HOH A O   1 
HETATM 1513 O  O   . HOH C 3 .   ? 20.17837  10.68408  9.88854   1.000 49.84926 ? 421 HOH A O   1 
HETATM 1514 O  O   . HOH C 3 .   ? -13.92221 2.20371   -6.00527  1.000 34.09490 ? 422 HOH A O   1 
HETATM 1515 O  O   . HOH C 3 .   ? 7.90670   -8.34377  -2.12206  1.000 41.96494 ? 423 HOH A O   1 
HETATM 1516 O  O   . HOH C 3 .   ? -2.47219  -10.63222 -2.79400  1.000 44.86861 ? 424 HOH A O   1 
HETATM 1517 O  O   . HOH C 3 .   ? 9.99798   -8.01896  -26.74336 1.000 38.27600 ? 425 HOH A O   1 
HETATM 1518 O  O   . HOH C 3 .   ? -9.12424  -7.07226  -4.82787  1.000 37.80690 ? 426 HOH A O   1 
HETATM 1519 O  O   . HOH C 3 .   ? 13.25994  -12.79838 -14.13014 1.000 37.08407 ? 427 HOH A O   1 
HETATM 1520 O  O   . HOH C 3 .   ? -8.15467  -10.73762 -11.98670 1.000 45.53506 ? 428 HOH A O   1 
HETATM 1521 O  O   . HOH C 3 .   ? 2.00777   -13.14664 9.22278   1.000 55.73799 ? 429 HOH A O   1 
HETATM 1522 O  O   . HOH C 3 .   ? 9.03965   -2.26773  18.91590  1.000 44.31480 ? 430 HOH A O   1 
HETATM 1523 O  O   . HOH C 3 .   ? 11.17271  2.80929   -8.64299  1.000 43.46098 ? 431 HOH A O   1 
HETATM 1524 O  O   . HOH C 3 .   ? -5.69069  -11.15480 -0.08457  1.000 47.46703 ? 432 HOH A O   1 
HETATM 1525 O  O   . HOH C 3 .   ? 0.26208   -14.15906 1.00323   1.000 55.06583 ? 433 HOH A O   1 
HETATM 1526 O  O   . HOH C 3 .   ? -7.71227  -9.48083  -4.83285  1.000 34.63509 ? 434 HOH A O   1 
HETATM 1527 O  O   . HOH C 3 .   ? 9.00144   -2.16762  24.03392  1.000 41.54345 ? 435 HOH A O   1 
HETATM 1528 O  O   . HOH C 3 .   ? 2.69865   12.03954  14.70225  1.000 45.77012 ? 436 HOH A O   1 
HETATM 1529 O  O   . HOH C 3 .   ? 15.54612  -3.91229  -13.94082 1.000 44.92835 ? 437 HOH A O   1 
HETATM 1530 O  O   . HOH C 3 .   ? 6.06374   -9.57536  -26.20720 1.000 49.57082 ? 438 HOH A O   1 
HETATM 1531 O  O   . HOH C 3 .   ? -9.78575  -15.21572 4.59655   1.000 50.32524 ? 439 HOH A O   1 
HETATM 1532 O  O   . HOH C 3 .   ? 4.28713   -2.74147  22.47648  1.000 45.92932 ? 440 HOH A O   1 
HETATM 1533 O  O   . HOH C 3 .   ? -18.82750 -5.10672  13.80750  1.000 51.47876 ? 441 HOH A O   1 
# 
